data_6H7F
#
_entry.id   6H7F
#
_cell.length_a   179.640
_cell.length_b   220.650
_cell.length_c   101.140
_cell.angle_alpha   90.00
_cell.angle_beta   99.09
_cell.angle_gamma   90.00
#
_symmetry.space_group_name_H-M   'C 1 2 1'
#
loop_
_entity.id
_entity.type
_entity.pdbx_description
1 polymer BauA
2 non-polymer 'FE (III) ION'
3 non-polymer (4~{S},5~{R})-2-[2,3-bis(oxidanyl)phenyl]-~{N}-[2-(1~{H}-imidazol-4-yl)ethyl]-5-methyl-~{N}-oxidanyl-4,5-dihydro-1,3-oxazole-4-carboxamide
4 non-polymer ~{N}-[(4~{S},5~{S})-2-[2-(1~{H}-imidazol-4-yl)ethyl]-5-methyl-3-oxidanylidene-1,2-oxazolidin-4-yl]-2,3-bis(oxidanyl)benzamide
5 non-polymer ~{N}-[(4~{S},5~{R})-2-[2-(1~{H}-imidazol-4-yl)ethyl]-5-methyl-3-oxidanylidene-1,2-oxazolidin-4-yl]-2,3-bis(oxidanyl)benzamide
6 non-polymer (HYDROXYETHYLOXY)TRI(ETHYLOXY)OCTANE
7 non-polymer 1,2-ETHANEDIOL
8 water water
#
_entity_poly.entity_id   1
_entity_poly.type   'polypeptide(L)'
_entity_poly.pdbx_seq_one_letter_code
;GAMAVIDNSTKTLEQQTAQTNVAALPAITVKAEQDDTYAGGQVATSSNVGFLGSKKFLDTPFNTISYTDKYIEDKQAKDI
TEVIAATDPSIYTNGASGGWSENYYIRGYASSTNDMSMNGLFGITPFYRTSPEMFGRVEVLKGPSALLNGMPPAGSVGGT
VNLVTKYAADEPFARLTTTYMSDAQFGGHVDVGRRFGENKEFGVRINGMYRDGDAAVNDQSKESRLFSLGLDWQGENARV
FVDAYDALDHVDGVTRGVNVSTAVGIPKPPKADTLLSPDWGSVETKDKGAMIRGEYDFSDQLMAYAAYGQSTTEYKYNGA
SAGTITSSTGTLSSTLGQLAFDVDKKSADAGFKGKFETGSVKHQWVANATYYNHTQDDYGYRIIPGFSDPVITNIYDPNP
NWGPKPEFTPPFLFHSTLSTSSFGLADTLSFAQDKVQLTLGLRHQTVKATSSVNTLPENAKSATTPGVALLIKATDKISV
YANYIEGLTKGDQAPATASNPGEIFPPQKTKQQELGLKVDLGTFAHTLSAFEITKPSSYLDPSKLVNNLPTFVSDGEQRN
RGIEWSFFGSPIEHVRLMGGFTYLDPELTKTKSGGNDGHTAVAVPKNQAKLGAEWDTQVAQGTLTLSGNINAVSKQYINA
ENTLSVPGRTLLDVGARYSTKVEDHPVTFRANIYNLTNKAYWAQPQLTNLALGAPRTYMLSVSYDF
;
_entity_poly.pdbx_strand_id   A,B,C
#
loop_
_chem_comp.id
_chem_comp.type
_chem_comp.name
_chem_comp.formula
C8E non-polymer (HYDROXYETHYLOXY)TRI(ETHYLOXY)OCTANE 'C16 H34 O5'
EDO non-polymer 1,2-ETHANEDIOL 'C2 H6 O2'
FE non-polymer 'FE (III) ION' 'Fe 3'
FV8 non-polymer (4~{S},5~{R})-2-[2,3-bis(oxidanyl)phenyl]-~{N}-[2-(1~{H}-imidazol-4-yl)ethyl]-5-methyl-~{N}-oxidanyl-4,5-dihydro-1,3-oxazole-4-carboxamide 'C16 H18 N4 O5'
OPV non-polymer ~{N}-[(4~{S},5~{S})-2-[2-(1~{H}-imidazol-4-yl)ethyl]-5-methyl-3-oxidanylidene-1,2-oxazolidin-4-yl]-2,3-bis(oxidanyl)benzamide 'C16 H18 N4 O5'
OPZ non-polymer ~{N}-[(4~{S},5~{R})-2-[2-(1~{H}-imidazol-4-yl)ethyl]-5-methyl-3-oxidanylidene-1,2-oxazolidin-4-yl]-2,3-bis(oxidanyl)benzamide 'C16 H18 N4 O5'
#
# COMPACT_ATOMS: atom_id res chain seq x y z
N ASP A 36 -9.52 6.16 -38.94
CA ASP A 36 -9.00 7.45 -38.39
C ASP A 36 -8.02 7.17 -37.25
N THR A 37 -8.25 6.11 -36.47
CA THR A 37 -7.44 5.86 -35.27
C THR A 37 -6.14 5.18 -35.68
N TYR A 38 -5.08 5.48 -34.94
CA TYR A 38 -3.75 4.94 -35.20
C TYR A 38 -3.65 3.57 -34.51
N ALA A 39 -2.61 2.81 -34.89
CA ALA A 39 -2.31 1.55 -34.23
C ALA A 39 -2.31 1.77 -32.71
N GLY A 40 -3.07 0.91 -32.00
CA GLY A 40 -3.18 0.98 -30.56
C GLY A 40 -4.55 1.47 -30.11
N GLY A 41 -5.24 2.20 -30.99
CA GLY A 41 -6.64 2.61 -30.76
C GLY A 41 -6.77 3.85 -29.89
N GLN A 42 -5.65 4.44 -29.47
CA GLN A 42 -5.65 5.40 -28.34
C GLN A 42 -5.43 6.83 -28.85
N VAL A 43 -4.83 6.93 -30.04
CA VAL A 43 -4.52 8.21 -30.69
C VAL A 43 -5.09 8.20 -32.12
N ALA A 44 -5.53 9.37 -32.59
CA ALA A 44 -6.10 9.55 -33.95
C ALA A 44 -5.05 10.16 -34.87
N THR A 45 -5.27 10.03 -36.19
CA THR A 45 -4.25 10.38 -37.21
C THR A 45 -4.49 11.79 -37.78
N SER A 46 -5.59 12.42 -37.35
N SER A 46 -5.60 12.42 -37.36
CA SER A 46 -5.92 13.79 -37.81
CA SER A 46 -5.93 13.77 -37.81
C SER A 46 -6.49 14.61 -36.64
C SER A 46 -6.49 14.60 -36.64
N SER A 47 -6.41 15.94 -36.78
CA SER A 47 -6.99 16.86 -35.82
C SER A 47 -7.41 18.15 -36.53
N ASN A 48 -8.21 18.97 -35.83
CA ASN A 48 -8.70 20.23 -36.31
C ASN A 48 -7.65 21.30 -36.04
N VAL A 49 -7.16 21.94 -37.10
CA VAL A 49 -6.14 22.95 -37.01
C VAL A 49 -6.80 24.32 -37.17
N GLY A 50 -7.58 24.71 -36.16
CA GLY A 50 -8.40 25.92 -36.21
C GLY A 50 -9.21 25.97 -37.50
N PHE A 51 -9.32 27.15 -38.11
CA PHE A 51 -10.21 27.35 -39.25
C PHE A 51 -9.61 26.75 -40.54
N LEU A 52 -8.37 26.20 -40.46
CA LEU A 52 -7.79 25.41 -41.55
C LEU A 52 -8.49 24.05 -41.67
N GLY A 53 -9.22 23.65 -40.62
CA GLY A 53 -10.00 22.39 -40.59
C GLY A 53 -9.13 21.15 -40.33
N SER A 54 -9.68 19.99 -40.69
CA SER A 54 -9.07 18.69 -40.43
C SER A 54 -7.82 18.50 -41.29
N LYS A 55 -6.70 18.18 -40.64
CA LYS A 55 -5.43 17.88 -41.30
C LYS A 55 -4.79 16.67 -40.64
N LYS A 56 -4.08 15.88 -41.46
CA LYS A 56 -3.43 14.68 -41.02
C LYS A 56 -2.14 15.04 -40.30
N PHE A 57 -1.65 14.08 -39.52
CA PHE A 57 -0.45 14.19 -38.70
C PHE A 57 0.72 14.73 -39.56
N LEU A 58 0.97 14.09 -40.70
CA LEU A 58 2.17 14.35 -41.49
C LEU A 58 1.98 15.62 -42.32
N ASP A 59 0.76 16.16 -42.32
CA ASP A 59 0.38 17.32 -43.14
C ASP A 59 0.23 18.58 -42.26
N THR A 60 0.46 18.44 -40.96
CA THR A 60 0.22 19.52 -40.00
C THR A 60 1.53 20.13 -39.56
N PRO A 61 1.80 21.41 -39.91
CA PRO A 61 3.04 22.06 -39.52
C PRO A 61 2.94 22.65 -38.10
N PHE A 62 2.31 21.89 -37.21
CA PHE A 62 2.23 22.18 -35.78
C PHE A 62 2.35 20.86 -35.02
N ASN A 63 2.76 20.94 -33.75
CA ASN A 63 2.80 19.80 -32.87
C ASN A 63 1.39 19.57 -32.31
N THR A 64 0.77 18.47 -32.73
CA THR A 64 -0.63 18.16 -32.43
C THR A 64 -0.71 16.72 -31.93
N ILE A 65 -1.67 16.46 -31.05
CA ILE A 65 -2.01 15.11 -30.72
C ILE A 65 -3.52 15.04 -30.47
N SER A 66 -4.12 13.91 -30.87
CA SER A 66 -5.53 13.67 -30.64
C SER A 66 -5.71 12.32 -29.93
N TYR A 67 -6.37 12.35 -28.78
CA TYR A 67 -6.67 11.17 -27.98
C TYR A 67 -8.10 10.72 -28.25
N THR A 68 -8.31 9.40 -28.32
CA THR A 68 -9.61 8.80 -28.58
C THR A 68 -10.37 8.58 -27.26
N ASP A 69 -11.68 8.37 -27.38
CA ASP A 69 -12.55 8.02 -26.26
C ASP A 69 -12.08 6.68 -25.64
N LYS A 70 -11.44 5.82 -26.43
CA LYS A 70 -10.89 4.55 -25.93
C LYS A 70 -9.81 4.85 -24.88
N TYR A 71 -8.89 5.76 -25.21
CA TYR A 71 -7.85 6.18 -24.28
C TYR A 71 -8.49 6.77 -23.02
N ILE A 72 -9.50 7.62 -23.20
CA ILE A 72 -10.14 8.30 -22.09
C ILE A 72 -10.69 7.24 -21.12
N GLU A 73 -11.37 6.22 -21.66
CA GLU A 73 -12.00 5.18 -20.87
C GLU A 73 -10.91 4.35 -20.18
N ASP A 74 -9.82 4.08 -20.90
CA ASP A 74 -8.71 3.26 -20.42
C ASP A 74 -7.99 3.92 -19.23
N LYS A 75 -7.92 5.26 -19.21
CA LYS A 75 -7.30 6.02 -18.10
C LYS A 75 -8.31 6.18 -16.94
N GLN A 76 -9.58 5.91 -17.21
CA GLN A 76 -10.69 6.26 -16.31
C GLN A 76 -10.61 7.76 -15.97
N ALA A 77 -10.29 8.58 -16.97
CA ALA A 77 -10.11 10.02 -16.82
C ALA A 77 -11.40 10.69 -16.34
N LYS A 78 -11.27 11.51 -15.29
CA LYS A 78 -12.38 12.22 -14.66
C LYS A 78 -12.39 13.70 -15.07
N ASP A 79 -11.29 14.17 -15.67
CA ASP A 79 -11.25 15.51 -16.19
C ASP A 79 -10.28 15.54 -17.37
N ILE A 80 -10.14 16.71 -18.01
CA ILE A 80 -9.37 16.81 -19.27
C ILE A 80 -7.88 16.64 -18.96
N THR A 81 -7.46 17.12 -17.79
CA THR A 81 -6.08 17.07 -17.36
C THR A 81 -5.60 15.62 -17.39
N GLU A 82 -6.43 14.72 -16.86
CA GLU A 82 -6.08 13.29 -16.76
C GLU A 82 -5.90 12.69 -18.15
N VAL A 83 -6.46 13.35 -19.19
CA VAL A 83 -6.33 12.87 -20.58
C VAL A 83 -5.04 13.41 -21.20
N ILE A 84 -4.83 14.73 -21.11
CA ILE A 84 -3.84 15.41 -21.96
C ILE A 84 -2.48 15.48 -21.25
N ALA A 85 -2.45 15.31 -19.91
CA ALA A 85 -1.21 15.56 -19.15
C ALA A 85 -0.46 14.24 -18.89
N ALA A 86 -1.14 13.11 -19.01
CA ALA A 86 -0.61 11.85 -18.49
C ALA A 86 0.74 11.50 -19.16
N THR A 87 0.82 11.63 -20.50
CA THR A 87 1.97 11.15 -21.25
C THR A 87 2.62 12.27 -22.08
N ASP A 88 2.11 13.50 -21.99
CA ASP A 88 2.60 14.60 -22.83
C ASP A 88 3.58 15.45 -22.04
N PRO A 89 4.88 15.42 -22.40
CA PRO A 89 5.90 16.09 -21.62
C PRO A 89 5.96 17.61 -21.84
N SER A 90 5.14 18.11 -22.77
CA SER A 90 5.03 19.55 -23.00
C SER A 90 3.85 20.12 -22.20
N ILE A 91 3.16 19.25 -21.45
CA ILE A 91 2.07 19.68 -20.60
C ILE A 91 2.43 19.39 -19.14
N TYR A 92 2.14 20.35 -18.26
CA TYR A 92 2.44 20.25 -16.87
C TYR A 92 1.20 20.65 -16.07
N THR A 93 0.87 19.82 -15.07
CA THR A 93 -0.11 20.20 -14.04
C THR A 93 0.53 20.06 -12.66
N ASN A 94 0.03 20.86 -11.72
CA ASN A 94 0.45 20.77 -10.33
C ASN A 94 -0.14 19.53 -9.66
N GLY A 95 -1.20 18.98 -10.27
CA GLY A 95 -1.65 17.60 -10.00
C GLY A 95 -2.45 17.49 -8.70
N ALA A 96 -2.99 18.60 -8.21
CA ALA A 96 -3.79 18.58 -6.98
C ALA A 96 -5.15 17.92 -7.27
N SER A 97 -5.72 17.29 -6.23
CA SER A 97 -7.05 16.72 -6.28
C SER A 97 -8.08 17.70 -5.71
N GLY A 98 -9.16 17.91 -6.48
CA GLY A 98 -10.34 18.63 -5.98
C GLY A 98 -10.07 20.13 -5.83
N GLY A 99 -9.30 20.69 -6.75
CA GLY A 99 -9.16 22.14 -6.90
C GLY A 99 -10.45 22.78 -7.38
N TRP A 100 -10.51 24.12 -7.36
CA TRP A 100 -11.69 24.84 -7.82
C TRP A 100 -11.68 24.93 -9.36
N SER A 101 -10.56 24.53 -9.99
CA SER A 101 -10.50 24.34 -11.46
C SER A 101 -9.35 23.40 -11.81
N GLU A 102 -9.37 22.91 -13.04
CA GLU A 102 -8.21 22.28 -13.66
C GLU A 102 -7.10 23.34 -13.77
N ASN A 103 -5.86 22.86 -13.86
CA ASN A 103 -4.73 23.71 -14.03
C ASN A 103 -3.65 22.95 -14.81
N TYR A 104 -3.34 23.45 -16.01
CA TYR A 104 -2.27 22.90 -16.80
C TYR A 104 -1.58 23.99 -17.63
N TYR A 105 -0.30 23.76 -17.90
CA TYR A 105 0.52 24.58 -18.75
C TYR A 105 0.84 23.79 -20.02
N ILE A 106 0.96 24.52 -21.15
CA ILE A 106 1.39 23.93 -22.40
C ILE A 106 2.57 24.75 -22.92
N ARG A 107 3.67 24.05 -23.20
CA ARG A 107 4.95 24.69 -23.57
C ARG A 107 5.32 25.75 -22.54
N GLY A 108 5.00 25.47 -21.28
CA GLY A 108 5.45 26.29 -20.15
C GLY A 108 4.64 27.57 -19.95
N TYR A 109 3.51 27.68 -20.66
CA TYR A 109 2.57 28.81 -20.46
C TYR A 109 1.20 28.28 -20.03
N ALA A 110 0.52 29.04 -19.17
CA ALA A 110 -0.86 28.75 -18.76
C ALA A 110 -1.74 28.53 -20.00
N SER A 111 -2.58 27.49 -19.93
CA SER A 111 -3.65 27.27 -20.86
C SER A 111 -4.97 27.16 -20.10
N SER A 112 -5.75 28.25 -20.13
CA SER A 112 -6.92 28.40 -19.30
C SER A 112 -8.01 27.43 -19.75
N THR A 113 -8.74 26.90 -18.77
CA THR A 113 -9.87 26.01 -19.02
C THR A 113 -10.96 26.78 -19.77
N ASN A 114 -11.01 28.10 -19.56
CA ASN A 114 -11.98 29.00 -20.23
C ASN A 114 -11.80 28.97 -21.75
N ASP A 115 -10.63 28.49 -22.21
CA ASP A 115 -10.18 28.73 -23.57
C ASP A 115 -10.20 27.44 -24.40
N MET A 116 -10.88 26.40 -23.90
CA MET A 116 -11.12 25.18 -24.70
C MET A 116 -12.18 25.47 -25.77
N SER A 117 -12.07 24.78 -26.89
CA SER A 117 -13.08 24.82 -27.91
C SER A 117 -13.84 23.49 -27.93
N MET A 118 -15.10 23.56 -28.38
CA MET A 118 -15.92 22.40 -28.68
C MET A 118 -16.24 22.40 -30.18
N ASN A 119 -15.78 21.36 -30.88
CA ASN A 119 -15.93 21.25 -32.31
C ASN A 119 -15.54 22.60 -32.94
N GLY A 120 -14.41 23.15 -32.51
CA GLY A 120 -13.81 24.31 -33.12
C GLY A 120 -14.30 25.64 -32.56
N LEU A 121 -15.37 25.61 -31.74
CA LEU A 121 -16.03 26.84 -31.25
C LEU A 121 -15.71 27.12 -29.77
N PHE A 122 -15.36 28.37 -29.48
CA PHE A 122 -14.98 28.78 -28.12
C PHE A 122 -16.22 29.25 -27.37
N GLY A 123 -16.16 29.25 -26.03
CA GLY A 123 -17.22 29.84 -25.22
C GLY A 123 -18.36 28.88 -24.91
N ILE A 124 -18.15 27.58 -25.19
CA ILE A 124 -19.24 26.59 -25.05
C ILE A 124 -18.96 25.63 -23.87
N THR A 125 -17.69 25.26 -23.68
CA THR A 125 -17.27 24.20 -22.75
C THR A 125 -17.47 24.66 -21.31
N PRO A 126 -17.53 23.73 -20.33
CA PRO A 126 -17.55 24.11 -18.92
C PRO A 126 -16.41 25.07 -18.54
N PHE A 127 -16.69 25.96 -17.58
CA PHE A 127 -15.83 27.11 -17.30
C PHE A 127 -14.47 26.63 -16.73
N TYR A 128 -14.50 25.71 -15.76
CA TYR A 128 -13.35 25.44 -14.87
C TYR A 128 -12.94 23.94 -14.88
N ARG A 129 -13.89 23.02 -15.05
CA ARG A 129 -13.56 21.59 -15.10
C ARG A 129 -14.58 20.85 -15.98
N THR A 130 -14.07 19.93 -16.79
CA THR A 130 -14.86 19.21 -17.77
C THR A 130 -14.60 17.71 -17.64
N SER A 131 -15.68 16.96 -17.35
CA SER A 131 -15.63 15.51 -17.38
C SER A 131 -15.78 15.05 -18.82
N PRO A 132 -14.91 14.12 -19.31
CA PRO A 132 -14.76 13.88 -20.75
C PRO A 132 -15.68 12.85 -21.42
N GLU A 133 -16.80 12.50 -20.77
CA GLU A 133 -17.63 11.38 -21.22
C GLU A 133 -18.27 11.67 -22.59
N MET A 134 -18.43 12.94 -22.94
CA MET A 134 -19.27 13.27 -24.09
C MET A 134 -18.41 13.48 -25.36
N PHE A 135 -17.12 13.16 -25.28
CA PHE A 135 -16.19 13.51 -26.35
C PHE A 135 -15.63 12.23 -27.00
N GLY A 136 -15.56 12.25 -28.34
CA GLY A 136 -14.98 11.19 -29.14
C GLY A 136 -13.49 11.39 -29.32
N ARG A 137 -13.05 12.65 -29.21
CA ARG A 137 -11.64 13.00 -29.31
C ARG A 137 -11.37 14.15 -28.36
N VAL A 138 -10.13 14.17 -27.84
CA VAL A 138 -9.59 15.35 -27.17
C VAL A 138 -8.27 15.69 -27.87
N GLU A 139 -8.23 16.88 -28.49
CA GLU A 139 -7.14 17.26 -29.38
C GLU A 139 -6.36 18.39 -28.73
N VAL A 140 -5.03 18.34 -28.86
CA VAL A 140 -4.18 19.38 -28.39
C VAL A 140 -3.35 19.91 -29.56
N LEU A 141 -3.34 21.23 -29.70
CA LEU A 141 -2.43 21.92 -30.55
C LEU A 141 -1.51 22.78 -29.66
N LYS A 142 -0.20 22.56 -29.79
CA LYS A 142 0.75 23.14 -28.88
C LYS A 142 1.25 24.49 -29.43
N GLY A 143 1.40 25.45 -28.52
CA GLY A 143 1.78 26.81 -28.85
C GLY A 143 0.57 27.68 -29.16
N PRO A 144 0.77 29.00 -29.31
CA PRO A 144 -0.31 29.92 -29.66
C PRO A 144 -0.81 29.71 -31.10
N SER A 145 -2.00 30.24 -31.40
CA SER A 145 -2.71 29.88 -32.60
C SER A 145 -3.73 30.96 -32.99
N ALA A 146 -3.39 32.24 -32.76
CA ALA A 146 -4.33 33.33 -32.98
C ALA A 146 -4.80 33.35 -34.45
N LEU A 147 -3.89 33.11 -35.40
CA LEU A 147 -4.27 33.09 -36.81
C LEU A 147 -5.42 32.10 -37.01
N LEU A 148 -5.27 30.91 -36.42
CA LEU A 148 -6.15 29.77 -36.70
C LEU A 148 -7.48 29.94 -35.96
N ASN A 149 -7.42 30.50 -34.75
CA ASN A 149 -8.49 30.33 -33.73
C ASN A 149 -9.01 31.67 -33.19
N GLY A 150 -8.27 32.75 -33.42
CA GLY A 150 -8.60 34.04 -32.78
C GLY A 150 -8.22 34.02 -31.32
N MET A 151 -8.76 34.98 -30.57
CA MET A 151 -8.41 35.17 -29.17
C MET A 151 -9.51 34.56 -28.29
N PRO A 152 -9.23 33.44 -27.60
CA PRO A 152 -10.21 32.86 -26.69
C PRO A 152 -10.43 33.77 -25.50
N PRO A 153 -11.52 33.55 -24.72
CA PRO A 153 -11.99 34.51 -23.73
C PRO A 153 -11.01 34.93 -22.62
N ALA A 154 -10.09 34.04 -22.24
CA ALA A 154 -9.13 34.35 -21.15
C ALA A 154 -7.76 34.75 -21.72
N GLY A 155 -7.61 34.67 -23.05
CA GLY A 155 -6.39 35.16 -23.74
C GLY A 155 -5.13 34.39 -23.36
N SER A 156 -5.26 33.10 -23.04
CA SER A 156 -4.09 32.26 -22.74
C SER A 156 -3.46 31.80 -24.06
N VAL A 157 -2.17 31.44 -24.03
CA VAL A 157 -1.40 31.32 -25.29
C VAL A 157 -0.62 30.00 -25.35
N GLY A 158 -0.78 29.14 -24.34
CA GLY A 158 0.07 27.93 -24.22
C GLY A 158 -0.23 26.91 -25.31
N GLY A 159 -1.51 26.81 -25.68
CA GLY A 159 -2.00 25.78 -26.60
C GLY A 159 -3.52 25.79 -26.66
N THR A 160 -4.08 25.07 -27.62
CA THR A 160 -5.51 24.96 -27.77
C THR A 160 -5.93 23.52 -27.55
N VAL A 161 -6.85 23.33 -26.63
CA VAL A 161 -7.48 22.06 -26.42
C VAL A 161 -8.85 22.11 -27.11
N ASN A 162 -9.10 21.16 -28.00
CA ASN A 162 -10.33 21.12 -28.78
C ASN A 162 -11.05 19.80 -28.47
N LEU A 163 -12.30 19.91 -28.00
CA LEU A 163 -13.07 18.75 -27.61
C LEU A 163 -14.10 18.44 -28.71
N VAL A 164 -13.98 17.24 -29.28
CA VAL A 164 -14.79 16.76 -30.39
C VAL A 164 -15.87 15.84 -29.82
N THR A 165 -17.14 16.21 -30.02
CA THR A 165 -18.28 15.52 -29.40
C THR A 165 -18.57 14.21 -30.12
N LYS A 166 -19.33 13.34 -29.46
CA LYS A 166 -19.73 12.04 -29.99
C LYS A 166 -20.98 12.19 -30.87
N TYR A 167 -20.97 11.49 -32.00
CA TYR A 167 -22.15 11.33 -32.84
C TYR A 167 -22.41 9.83 -33.04
N ALA A 168 -23.64 9.49 -33.43
CA ALA A 168 -24.08 8.12 -33.55
C ALA A 168 -23.34 7.43 -34.71
N ALA A 169 -22.67 6.32 -34.39
CA ALA A 169 -22.14 5.39 -35.39
C ALA A 169 -23.31 4.63 -36.05
N ASP A 170 -23.00 3.93 -37.16
CA ASP A 170 -24.02 3.32 -38.01
C ASP A 170 -24.77 2.24 -37.21
N GLU A 171 -24.02 1.37 -36.51
CA GLU A 171 -24.61 0.27 -35.76
C GLU A 171 -25.16 0.79 -34.44
N PRO A 172 -26.40 0.40 -34.05
CA PRO A 172 -26.94 0.75 -32.73
C PRO A 172 -25.97 0.34 -31.61
N PHE A 173 -25.98 1.11 -30.52
CA PHE A 173 -24.92 1.09 -29.53
C PHE A 173 -25.51 1.49 -28.18
N ALA A 174 -25.20 0.70 -27.16
CA ALA A 174 -25.55 1.02 -25.79
C ALA A 174 -24.53 0.37 -24.84
N ARG A 175 -23.86 1.22 -24.05
CA ARG A 175 -22.86 0.80 -23.08
C ARG A 175 -23.21 1.39 -21.72
N LEU A 176 -23.28 0.53 -20.71
CA LEU A 176 -23.35 0.97 -19.32
C LEU A 176 -22.00 0.71 -18.63
N THR A 177 -21.51 1.71 -17.89
CA THR A 177 -20.27 1.60 -17.10
C THR A 177 -20.58 1.99 -15.64
N THR A 178 -20.13 1.16 -14.68
N THR A 178 -20.13 1.16 -14.68
CA THR A 178 -20.13 1.53 -13.27
CA THR A 178 -20.14 1.51 -13.25
C THR A 178 -18.70 1.87 -12.84
C THR A 178 -18.70 1.86 -12.83
N THR A 179 -18.57 2.88 -11.99
CA THR A 179 -17.25 3.42 -11.62
C THR A 179 -17.13 3.49 -10.11
N TYR A 180 -15.90 3.24 -9.62
CA TYR A 180 -15.51 3.52 -8.25
C TYR A 180 -14.22 4.30 -8.26
N MET A 181 -14.10 5.24 -7.32
CA MET A 181 -12.85 5.86 -6.98
C MET A 181 -12.73 5.95 -5.46
N SER A 182 -11.55 5.61 -4.94
CA SER A 182 -11.29 5.67 -3.51
C SER A 182 -11.48 7.11 -3.02
N ASP A 183 -12.08 7.30 -1.85
CA ASP A 183 -12.35 6.24 -0.88
C ASP A 183 -13.71 5.58 -1.14
N ALA A 184 -14.71 6.40 -1.53
CA ALA A 184 -16.11 5.97 -1.51
C ALA A 184 -16.92 6.71 -2.58
N GLN A 185 -16.34 6.92 -3.77
CA GLN A 185 -17.06 7.56 -4.84
C GLN A 185 -17.58 6.53 -5.84
N PHE A 186 -18.91 6.50 -6.00
CA PHE A 186 -19.58 5.56 -6.88
C PHE A 186 -20.33 6.34 -7.97
N GLY A 187 -20.35 5.77 -9.18
CA GLY A 187 -21.03 6.42 -10.28
C GLY A 187 -21.34 5.45 -11.40
N GLY A 188 -21.98 5.99 -12.43
CA GLY A 188 -22.21 5.27 -13.65
C GLY A 188 -22.29 6.21 -14.84
N HIS A 189 -22.12 5.63 -16.03
CA HIS A 189 -22.17 6.32 -17.27
C HIS A 189 -22.93 5.45 -18.29
N VAL A 190 -23.96 6.03 -18.92
N VAL A 190 -23.96 6.03 -18.92
CA VAL A 190 -24.67 5.40 -20.03
CA VAL A 190 -24.66 5.39 -20.04
C VAL A 190 -24.33 6.16 -21.33
C VAL A 190 -24.34 6.16 -21.32
N ASP A 191 -24.03 5.40 -22.39
CA ASP A 191 -23.75 5.94 -23.72
C ASP A 191 -24.60 5.12 -24.72
N VAL A 192 -25.57 5.78 -25.37
N VAL A 192 -25.57 5.78 -25.37
CA VAL A 192 -26.44 5.13 -26.34
CA VAL A 192 -26.44 5.13 -26.34
C VAL A 192 -26.44 5.97 -27.63
C VAL A 192 -26.45 5.96 -27.62
N GLY A 193 -26.37 5.28 -28.76
CA GLY A 193 -26.50 5.90 -30.08
C GLY A 193 -27.33 5.06 -31.03
N ARG A 194 -28.10 5.74 -31.89
CA ARG A 194 -28.81 5.12 -33.01
C ARG A 194 -28.92 6.13 -34.16
N ARG A 195 -28.83 5.64 -35.40
CA ARG A 195 -29.10 6.43 -36.58
C ARG A 195 -30.49 6.07 -37.14
N PHE A 196 -31.10 7.04 -37.83
CA PHE A 196 -32.48 6.96 -38.30
C PHE A 196 -32.55 7.43 -39.76
N GLY A 197 -33.70 7.13 -40.40
CA GLY A 197 -33.94 7.36 -41.83
C GLY A 197 -33.39 6.24 -42.69
N GLU A 198 -33.82 6.18 -43.94
CA GLU A 198 -33.61 5.01 -44.79
C GLU A 198 -32.13 4.89 -45.16
N ASN A 199 -31.40 6.02 -45.11
CA ASN A 199 -29.97 6.04 -45.45
C ASN A 199 -29.15 6.41 -44.21
N LYS A 200 -29.78 6.31 -43.04
CA LYS A 200 -29.14 6.57 -41.73
C LYS A 200 -28.54 7.97 -41.72
N GLU A 201 -29.34 8.94 -42.14
CA GLU A 201 -28.85 10.28 -42.42
C GLU A 201 -29.05 11.15 -41.18
N PHE A 202 -29.87 10.69 -40.24
CA PHE A 202 -30.02 11.31 -38.93
C PHE A 202 -29.31 10.45 -37.87
N GLY A 203 -28.72 11.12 -36.88
CA GLY A 203 -28.04 10.45 -35.76
C GLY A 203 -28.44 11.05 -34.42
N VAL A 204 -28.58 10.19 -33.41
CA VAL A 204 -28.80 10.59 -32.02
C VAL A 204 -27.84 9.82 -31.12
N ARG A 205 -27.10 10.56 -30.29
CA ARG A 205 -26.13 10.00 -29.36
C ARG A 205 -26.30 10.68 -28.00
N ILE A 206 -26.60 9.89 -26.97
CA ILE A 206 -26.91 10.40 -25.65
C ILE A 206 -25.90 9.83 -24.65
N ASN A 207 -25.41 10.70 -23.76
CA ASN A 207 -24.54 10.31 -22.66
C ASN A 207 -25.13 10.84 -21.35
N GLY A 208 -25.15 9.97 -20.35
CA GLY A 208 -25.54 10.34 -19.00
C GLY A 208 -24.56 9.78 -17.99
N MET A 209 -24.18 10.62 -17.03
CA MET A 209 -23.17 10.25 -16.06
C MET A 209 -23.49 10.92 -14.73
N TYR A 210 -23.30 10.16 -13.66
CA TYR A 210 -23.38 10.65 -12.31
C TYR A 210 -22.32 9.93 -11.48
N ARG A 211 -21.58 10.68 -10.65
CA ARG A 211 -20.82 10.06 -9.58
C ARG A 211 -20.81 10.96 -8.34
N ASP A 212 -20.67 10.33 -7.18
CA ASP A 212 -20.75 11.01 -5.90
C ASP A 212 -20.08 10.18 -4.80
N GLY A 213 -19.46 10.88 -3.85
CA GLY A 213 -18.91 10.28 -2.63
C GLY A 213 -17.50 10.78 -2.30
N ASP A 214 -16.95 10.28 -1.18
CA ASP A 214 -15.65 10.69 -0.67
C ASP A 214 -14.59 10.33 -1.70
N ALA A 215 -13.65 11.26 -1.89
CA ALA A 215 -12.50 11.06 -2.74
C ALA A 215 -11.29 10.63 -1.89
N ALA A 216 -10.11 10.65 -2.50
CA ALA A 216 -8.92 10.07 -1.92
C ALA A 216 -8.31 11.00 -0.86
N VAL A 217 -8.68 12.29 -0.91
CA VAL A 217 -8.19 13.30 0.03
C VAL A 217 -9.11 13.30 1.25
N ASN A 218 -8.53 13.43 2.45
CA ASN A 218 -9.32 13.48 3.68
C ASN A 218 -10.36 14.61 3.57
N ASP A 219 -11.60 14.28 3.86
CA ASP A 219 -12.70 15.23 4.06
C ASP A 219 -13.07 15.93 2.75
N GLN A 220 -12.69 15.32 1.62
CA GLN A 220 -13.03 15.82 0.32
C GLN A 220 -14.02 14.83 -0.33
N SER A 221 -15.14 15.36 -0.86
CA SER A 221 -16.01 14.56 -1.70
C SER A 221 -16.23 15.24 -3.05
N LYS A 222 -16.48 14.44 -4.08
CA LYS A 222 -16.61 14.90 -5.45
C LYS A 222 -17.93 14.39 -6.03
N GLU A 223 -18.75 15.32 -6.50
CA GLU A 223 -19.96 15.04 -7.25
C GLU A 223 -19.81 15.60 -8.68
N SER A 224 -20.14 14.77 -9.66
CA SER A 224 -20.16 15.14 -11.05
C SER A 224 -21.44 14.60 -11.69
N ARG A 225 -22.02 15.39 -12.60
CA ARG A 225 -23.21 15.01 -13.36
C ARG A 225 -23.04 15.54 -14.79
N LEU A 226 -23.39 14.71 -15.78
CA LEU A 226 -23.40 15.12 -17.18
C LEU A 226 -24.60 14.47 -17.89
N PHE A 227 -25.36 15.32 -18.61
CA PHE A 227 -26.27 14.87 -19.65
C PHE A 227 -25.90 15.58 -20.95
N SER A 228 -25.64 14.79 -22.00
CA SER A 228 -25.25 15.35 -23.31
C SER A 228 -26.07 14.71 -24.44
N LEU A 229 -26.24 15.53 -25.49
CA LEU A 229 -26.93 15.18 -26.73
C LEU A 229 -26.02 15.55 -27.91
N GLY A 230 -25.81 14.59 -28.82
CA GLY A 230 -25.25 14.86 -30.14
C GLY A 230 -26.19 14.41 -31.25
N LEU A 231 -26.73 15.40 -32.00
CA LEU A 231 -27.60 15.17 -33.16
C LEU A 231 -26.86 15.55 -34.44
N ASP A 232 -27.06 14.78 -35.51
CA ASP A 232 -26.53 15.16 -36.81
C ASP A 232 -27.51 14.77 -37.92
N TRP A 233 -27.47 15.56 -39.00
CA TRP A 233 -28.10 15.28 -40.29
C TRP A 233 -27.03 15.35 -41.40
N GLN A 234 -26.84 14.24 -42.12
CA GLN A 234 -25.98 14.21 -43.32
C GLN A 234 -26.85 14.27 -44.58
N GLY A 235 -26.96 15.47 -45.18
CA GLY A 235 -27.61 15.64 -46.49
C GLY A 235 -26.64 15.35 -47.61
N GLU A 236 -27.04 15.65 -48.86
CA GLU A 236 -26.22 15.34 -50.02
C GLU A 236 -25.13 16.41 -50.16
N ASN A 237 -25.54 17.68 -50.04
CA ASN A 237 -24.66 18.84 -50.21
C ASN A 237 -24.66 19.72 -48.95
N ALA A 238 -25.26 19.22 -47.88
CA ALA A 238 -25.38 19.97 -46.64
C ALA A 238 -25.30 19.02 -45.43
N ARG A 239 -24.80 19.56 -44.32
CA ARG A 239 -24.68 18.82 -43.07
C ARG A 239 -25.01 19.75 -41.90
N VAL A 240 -25.67 19.20 -40.88
CA VAL A 240 -25.95 19.95 -39.66
C VAL A 240 -25.58 19.08 -38.46
N PHE A 241 -24.94 19.70 -37.46
CA PHE A 241 -24.58 19.05 -36.18
C PHE A 241 -25.05 19.92 -35.02
N VAL A 242 -25.76 19.30 -34.08
CA VAL A 242 -26.23 19.95 -32.89
C VAL A 242 -25.66 19.20 -31.67
N ASP A 243 -25.18 19.98 -30.70
CA ASP A 243 -24.67 19.44 -29.45
C ASP A 243 -25.21 20.28 -28.29
N ALA A 244 -25.64 19.61 -27.23
CA ALA A 244 -26.08 20.26 -26.03
C ALA A 244 -25.70 19.40 -24.81
N TYR A 245 -25.43 20.07 -23.69
CA TYR A 245 -25.04 19.38 -22.47
C TYR A 245 -25.46 20.19 -21.23
N ASP A 246 -25.61 19.46 -20.13
CA ASP A 246 -25.90 20.01 -18.82
C ASP A 246 -24.97 19.29 -17.83
N ALA A 247 -24.17 20.07 -17.11
CA ALA A 247 -23.09 19.53 -16.31
C ALA A 247 -23.10 20.17 -14.92
N LEU A 248 -22.79 19.34 -13.91
CA LEU A 248 -22.49 19.82 -12.58
C LEU A 248 -21.13 19.27 -12.13
N ASP A 249 -20.35 20.16 -11.49
CA ASP A 249 -19.14 19.79 -10.76
C ASP A 249 -19.26 20.39 -9.36
N HIS A 250 -19.04 19.54 -8.34
N HIS A 250 -19.02 19.55 -8.34
CA HIS A 250 -19.17 19.93 -6.92
CA HIS A 250 -19.17 19.92 -6.93
C HIS A 250 -18.07 19.23 -6.11
C HIS A 250 -18.07 19.22 -6.10
N VAL A 251 -17.32 20.01 -5.32
CA VAL A 251 -16.32 19.49 -4.44
C VAL A 251 -16.58 20.04 -3.05
N ASP A 252 -16.77 19.13 -2.10
CA ASP A 252 -16.72 19.43 -0.66
C ASP A 252 -15.30 19.14 -0.16
N GLY A 253 -14.74 20.07 0.61
CA GLY A 253 -13.31 20.09 0.93
C GLY A 253 -12.46 20.40 -0.29
N VAL A 254 -12.82 21.48 -0.99
CA VAL A 254 -12.06 21.96 -2.16
C VAL A 254 -10.67 22.39 -1.69
N THR A 255 -9.67 22.19 -2.54
CA THR A 255 -8.29 22.57 -2.22
C THR A 255 -7.95 23.91 -2.89
N ARG A 256 -7.51 24.87 -2.07
CA ARG A 256 -7.27 26.26 -2.50
C ARG A 256 -5.77 26.56 -2.48
N GLY A 257 -5.02 25.84 -1.63
CA GLY A 257 -3.58 25.95 -1.54
C GLY A 257 -3.17 27.02 -0.54
N VAL A 258 -1.86 27.24 -0.43
CA VAL A 258 -1.29 27.98 0.68
C VAL A 258 -0.12 28.81 0.20
N ASN A 259 0.12 29.92 0.90
CA ASN A 259 1.18 30.89 0.58
C ASN A 259 2.34 30.74 1.57
N VAL A 260 3.54 31.03 1.09
CA VAL A 260 4.76 30.97 1.87
C VAL A 260 5.51 32.28 1.68
N SER A 261 6.43 32.56 2.61
CA SER A 261 7.35 33.71 2.52
C SER A 261 8.80 33.21 2.58
N THR A 262 9.73 34.07 2.16
CA THR A 262 11.18 33.78 2.23
C THR A 262 11.63 33.76 3.70
N ALA A 263 11.05 34.64 4.52
CA ALA A 263 11.39 34.72 5.95
C ALA A 263 11.16 33.36 6.63
N VAL A 264 10.05 32.69 6.29
CA VAL A 264 9.61 31.51 7.00
C VAL A 264 10.03 30.26 6.23
N GLY A 265 9.88 30.27 4.91
CA GLY A 265 10.31 29.15 4.09
C GLY A 265 9.18 28.16 3.85
N ILE A 266 9.52 27.10 3.11
CA ILE A 266 8.62 26.05 2.71
C ILE A 266 8.89 24.83 3.58
N PRO A 267 7.94 24.41 4.43
CA PRO A 267 8.15 23.25 5.29
C PRO A 267 7.90 21.94 4.52
N LYS A 268 8.21 20.81 5.12
CA LYS A 268 8.09 19.56 4.41
C LYS A 268 6.61 19.28 4.21
N PRO A 269 6.23 18.72 3.04
CA PRO A 269 4.83 18.43 2.76
C PRO A 269 4.27 17.46 3.81
N PRO A 270 3.06 17.72 4.35
CA PRO A 270 2.32 16.70 5.10
C PRO A 270 2.08 15.48 4.22
N LYS A 271 1.49 14.41 4.79
CA LYS A 271 1.20 13.23 3.97
C LYS A 271 0.14 13.58 2.92
N ALA A 272 0.17 12.84 1.81
CA ALA A 272 -0.35 13.30 0.52
C ALA A 272 -1.87 13.45 0.55
N ASP A 273 -2.54 12.82 1.52
CA ASP A 273 -3.99 12.82 1.56
C ASP A 273 -4.51 13.90 2.53
N THR A 274 -3.62 14.76 2.99
CA THR A 274 -3.97 15.91 3.85
C THR A 274 -4.72 16.98 3.05
N LEU A 275 -5.79 17.52 3.63
CA LEU A 275 -6.50 18.69 3.11
C LEU A 275 -6.11 19.92 3.93
N LEU A 276 -5.53 20.92 3.26
CA LEU A 276 -4.97 22.10 3.92
C LEU A 276 -5.91 23.30 3.75
N SER A 277 -7.15 23.03 3.35
CA SER A 277 -8.20 24.03 3.28
C SER A 277 -9.38 23.58 4.15
N PRO A 278 -10.27 24.49 4.56
CA PRO A 278 -11.40 24.13 5.43
C PRO A 278 -12.18 22.91 4.95
N ASP A 279 -12.52 22.03 5.90
CA ASP A 279 -13.23 20.79 5.62
C ASP A 279 -14.67 21.12 5.20
N TRP A 280 -15.20 22.26 5.67
CA TRP A 280 -16.55 22.71 5.32
C TRP A 280 -16.56 23.49 3.98
N GLY A 281 -15.38 23.79 3.44
CA GLY A 281 -15.30 24.59 2.21
C GLY A 281 -15.83 23.82 1.02
N SER A 282 -16.45 24.53 0.06
CA SER A 282 -16.97 23.86 -1.13
C SER A 282 -16.97 24.79 -2.34
N VAL A 283 -16.92 24.17 -3.51
CA VAL A 283 -17.10 24.82 -4.76
C VAL A 283 -18.11 24.04 -5.58
N GLU A 284 -18.89 24.76 -6.37
CA GLU A 284 -19.86 24.18 -7.30
C GLU A 284 -19.92 25.04 -8.57
N THR A 285 -19.89 24.36 -9.72
N THR A 285 -19.87 24.36 -9.73
CA THR A 285 -20.08 24.97 -11.02
CA THR A 285 -20.08 24.96 -11.02
C THR A 285 -21.17 24.20 -11.78
C THR A 285 -21.18 24.19 -11.76
N LYS A 286 -22.21 24.92 -12.20
CA LYS A 286 -23.20 24.40 -13.16
C LYS A 286 -22.94 25.03 -14.53
N ASP A 287 -22.78 24.17 -15.54
CA ASP A 287 -22.51 24.59 -16.89
C ASP A 287 -23.55 23.95 -17.80
N LYS A 288 -24.15 24.79 -18.64
CA LYS A 288 -25.09 24.40 -19.70
C LYS A 288 -24.62 25.03 -21.01
N GLY A 289 -24.56 24.22 -22.07
CA GLY A 289 -24.15 24.72 -23.38
C GLY A 289 -24.88 24.02 -24.51
N ALA A 290 -24.97 24.72 -25.64
CA ALA A 290 -25.52 24.16 -26.87
C ALA A 290 -24.90 24.90 -28.05
N MET A 291 -24.66 24.16 -29.14
CA MET A 291 -24.14 24.74 -30.32
C MET A 291 -24.73 24.03 -31.54
N ILE A 292 -24.70 24.75 -32.68
CA ILE A 292 -25.15 24.23 -33.97
C ILE A 292 -24.09 24.61 -35.02
N ARG A 293 -23.68 23.63 -35.83
CA ARG A 293 -22.83 23.85 -37.02
C ARG A 293 -23.61 23.45 -38.27
N GLY A 294 -23.51 24.29 -39.30
CA GLY A 294 -24.02 23.99 -40.63
C GLY A 294 -22.94 24.12 -41.66
N GLU A 295 -22.96 23.20 -42.65
CA GLU A 295 -22.09 23.26 -43.82
C GLU A 295 -22.97 23.17 -45.09
N TYR A 296 -22.59 23.93 -46.12
CA TYR A 296 -23.25 23.89 -47.42
C TYR A 296 -22.20 23.88 -48.55
N ASP A 297 -22.21 22.80 -49.35
CA ASP A 297 -21.33 22.65 -50.51
C ASP A 297 -22.00 23.28 -51.74
N PHE A 298 -21.48 24.42 -52.19
CA PHE A 298 -21.89 25.03 -53.45
C PHE A 298 -21.36 24.19 -54.62
N SER A 299 -20.14 23.70 -54.46
CA SER A 299 -19.51 22.76 -55.36
C SER A 299 -18.39 22.03 -54.60
N ASP A 300 -17.57 21.26 -55.32
CA ASP A 300 -16.43 20.58 -54.71
C ASP A 300 -15.23 21.55 -54.63
N GLN A 301 -15.47 22.83 -54.91
CA GLN A 301 -14.42 23.85 -54.86
C GLN A 301 -14.80 25.00 -53.91
N LEU A 302 -16.05 25.00 -53.42
CA LEU A 302 -16.51 26.07 -52.56
C LEU A 302 -17.54 25.55 -51.56
N MET A 303 -17.31 25.88 -50.28
CA MET A 303 -18.19 25.50 -49.18
C MET A 303 -18.35 26.71 -48.26
N ALA A 304 -19.55 26.88 -47.72
CA ALA A 304 -19.81 27.81 -46.65
C ALA A 304 -20.13 27.03 -45.37
N TYR A 305 -19.81 27.64 -44.22
CA TYR A 305 -20.11 27.05 -42.94
C TYR A 305 -20.50 28.15 -41.96
N ALA A 306 -21.32 27.78 -40.97
CA ALA A 306 -21.66 28.63 -39.85
C ALA A 306 -21.78 27.79 -38.58
N ALA A 307 -21.31 28.36 -37.47
CA ALA A 307 -21.43 27.76 -36.16
C ALA A 307 -21.90 28.84 -35.18
N TYR A 308 -22.93 28.49 -34.41
CA TYR A 308 -23.42 29.35 -33.37
C TYR A 308 -23.62 28.51 -32.11
N GLY A 309 -23.32 29.10 -30.96
CA GLY A 309 -23.56 28.47 -29.69
C GLY A 309 -23.71 29.46 -28.57
N GLN A 310 -24.18 28.95 -27.42
CA GLN A 310 -24.22 29.67 -26.18
C GLN A 310 -24.06 28.72 -24.98
N SER A 311 -23.72 29.31 -23.84
CA SER A 311 -23.51 28.57 -22.60
C SER A 311 -23.76 29.52 -21.43
N THR A 312 -24.05 28.93 -20.28
CA THR A 312 -24.13 29.62 -19.02
C THR A 312 -23.27 28.88 -18.00
N THR A 313 -22.67 29.65 -17.11
CA THR A 313 -21.90 29.17 -16.01
C THR A 313 -22.44 29.82 -14.74
N GLU A 314 -22.72 28.99 -13.73
CA GLU A 314 -22.91 29.45 -12.34
C GLU A 314 -21.83 28.84 -11.45
N TYR A 315 -20.96 29.70 -10.93
CA TYR A 315 -19.87 29.34 -10.01
C TYR A 315 -20.21 29.85 -8.62
N LYS A 316 -20.00 28.98 -7.62
CA LYS A 316 -20.13 29.33 -6.20
C LYS A 316 -19.00 28.70 -5.40
N TYR A 317 -18.37 29.51 -4.55
CA TYR A 317 -17.25 29.08 -3.71
C TYR A 317 -17.41 29.66 -2.31
N ASN A 318 -17.36 28.78 -1.32
CA ASN A 318 -17.35 29.16 0.10
C ASN A 318 -16.18 28.44 0.78
N GLY A 319 -15.16 29.19 1.21
CA GLY A 319 -13.97 28.58 1.83
C GLY A 319 -12.84 29.57 2.09
N ALA A 320 -11.61 29.09 2.01
CA ALA A 320 -10.42 29.92 2.20
C ALA A 320 -10.11 30.69 0.92
N SER A 321 -9.71 31.96 1.07
CA SER A 321 -9.05 32.69 -0.02
C SER A 321 -7.58 32.26 -0.08
N ALA A 322 -6.96 32.11 1.10
CA ALA A 322 -5.57 31.61 1.17
C ALA A 322 -5.25 31.10 2.58
N GLY A 323 -4.51 29.99 2.63
CA GLY A 323 -3.70 29.66 3.78
C GLY A 323 -2.33 30.29 3.66
N THR A 324 -1.79 30.79 4.79
CA THR A 324 -0.41 31.27 4.85
C THR A 324 0.34 30.51 5.94
N ILE A 325 1.48 29.92 5.57
CA ILE A 325 2.34 29.25 6.51
C ILE A 325 3.19 30.30 7.22
N THR A 326 2.92 30.51 8.51
CA THR A 326 3.46 31.64 9.27
C THR A 326 4.61 31.21 10.20
N SER A 327 4.91 29.90 10.25
N SER A 327 4.90 29.90 10.26
CA SER A 327 6.00 29.39 11.05
CA SER A 327 6.02 29.39 11.06
C SER A 327 6.51 28.06 10.48
C SER A 327 6.51 28.06 10.48
N SER A 328 7.80 27.78 10.73
CA SER A 328 8.44 26.54 10.27
C SER A 328 7.93 25.33 11.06
N THR A 329 7.17 25.57 12.14
CA THR A 329 6.51 24.48 12.85
C THR A 329 5.26 24.03 12.11
N GLY A 330 4.84 24.79 11.09
CA GLY A 330 3.71 24.42 10.22
C GLY A 330 2.43 25.16 10.55
N THR A 331 2.52 26.23 11.36
CA THR A 331 1.38 27.07 11.67
C THR A 331 0.82 27.64 10.36
N LEU A 332 -0.52 27.59 10.22
CA LEU A 332 -1.23 28.01 9.04
C LEU A 332 -2.34 28.98 9.43
N SER A 333 -2.35 30.14 8.75
CA SER A 333 -3.33 31.21 8.97
C SER A 333 -4.19 31.35 7.70
N SER A 334 -5.48 31.02 7.80
CA SER A 334 -6.34 30.92 6.62
C SER A 334 -7.45 31.97 6.69
N THR A 335 -7.43 32.89 5.71
CA THR A 335 -8.47 33.89 5.50
C THR A 335 -9.59 33.27 4.64
N LEU A 336 -10.81 33.72 4.92
CA LEU A 336 -11.99 33.15 4.32
C LEU A 336 -12.57 34.15 3.32
N GLY A 337 -13.21 33.62 2.29
CA GLY A 337 -13.85 34.40 1.26
C GLY A 337 -15.03 33.66 0.65
N GLN A 338 -15.91 34.39 -0.03
CA GLN A 338 -17.00 33.82 -0.80
C GLN A 338 -17.07 34.52 -2.15
N LEU A 339 -17.41 33.74 -3.17
CA LEU A 339 -17.59 34.24 -4.50
C LEU A 339 -18.74 33.50 -5.18
N ALA A 340 -19.59 34.25 -5.87
CA ALA A 340 -20.50 33.70 -6.85
C ALA A 340 -20.42 34.55 -8.11
N PHE A 341 -20.44 33.90 -9.28
CA PHE A 341 -20.58 34.63 -10.49
C PHE A 341 -21.41 33.81 -11.47
N ASP A 342 -22.19 34.56 -12.27
CA ASP A 342 -23.06 34.03 -13.33
C ASP A 342 -22.62 34.67 -14.64
N VAL A 343 -22.40 33.85 -15.66
CA VAL A 343 -21.97 34.37 -16.91
C VAL A 343 -22.79 33.71 -18.03
N ASP A 344 -23.30 34.57 -18.93
CA ASP A 344 -24.04 34.18 -20.14
C ASP A 344 -23.17 34.48 -21.36
N LYS A 345 -22.95 33.45 -22.18
CA LYS A 345 -22.00 33.51 -23.26
C LYS A 345 -22.73 33.24 -24.58
N LYS A 346 -22.28 33.93 -25.65
CA LYS A 346 -22.67 33.61 -27.02
C LYS A 346 -21.44 33.66 -27.92
N SER A 347 -21.43 32.81 -28.93
CA SER A 347 -20.26 32.56 -29.74
C SER A 347 -20.69 32.21 -31.18
N ALA A 348 -19.94 32.69 -32.16
CA ALA A 348 -20.24 32.39 -33.57
C ALA A 348 -18.95 32.37 -34.37
N ASP A 349 -18.95 31.52 -35.39
CA ASP A 349 -17.88 31.41 -36.35
C ASP A 349 -18.53 31.02 -37.68
N ALA A 350 -18.36 31.88 -38.71
CA ALA A 350 -18.91 31.64 -40.05
C ALA A 350 -17.86 32.01 -41.11
N GLY A 351 -17.89 31.29 -42.25
CA GLY A 351 -16.93 31.59 -43.31
C GLY A 351 -17.12 30.74 -44.56
N PHE A 352 -16.12 30.84 -45.44
CA PHE A 352 -16.05 30.09 -46.71
C PHE A 352 -14.69 29.40 -46.79
N LYS A 353 -14.69 28.17 -47.33
CA LYS A 353 -13.48 27.46 -47.76
C LYS A 353 -13.60 27.12 -49.26
N GLY A 354 -12.46 27.16 -49.96
CA GLY A 354 -12.44 26.88 -51.39
C GLY A 354 -11.08 26.38 -51.84
N LYS A 355 -11.07 25.76 -53.03
CA LYS A 355 -9.85 25.29 -53.71
C LYS A 355 -9.87 25.76 -55.16
N PHE A 356 -8.69 26.01 -55.71
CA PHE A 356 -8.49 26.28 -57.13
C PHE A 356 -7.01 26.07 -57.44
N GLU A 357 -6.65 26.06 -58.72
CA GLU A 357 -5.28 25.82 -59.20
C GLU A 357 -4.84 26.96 -60.12
N THR A 358 -3.60 27.40 -59.95
CA THR A 358 -2.96 28.36 -60.83
C THR A 358 -1.59 27.81 -61.23
N GLY A 359 -1.46 27.44 -62.50
CA GLY A 359 -0.35 26.63 -62.94
C GLY A 359 -0.31 25.32 -62.17
N SER A 360 0.86 25.01 -61.61
CA SER A 360 1.09 23.77 -60.90
C SER A 360 1.05 24.00 -59.38
N VAL A 361 0.36 25.07 -58.96
CA VAL A 361 0.18 25.40 -57.55
C VAL A 361 -1.30 25.22 -57.19
N LYS A 362 -1.58 24.33 -56.24
CA LYS A 362 -2.94 24.19 -55.67
C LYS A 362 -3.12 25.17 -54.50
N HIS A 363 -4.32 25.77 -54.43
CA HIS A 363 -4.70 26.69 -53.37
C HIS A 363 -5.85 26.09 -52.57
N GLN A 364 -5.71 26.11 -51.24
CA GLN A 364 -6.78 25.77 -50.31
C GLN A 364 -6.90 26.91 -49.31
N TRP A 365 -8.02 27.63 -49.34
CA TRP A 365 -8.13 28.91 -48.66
C TRP A 365 -9.34 28.89 -47.75
N VAL A 366 -9.35 29.81 -46.78
CA VAL A 366 -10.49 30.01 -45.92
C VAL A 366 -10.56 31.50 -45.57
N ALA A 367 -11.80 31.98 -45.40
CA ALA A 367 -12.06 33.29 -44.84
C ALA A 367 -13.19 33.17 -43.82
N ASN A 368 -13.02 33.76 -42.63
CA ASN A 368 -14.01 33.58 -41.57
C ASN A 368 -14.14 34.86 -40.73
N ALA A 369 -15.26 34.92 -40.02
CA ALA A 369 -15.55 35.94 -39.04
C ALA A 369 -15.98 35.24 -37.75
N THR A 370 -15.50 35.74 -36.61
CA THR A 370 -15.88 35.19 -35.30
C THR A 370 -16.42 36.30 -34.41
N TYR A 371 -17.31 35.92 -33.50
CA TYR A 371 -17.93 36.78 -32.52
C TYR A 371 -18.00 36.03 -31.19
N TYR A 372 -17.62 36.70 -30.10
CA TYR A 372 -17.86 36.20 -28.73
C TYR A 372 -18.36 37.35 -27.87
N ASN A 373 -19.37 37.07 -27.05
CA ASN A 373 -19.86 38.04 -26.08
C ASN A 373 -20.26 37.29 -24.80
N HIS A 374 -19.91 37.86 -23.66
CA HIS A 374 -20.49 37.39 -22.39
C HIS A 374 -20.93 38.60 -21.54
N THR A 375 -21.99 38.37 -20.76
CA THR A 375 -22.36 39.22 -19.66
C THR A 375 -22.23 38.40 -18.36
N GLN A 376 -21.89 39.10 -17.28
CA GLN A 376 -21.48 38.46 -16.07
C GLN A 376 -21.91 39.32 -14.87
N ASP A 377 -22.37 38.67 -13.80
CA ASP A 377 -22.49 39.29 -12.47
C ASP A 377 -21.58 38.57 -11.45
N ASP A 378 -20.88 39.37 -10.64
CA ASP A 378 -20.03 38.87 -9.60
C ASP A 378 -20.60 39.31 -8.25
N TYR A 379 -20.64 38.35 -7.32
CA TYR A 379 -20.97 38.55 -5.91
C TYR A 379 -19.84 37.97 -5.07
N GLY A 380 -19.47 38.62 -3.96
CA GLY A 380 -18.39 38.09 -3.16
C GLY A 380 -18.11 38.88 -1.90
N TYR A 381 -17.35 38.24 -1.02
CA TYR A 381 -16.69 38.88 0.09
C TYR A 381 -15.18 38.66 -0.05
N ARG A 382 -14.42 39.76 0.05
CA ARG A 382 -12.99 39.70 0.36
C ARG A 382 -12.84 39.56 1.88
N ILE A 383 -13.77 40.16 2.62
CA ILE A 383 -13.83 40.05 4.06
C ILE A 383 -15.25 39.64 4.44
N ILE A 384 -15.40 38.45 5.01
CA ILE A 384 -16.70 37.98 5.44
C ILE A 384 -17.00 38.55 6.82
N PRO A 385 -18.13 39.29 7.01
CA PRO A 385 -18.51 39.78 8.33
C PRO A 385 -18.62 38.63 9.33
N GLY A 386 -17.93 38.77 10.47
CA GLY A 386 -17.94 37.74 11.52
C GLY A 386 -16.90 36.64 11.30
N PHE A 387 -16.21 36.69 10.16
CA PHE A 387 -15.23 35.66 9.82
C PHE A 387 -14.01 36.30 9.12
N SER A 388 -13.59 37.47 9.58
CA SER A 388 -12.49 38.20 8.98
C SER A 388 -11.17 37.82 9.65
N ASP A 389 -11.24 37.27 10.87
CA ASP A 389 -10.05 36.73 11.50
C ASP A 389 -9.70 35.43 10.81
N PRO A 390 -8.42 35.22 10.47
CA PRO A 390 -8.02 33.98 9.85
C PRO A 390 -8.15 32.86 10.88
N VAL A 391 -8.50 31.68 10.38
CA VAL A 391 -8.53 30.47 11.15
C VAL A 391 -7.10 29.96 11.25
N ILE A 392 -6.67 29.70 12.49
CA ILE A 392 -5.31 29.25 12.81
C ILE A 392 -5.33 27.73 12.99
N THR A 393 -4.50 27.04 12.20
CA THR A 393 -4.31 25.61 12.31
C THR A 393 -2.81 25.32 12.20
N ASN A 394 -2.47 24.03 12.12
CA ASN A 394 -1.12 23.60 11.78
C ASN A 394 -1.23 22.54 10.67
N ILE A 395 -0.37 22.62 9.65
CA ILE A 395 -0.55 21.83 8.45
C ILE A 395 -0.38 20.34 8.78
N TYR A 396 0.23 20.01 9.93
CA TYR A 396 0.54 18.62 10.29
C TYR A 396 -0.49 18.05 11.28
N ASP A 397 -1.47 18.87 11.67
CA ASP A 397 -2.51 18.45 12.64
C ASP A 397 -3.42 17.40 12.00
N PRO A 398 -3.62 16.23 12.65
CA PRO A 398 -4.63 15.26 12.21
C PRO A 398 -6.08 15.70 12.53
N ASN A 399 -6.23 16.70 13.40
CA ASN A 399 -7.53 17.11 13.85
C ASN A 399 -7.67 18.63 13.81
N PRO A 400 -7.49 19.29 12.63
CA PRO A 400 -7.60 20.74 12.54
C PRO A 400 -9.02 21.19 12.90
N ASN A 401 -9.11 22.34 13.60
CA ASN A 401 -10.38 22.96 13.90
C ASN A 401 -10.62 24.13 12.92
N TRP A 402 -11.46 23.89 11.92
CA TRP A 402 -11.66 24.85 10.84
C TRP A 402 -12.76 25.86 11.20
N GLY A 403 -13.33 25.73 12.40
CA GLY A 403 -14.34 26.67 12.89
C GLY A 403 -15.69 26.40 12.25
N PRO A 404 -16.71 27.26 12.53
CA PRO A 404 -18.02 27.13 11.88
C PRO A 404 -17.97 27.58 10.41
N LYS A 405 -18.88 27.00 9.62
CA LYS A 405 -19.09 27.32 8.24
C LYS A 405 -19.94 28.58 8.14
N PRO A 406 -19.43 29.68 7.57
CA PRO A 406 -20.25 30.87 7.34
C PRO A 406 -21.37 30.61 6.31
N GLU A 407 -22.56 31.14 6.59
CA GLU A 407 -23.65 31.16 5.63
C GLU A 407 -23.17 31.82 4.34
N PHE A 408 -23.65 31.29 3.21
CA PHE A 408 -23.33 31.80 1.89
C PHE A 408 -24.25 32.96 1.52
N THR A 409 -23.77 34.20 1.67
CA THR A 409 -24.60 35.41 1.42
C THR A 409 -23.79 36.49 0.69
N PRO A 410 -22.99 36.14 -0.34
CA PRO A 410 -22.10 37.12 -0.95
C PRO A 410 -22.93 38.23 -1.60
N PRO A 411 -22.62 39.51 -1.32
CA PRO A 411 -23.36 40.61 -1.93
C PRO A 411 -22.84 40.94 -3.34
N PHE A 412 -23.70 41.56 -4.15
CA PHE A 412 -23.39 41.95 -5.49
C PHE A 412 -22.20 42.92 -5.48
N LEU A 413 -21.26 42.72 -6.40
CA LEU A 413 -20.06 43.54 -6.53
C LEU A 413 -20.13 44.38 -7.81
N PHE A 414 -20.35 43.73 -8.96
CA PHE A 414 -20.28 44.44 -10.23
C PHE A 414 -20.79 43.56 -11.38
N HIS A 415 -21.32 44.25 -12.40
CA HIS A 415 -21.66 43.68 -13.69
C HIS A 415 -20.51 43.95 -14.66
N SER A 416 -20.22 42.99 -15.53
CA SER A 416 -19.12 43.14 -16.48
C SER A 416 -19.48 42.46 -17.80
N THR A 417 -18.79 42.87 -18.87
CA THR A 417 -18.98 42.28 -20.21
C THR A 417 -17.62 42.13 -20.87
N LEU A 418 -17.56 41.21 -21.83
CA LEU A 418 -16.43 41.00 -22.71
C LEU A 418 -16.99 40.71 -24.12
N SER A 419 -16.48 41.43 -25.11
CA SER A 419 -16.80 41.20 -26.54
C SER A 419 -15.51 41.07 -27.31
N THR A 420 -15.44 40.05 -28.16
CA THR A 420 -14.36 39.89 -29.11
C THR A 420 -14.96 39.61 -30.49
N SER A 421 -14.24 40.00 -31.53
CA SER A 421 -14.60 39.66 -32.89
C SER A 421 -13.32 39.64 -33.73
N SER A 422 -13.36 38.87 -34.81
CA SER A 422 -12.21 38.72 -35.65
C SER A 422 -12.65 38.51 -37.10
N PHE A 423 -11.74 38.81 -38.03
CA PHE A 423 -11.86 38.45 -39.42
C PHE A 423 -10.52 37.88 -39.88
N GLY A 424 -10.55 36.65 -40.42
CA GLY A 424 -9.34 35.93 -40.80
C GLY A 424 -9.33 35.47 -42.26
N LEU A 425 -8.14 35.46 -42.84
CA LEU A 425 -7.88 34.92 -44.19
C LEU A 425 -6.64 34.04 -44.12
N ALA A 426 -6.70 32.88 -44.76
CA ALA A 426 -5.52 32.07 -44.94
C ALA A 426 -5.62 31.31 -46.26
N ASP A 427 -4.44 31.02 -46.82
CA ASP A 427 -4.29 30.19 -47.99
C ASP A 427 -3.14 29.21 -47.72
N THR A 428 -3.36 27.95 -48.09
CA THR A 428 -2.31 26.97 -48.17
C THR A 428 -2.01 26.68 -49.64
N LEU A 429 -0.78 27.04 -50.05
CA LEU A 429 -0.26 26.81 -51.39
C LEU A 429 0.52 25.49 -51.41
N SER A 430 0.12 24.57 -52.30
CA SER A 430 0.75 23.24 -52.44
C SER A 430 1.48 23.14 -53.78
N PHE A 431 2.78 22.79 -53.71
CA PHE A 431 3.65 22.55 -54.87
C PHE A 431 3.97 21.05 -54.95
N ALA A 432 4.44 20.62 -56.13
CA ALA A 432 5.24 19.40 -56.31
C ALA A 432 4.47 18.20 -55.76
N GLN A 433 3.24 18.03 -56.24
CA GLN A 433 2.37 16.92 -55.85
C GLN A 433 2.18 16.94 -54.32
N ASP A 434 2.02 18.14 -53.78
CA ASP A 434 1.55 18.35 -52.40
C ASP A 434 2.66 18.00 -51.40
N LYS A 435 3.92 18.03 -51.85
CA LYS A 435 5.04 17.64 -51.03
C LYS A 435 5.64 18.88 -50.37
N VAL A 436 5.21 20.06 -50.83
CA VAL A 436 5.58 21.32 -50.21
C VAL A 436 4.30 22.13 -50.02
N GLN A 437 4.01 22.46 -48.75
CA GLN A 437 2.78 23.15 -48.38
C GLN A 437 3.16 24.42 -47.59
N LEU A 438 2.78 25.58 -48.13
CA LEU A 438 3.03 26.88 -47.52
C LEU A 438 1.70 27.54 -47.14
N THR A 439 1.51 27.79 -45.85
CA THR A 439 0.33 28.44 -45.33
C THR A 439 0.68 29.87 -44.94
N LEU A 440 -0.15 30.82 -45.40
CA LEU A 440 -0.04 32.26 -45.13
C LEU A 440 -1.42 32.74 -44.68
N GLY A 441 -1.45 33.63 -43.70
CA GLY A 441 -2.70 34.13 -43.21
C GLY A 441 -2.52 35.36 -42.34
N LEU A 442 -3.63 36.04 -42.10
CA LEU A 442 -3.67 37.04 -41.08
C LEU A 442 -5.11 37.15 -40.56
N ARG A 443 -5.22 37.69 -39.35
CA ARG A 443 -6.49 37.85 -38.67
C ARG A 443 -6.48 39.21 -37.99
N HIS A 444 -7.59 39.93 -38.16
CA HIS A 444 -7.90 41.13 -37.39
C HIS A 444 -8.69 40.72 -36.14
N GLN A 445 -8.26 41.20 -34.98
CA GLN A 445 -8.91 40.87 -33.72
C GLN A 445 -9.27 42.14 -32.97
N THR A 446 -10.54 42.21 -32.54
CA THR A 446 -11.04 43.30 -31.71
C THR A 446 -11.51 42.72 -30.36
N VAL A 447 -11.41 43.55 -29.32
CA VAL A 447 -11.83 43.17 -27.98
C VAL A 447 -12.26 44.43 -27.21
N LYS A 448 -13.31 44.29 -26.41
CA LYS A 448 -13.74 45.34 -25.49
C LYS A 448 -14.25 44.72 -24.18
N ALA A 449 -13.76 45.23 -23.05
CA ALA A 449 -14.25 44.83 -21.72
C ALA A 449 -14.91 46.04 -21.04
N THR A 450 -15.99 45.78 -20.29
CA THR A 450 -16.63 46.80 -19.46
C THR A 450 -16.85 46.25 -18.06
N SER A 451 -16.95 47.17 -17.11
CA SER A 451 -17.29 46.88 -15.74
C SER A 451 -18.13 48.03 -15.18
N SER A 452 -19.16 47.68 -14.42
CA SER A 452 -20.11 48.65 -13.85
C SER A 452 -19.46 49.50 -12.75
N VAL A 453 -18.24 49.16 -12.31
CA VAL A 453 -17.55 49.95 -11.26
C VAL A 453 -16.24 50.53 -11.80
N ASN A 454 -16.10 50.59 -13.12
CA ASN A 454 -14.94 51.22 -13.73
C ASN A 454 -15.32 52.65 -14.10
N THR A 455 -14.66 53.62 -13.47
CA THR A 455 -14.79 55.05 -13.80
C THR A 455 -13.89 55.40 -14.98
N LEU A 456 -12.84 54.59 -15.20
CA LEU A 456 -11.86 54.82 -16.29
C LEU A 456 -12.52 54.57 -17.65
N PRO A 457 -11.99 55.15 -18.74
CA PRO A 457 -12.57 54.94 -20.07
C PRO A 457 -12.64 53.47 -20.47
N GLU A 458 -13.66 53.13 -21.25
CA GLU A 458 -13.78 51.83 -21.88
C GLU A 458 -13.89 52.02 -23.39
N ASN A 459 -12.96 51.38 -24.13
CA ASN A 459 -12.89 51.45 -25.59
C ASN A 459 -12.47 50.08 -26.14
N ALA A 460 -13.01 49.74 -27.31
CA ALA A 460 -12.52 48.63 -28.10
C ALA A 460 -11.07 48.89 -28.50
N LYS A 461 -10.29 47.81 -28.65
CA LYS A 461 -8.97 47.87 -29.24
C LYS A 461 -8.79 46.69 -30.20
N SER A 462 -7.79 46.81 -31.08
CA SER A 462 -7.64 45.92 -32.19
C SER A 462 -6.15 45.65 -32.44
N ALA A 463 -5.87 44.49 -33.02
CA ALA A 463 -4.59 44.16 -33.51
C ALA A 463 -4.73 43.25 -34.72
N THR A 464 -3.66 43.15 -35.50
CA THR A 464 -3.59 42.29 -36.64
C THR A 464 -2.47 41.27 -36.39
N THR A 465 -2.78 39.99 -36.57
CA THR A 465 -1.85 38.95 -36.27
C THR A 465 -1.63 38.11 -37.51
N PRO A 466 -0.39 38.02 -38.03
CA PRO A 466 -0.07 37.13 -39.14
C PRO A 466 0.36 35.74 -38.68
N GLY A 467 0.41 34.81 -39.63
CA GLY A 467 1.06 33.54 -39.45
C GLY A 467 1.56 32.97 -40.77
N VAL A 468 2.64 32.20 -40.69
CA VAL A 468 3.14 31.47 -41.83
C VAL A 468 3.64 30.11 -41.34
N ALA A 469 3.33 29.06 -42.10
CA ALA A 469 3.83 27.72 -41.82
C ALA A 469 4.26 27.06 -43.14
N LEU A 470 5.36 26.28 -43.06
CA LEU A 470 5.89 25.55 -44.19
C LEU A 470 6.06 24.09 -43.78
N LEU A 471 5.54 23.19 -44.62
CA LEU A 471 5.72 21.77 -44.43
C LEU A 471 6.30 21.13 -45.71
N ILE A 472 7.30 20.27 -45.52
CA ILE A 472 7.90 19.52 -46.59
C ILE A 472 7.81 18.03 -46.26
N LYS A 473 7.12 17.27 -47.11
CA LYS A 473 7.12 15.83 -47.07
C LYS A 473 8.37 15.28 -47.75
N ALA A 474 9.44 15.06 -46.98
CA ALA A 474 10.69 14.46 -47.48
C ALA A 474 10.37 13.09 -48.10
N THR A 475 9.52 12.33 -47.43
CA THR A 475 8.95 11.09 -47.93
C THR A 475 7.49 11.08 -47.50
N ASP A 476 6.77 10.00 -47.76
CA ASP A 476 5.38 9.91 -47.32
C ASP A 476 5.34 9.40 -45.87
N LYS A 477 6.51 9.24 -45.25
CA LYS A 477 6.62 8.83 -43.84
C LYS A 477 7.24 9.94 -42.97
N ILE A 478 7.89 10.91 -43.63
CA ILE A 478 8.73 11.90 -42.94
C ILE A 478 8.31 13.30 -43.41
N SER A 479 7.89 14.14 -42.46
CA SER A 479 7.59 15.53 -42.71
C SER A 479 8.53 16.41 -41.86
N VAL A 480 9.02 17.49 -42.47
N VAL A 480 9.02 17.49 -42.47
CA VAL A 480 9.74 18.53 -41.79
CA VAL A 480 9.75 18.54 -41.78
C VAL A 480 8.92 19.82 -41.92
C VAL A 480 8.92 19.82 -41.92
N TYR A 481 8.90 20.63 -40.86
CA TYR A 481 8.01 21.81 -40.81
C TYR A 481 8.61 22.93 -39.99
N ALA A 482 8.11 24.15 -40.25
CA ALA A 482 8.44 25.32 -39.48
C ALA A 482 7.22 26.25 -39.47
N ASN A 483 7.08 27.05 -38.42
CA ASN A 483 5.97 28.00 -38.34
C ASN A 483 6.42 29.26 -37.60
N TYR A 484 5.78 30.37 -37.96
CA TYR A 484 5.68 31.56 -37.15
C TYR A 484 4.19 31.85 -36.93
N ILE A 485 3.82 32.11 -35.68
CA ILE A 485 2.43 32.36 -35.34
C ILE A 485 2.39 33.05 -33.98
N GLU A 486 1.29 33.73 -33.72
CA GLU A 486 1.18 34.57 -32.57
C GLU A 486 -0.01 34.12 -31.71
N GLY A 487 0.02 34.54 -30.44
CA GLY A 487 -1.14 34.52 -29.56
C GLY A 487 -1.48 35.92 -29.10
N LEU A 488 -2.76 36.15 -28.80
CA LEU A 488 -3.25 37.47 -28.38
C LEU A 488 -3.82 37.40 -26.95
N THR A 489 -3.60 38.46 -26.21
CA THR A 489 -4.12 38.65 -24.89
C THR A 489 -4.64 40.09 -24.79
N LYS A 490 -5.82 40.23 -24.20
CA LYS A 490 -6.43 41.53 -23.96
C LYS A 490 -5.41 42.46 -23.31
N GLY A 491 -5.29 43.68 -23.84
CA GLY A 491 -4.43 44.71 -23.26
C GLY A 491 -4.92 45.14 -21.90
N ASP A 492 -3.98 45.43 -21.00
CA ASP A 492 -4.30 45.99 -19.68
C ASP A 492 -4.55 47.49 -19.80
N GLN A 493 -5.09 48.07 -18.72
CA GLN A 493 -5.37 49.49 -18.62
C GLN A 493 -4.48 50.11 -17.53
N ALA A 494 -3.84 51.24 -17.85
CA ALA A 494 -3.00 51.93 -16.92
C ALA A 494 -3.86 52.46 -15.77
N PRO A 495 -3.39 52.35 -14.51
CA PRO A 495 -4.15 52.85 -13.36
C PRO A 495 -4.12 54.39 -13.27
N ALA A 496 -4.98 54.95 -12.42
CA ALA A 496 -5.16 56.41 -12.28
C ALA A 496 -3.86 57.08 -11.78
N THR A 497 -2.93 56.25 -11.27
CA THR A 497 -1.72 56.73 -10.60
C THR A 497 -0.57 56.89 -11.61
N ALA A 498 -0.85 56.66 -12.90
CA ALA A 498 0.18 56.57 -13.92
C ALA A 498 0.34 57.91 -14.64
N SER A 499 1.46 58.08 -15.35
CA SER A 499 1.70 59.20 -16.24
C SER A 499 0.76 59.12 -17.46
N ASN A 500 0.33 57.90 -17.80
CA ASN A 500 -0.54 57.67 -18.95
C ASN A 500 -1.86 57.09 -18.44
N PRO A 501 -2.55 57.76 -17.49
CA PRO A 501 -3.65 57.14 -16.74
C PRO A 501 -4.79 56.75 -17.69
N GLY A 502 -5.35 55.55 -17.50
CA GLY A 502 -6.55 55.11 -18.24
C GLY A 502 -6.23 54.61 -19.65
N GLU A 503 -4.97 54.71 -20.08
CA GLU A 503 -4.59 54.20 -21.39
C GLU A 503 -4.87 52.69 -21.43
N ILE A 504 -5.53 52.25 -22.51
CA ILE A 504 -5.80 50.82 -22.75
C ILE A 504 -4.91 50.32 -23.89
N PHE A 505 -4.03 49.36 -23.59
CA PHE A 505 -3.16 48.79 -24.58
C PHE A 505 -3.97 47.96 -25.58
N PRO A 506 -3.49 47.82 -26.83
CA PRO A 506 -4.08 46.89 -27.79
C PRO A 506 -3.80 45.45 -27.37
N PRO A 507 -4.48 44.47 -27.98
CA PRO A 507 -4.15 43.06 -27.76
C PRO A 507 -2.65 42.81 -27.91
N GLN A 508 -2.08 42.08 -26.95
CA GLN A 508 -0.66 41.92 -26.80
C GLN A 508 -0.24 40.61 -27.46
N LYS A 509 0.88 40.66 -28.18
CA LYS A 509 1.28 39.60 -29.08
C LYS A 509 2.31 38.70 -28.40
N THR A 510 1.90 37.47 -28.11
CA THR A 510 2.83 36.36 -27.92
C THR A 510 3.27 35.88 -29.31
N LYS A 511 4.56 35.53 -29.44
CA LYS A 511 5.19 35.21 -30.75
C LYS A 511 5.98 33.91 -30.64
N GLN A 512 5.67 32.96 -31.52
CA GLN A 512 6.32 31.66 -31.57
C GLN A 512 7.06 31.51 -32.91
N GLN A 513 8.27 30.94 -32.84
CA GLN A 513 8.91 30.29 -33.95
C GLN A 513 9.15 28.83 -33.60
N GLU A 514 8.89 27.95 -34.57
CA GLU A 514 8.97 26.52 -34.33
C GLU A 514 9.62 25.84 -35.53
N LEU A 515 10.48 24.86 -35.25
N LEU A 515 10.51 24.87 -35.26
CA LEU A 515 11.03 23.92 -36.25
CA LEU A 515 11.05 23.91 -36.24
C LEU A 515 10.79 22.49 -35.75
C LEU A 515 10.75 22.50 -35.73
N GLY A 516 10.40 21.60 -36.65
CA GLY A 516 9.93 20.27 -36.25
C GLY A 516 10.14 19.21 -37.31
N LEU A 517 10.07 17.96 -36.86
CA LEU A 517 10.25 16.77 -37.66
C LEU A 517 9.23 15.74 -37.16
N LYS A 518 8.51 15.11 -38.09
CA LYS A 518 7.58 14.05 -37.78
C LYS A 518 7.91 12.80 -38.60
N VAL A 519 7.76 11.62 -37.98
CA VAL A 519 8.10 10.33 -38.59
C VAL A 519 7.01 9.33 -38.22
N ASP A 520 6.31 8.82 -39.23
CA ASP A 520 5.39 7.69 -39.09
C ASP A 520 6.06 6.43 -39.64
N LEU A 521 6.46 5.51 -38.74
CA LEU A 521 7.15 4.26 -39.14
C LEU A 521 6.13 3.22 -39.59
N GLY A 522 4.83 3.51 -39.40
CA GLY A 522 3.76 2.57 -39.73
C GLY A 522 2.78 2.40 -38.59
N THR A 523 3.25 1.79 -37.49
CA THR A 523 2.41 1.59 -36.28
C THR A 523 2.98 2.38 -35.08
N PHE A 524 4.13 3.04 -35.28
CA PHE A 524 4.76 3.84 -34.24
C PHE A 524 5.25 5.17 -34.85
N ALA A 525 5.05 6.27 -34.12
CA ALA A 525 5.31 7.62 -34.66
C ALA A 525 6.13 8.45 -33.68
N HIS A 526 7.00 9.32 -34.22
CA HIS A 526 7.85 10.23 -33.47
C HIS A 526 7.57 11.67 -33.92
N THR A 527 7.65 12.60 -32.96
CA THR A 527 7.74 14.03 -33.23
C THR A 527 8.98 14.57 -32.49
N LEU A 528 9.78 15.38 -33.20
CA LEU A 528 10.84 16.18 -32.60
C LEU A 528 10.64 17.64 -33.02
N SER A 529 10.51 18.54 -32.04
CA SER A 529 10.29 19.95 -32.32
C SER A 529 11.05 20.82 -31.32
N ALA A 530 11.49 21.98 -31.81
CA ALA A 530 12.12 23.03 -31.02
C ALA A 530 11.36 24.33 -31.23
N PHE A 531 11.27 25.14 -30.19
CA PHE A 531 10.44 26.32 -30.25
C PHE A 531 11.03 27.42 -29.39
N GLU A 532 10.66 28.66 -29.72
CA GLU A 532 10.89 29.82 -28.92
C GLU A 532 9.59 30.65 -28.92
N ILE A 533 9.08 30.95 -27.73
CA ILE A 533 7.87 31.73 -27.57
C ILE A 533 8.15 32.87 -26.59
N THR A 534 7.96 34.11 -27.06
CA THR A 534 8.02 35.29 -26.21
C THR A 534 6.60 35.76 -25.90
N LYS A 535 6.36 36.04 -24.62
CA LYS A 535 5.09 36.57 -24.16
C LYS A 535 5.36 37.87 -23.42
N PRO A 536 4.75 38.99 -23.84
CA PRO A 536 4.92 40.25 -23.12
C PRO A 536 4.05 40.31 -21.86
N SER A 537 4.43 41.21 -20.94
CA SER A 537 3.59 41.60 -19.82
C SER A 537 3.66 43.11 -19.63
N SER A 538 2.70 43.65 -18.89
CA SER A 538 2.58 45.07 -18.65
C SER A 538 2.68 45.34 -17.14
N TYR A 539 3.26 46.48 -16.78
CA TYR A 539 3.39 46.85 -15.37
C TYR A 539 3.64 48.36 -15.26
N LEU A 540 3.37 48.90 -14.08
CA LEU A 540 3.69 50.27 -13.70
C LEU A 540 5.19 50.36 -13.36
N ASP A 541 5.91 51.20 -14.09
CA ASP A 541 7.37 51.24 -14.03
C ASP A 541 7.81 52.52 -13.33
N PRO A 542 8.35 52.42 -12.09
CA PRO A 542 8.79 53.61 -11.35
C PRO A 542 10.04 54.27 -11.96
N SER A 543 10.78 53.53 -12.79
CA SER A 543 12.08 53.98 -13.31
C SER A 543 11.92 54.82 -14.59
N LYS A 544 10.69 54.85 -15.15
CA LYS A 544 10.42 55.64 -16.36
C LYS A 544 9.39 56.72 -16.04
N LEU A 545 9.91 57.91 -15.72
CA LEU A 545 9.11 59.03 -15.20
C LEU A 545 8.69 59.94 -16.36
N VAL A 546 7.41 60.32 -16.35
CA VAL A 546 6.86 61.31 -17.27
C VAL A 546 5.94 62.23 -16.45
N ASN A 547 6.16 63.55 -16.55
CA ASN A 547 5.64 64.53 -15.58
C ASN A 547 5.82 63.99 -14.16
N ASN A 548 7.02 63.44 -13.89
CA ASN A 548 7.42 62.99 -12.56
C ASN A 548 6.42 61.96 -12.01
N LEU A 549 5.83 61.16 -12.92
CA LEU A 549 4.88 60.10 -12.55
C LEU A 549 5.31 58.77 -13.19
N PRO A 550 5.09 57.63 -12.52
CA PRO A 550 5.43 56.32 -13.09
C PRO A 550 4.60 56.02 -14.36
N THR A 551 5.23 55.40 -15.35
CA THR A 551 4.58 55.11 -16.64
C THR A 551 4.20 53.63 -16.69
N PHE A 552 2.98 53.37 -17.17
CA PHE A 552 2.50 52.02 -17.45
C PHE A 552 2.97 51.61 -18.85
N VAL A 553 3.69 50.48 -18.92
CA VAL A 553 4.41 50.06 -20.13
C VAL A 553 4.14 48.57 -20.38
N SER A 554 4.35 48.14 -21.63
CA SER A 554 4.20 46.75 -22.03
C SER A 554 5.59 46.13 -22.33
N ASP A 555 6.57 46.45 -21.50
CA ASP A 555 7.99 46.17 -21.76
C ASP A 555 8.42 44.82 -21.15
N GLY A 556 7.55 44.22 -20.34
CA GLY A 556 7.84 42.93 -19.70
C GLY A 556 7.92 41.81 -20.73
N GLU A 557 8.74 40.78 -20.46
CA GLU A 557 8.84 39.67 -21.38
C GLU A 557 9.27 38.40 -20.62
N GLN A 558 8.63 37.29 -21.00
CA GLN A 558 9.06 35.93 -20.70
C GLN A 558 9.34 35.22 -22.02
N ARG A 559 10.42 34.45 -22.06
CA ARG A 559 10.84 33.74 -23.25
C ARG A 559 11.02 32.27 -22.91
N ASN A 560 10.19 31.42 -23.51
CA ASN A 560 10.24 29.99 -23.34
C ASN A 560 10.89 29.38 -24.59
N ARG A 561 12.04 28.75 -24.40
CA ARG A 561 12.67 27.92 -25.41
C ARG A 561 12.56 26.47 -24.99
N GLY A 562 12.25 25.59 -25.94
CA GLY A 562 12.01 24.19 -25.63
C GLY A 562 12.43 23.26 -26.76
N ILE A 563 12.78 22.02 -26.39
CA ILE A 563 12.88 20.86 -27.27
C ILE A 563 11.93 19.79 -26.75
N GLU A 564 11.16 19.19 -27.66
N GLU A 564 11.14 19.20 -27.65
CA GLU A 564 10.20 18.13 -27.35
CA GLU A 564 10.23 18.12 -27.34
C GLU A 564 10.49 16.93 -28.25
C GLU A 564 10.51 16.92 -28.25
N TRP A 565 10.67 15.75 -27.63
CA TRP A 565 10.64 14.46 -28.33
C TRP A 565 9.52 13.60 -27.75
N SER A 566 8.55 13.25 -28.58
CA SER A 566 7.42 12.46 -28.14
C SER A 566 7.06 11.44 -29.23
N PHE A 567 6.23 10.47 -28.84
CA PHE A 567 6.01 9.29 -29.64
C PHE A 567 4.73 8.61 -29.16
N PHE A 568 4.13 7.82 -30.05
CA PHE A 568 2.95 7.08 -29.73
C PHE A 568 2.82 5.88 -30.68
N GLY A 569 1.99 4.93 -30.27
CA GLY A 569 1.61 3.82 -31.09
C GLY A 569 2.08 2.52 -30.49
N SER A 570 2.35 1.57 -31.39
CA SER A 570 2.73 0.22 -31.05
C SER A 570 4.06 -0.08 -31.70
N PRO A 571 5.17 -0.07 -30.92
CA PRO A 571 6.50 -0.28 -31.46
C PRO A 571 6.81 -1.75 -31.75
N ILE A 572 6.07 -2.66 -31.10
CA ILE A 572 6.09 -4.09 -31.39
C ILE A 572 4.72 -4.65 -31.04
N GLU A 573 4.46 -5.89 -31.49
CA GLU A 573 3.16 -6.49 -31.36
C GLU A 573 2.85 -6.66 -29.87
N HIS A 574 1.60 -6.35 -29.50
CA HIS A 574 1.05 -6.56 -28.16
C HIS A 574 1.57 -5.51 -27.16
N VAL A 575 2.29 -4.50 -27.65
CA VAL A 575 2.83 -3.40 -26.81
C VAL A 575 2.35 -2.06 -27.36
N ARG A 576 1.88 -1.18 -26.45
CA ARG A 576 1.66 0.23 -26.76
C ARG A 576 2.55 1.09 -25.87
N LEU A 577 3.07 2.17 -26.46
N LEU A 577 3.12 2.13 -26.47
CA LEU A 577 4.02 3.06 -25.81
CA LEU A 577 4.05 3.05 -25.80
C LEU A 577 3.69 4.49 -26.25
C LEU A 577 3.70 4.48 -26.24
N MET A 578 3.55 5.38 -25.26
CA MET A 578 3.25 6.76 -25.53
C MET A 578 3.94 7.60 -24.46
N GLY A 579 4.62 8.67 -24.89
CA GLY A 579 5.33 9.53 -23.97
C GLY A 579 6.37 10.37 -24.66
N GLY A 580 7.31 10.89 -23.86
CA GLY A 580 8.45 11.62 -24.40
C GLY A 580 9.24 12.37 -23.33
N PHE A 581 10.12 13.25 -23.82
CA PHE A 581 11.02 14.03 -23.01
C PHE A 581 10.93 15.47 -23.52
N THR A 582 11.01 16.44 -22.59
CA THR A 582 11.14 17.84 -22.95
C THR A 582 12.20 18.48 -22.06
N TYR A 583 12.96 19.40 -22.66
CA TYR A 583 13.70 20.43 -21.96
C TYR A 583 13.07 21.79 -22.27
N LEU A 584 12.85 22.58 -21.23
CA LEU A 584 12.20 23.86 -21.29
C LEU A 584 13.07 24.86 -20.54
N ASP A 585 13.37 26.00 -21.17
CA ASP A 585 14.04 27.10 -20.54
C ASP A 585 13.08 28.28 -20.51
N PRO A 586 12.33 28.47 -19.41
CA PRO A 586 11.37 29.56 -19.29
C PRO A 586 11.99 30.72 -18.53
N GLU A 587 12.38 31.77 -19.26
CA GLU A 587 13.23 32.78 -18.70
C GLU A 587 12.49 34.12 -18.66
N LEU A 588 12.56 34.79 -17.51
CA LEU A 588 12.07 36.16 -17.38
C LEU A 588 13.14 37.12 -17.91
N THR A 589 12.98 37.55 -19.17
CA THR A 589 14.05 38.28 -19.86
C THR A 589 13.97 39.78 -19.51
N LYS A 590 12.76 40.29 -19.26
CA LYS A 590 12.57 41.71 -18.89
C LYS A 590 11.47 41.83 -17.83
N THR A 591 11.85 42.37 -16.66
CA THR A 591 10.99 42.46 -15.49
C THR A 591 11.05 43.89 -14.94
N LYS A 592 10.04 44.25 -14.14
CA LYS A 592 9.98 45.54 -13.46
C LYS A 592 11.31 45.84 -12.78
N SER A 593 11.95 46.95 -13.20
CA SER A 593 13.17 47.51 -12.58
C SER A 593 14.38 46.61 -12.83
N GLY A 594 14.21 45.59 -13.66
CA GLY A 594 15.28 44.65 -13.99
C GLY A 594 15.61 43.68 -12.85
N GLY A 595 14.86 43.77 -11.74
CA GLY A 595 15.15 42.97 -10.50
C GLY A 595 15.31 41.48 -10.78
N ASN A 596 14.43 40.92 -11.62
CA ASN A 596 14.33 39.48 -11.79
C ASN A 596 14.78 39.08 -13.22
N ASP A 597 15.40 40.01 -13.94
CA ASP A 597 15.96 39.72 -15.30
C ASP A 597 16.87 38.48 -15.23
N GLY A 598 16.61 37.51 -16.10
CA GLY A 598 17.45 36.31 -16.21
C GLY A 598 16.99 35.18 -15.30
N HIS A 599 16.00 35.45 -14.43
CA HIS A 599 15.48 34.43 -13.55
C HIS A 599 14.64 33.41 -14.34
N THR A 600 14.41 32.24 -13.74
CA THR A 600 13.51 31.23 -14.28
C THR A 600 12.06 31.50 -13.84
N ALA A 601 11.12 31.31 -14.76
CA ALA A 601 9.69 31.47 -14.49
C ALA A 601 9.25 30.47 -13.41
N VAL A 602 8.23 30.87 -12.66
CA VAL A 602 7.70 30.08 -11.55
C VAL A 602 6.93 28.88 -12.11
N ALA A 603 6.82 27.83 -11.28
CA ALA A 603 5.73 26.84 -11.32
C ALA A 603 6.09 25.66 -12.22
N VAL A 604 6.77 25.96 -13.34
CA VAL A 604 6.98 24.93 -14.37
C VAL A 604 8.35 24.30 -14.17
N PRO A 605 8.46 22.98 -14.40
CA PRO A 605 9.75 22.30 -14.43
C PRO A 605 10.49 22.52 -15.75
N LYS A 606 11.82 22.47 -15.69
CA LYS A 606 12.64 22.61 -16.88
C LYS A 606 12.73 21.27 -17.63
N ASN A 607 12.58 20.15 -16.90
CA ASN A 607 12.75 18.82 -17.47
C ASN A 607 11.54 17.94 -17.13
N GLN A 608 11.01 17.25 -18.14
CA GLN A 608 9.95 16.26 -17.95
C GLN A 608 10.27 15.00 -18.76
N ALA A 609 10.00 13.85 -18.16
CA ALA A 609 10.00 12.58 -18.86
C ALA A 609 8.74 11.82 -18.47
N LYS A 610 8.01 11.37 -19.48
CA LYS A 610 6.78 10.65 -19.27
C LYS A 610 6.76 9.44 -20.19
N LEU A 611 6.29 8.31 -19.64
CA LEU A 611 6.15 7.09 -20.38
C LEU A 611 4.93 6.34 -19.86
N GLY A 612 3.99 6.09 -20.76
CA GLY A 612 2.94 5.14 -20.57
C GLY A 612 3.14 3.94 -21.47
N ALA A 613 2.98 2.74 -20.89
CA ALA A 613 3.19 1.50 -21.60
C ALA A 613 2.05 0.55 -21.27
N GLU A 614 1.62 -0.22 -22.29
CA GLU A 614 0.63 -1.27 -22.12
C GLU A 614 1.17 -2.54 -22.80
N TRP A 615 0.86 -3.68 -22.18
CA TRP A 615 1.25 -5.00 -22.65
C TRP A 615 0.01 -5.90 -22.62
N ASP A 616 -0.31 -6.51 -23.77
CA ASP A 616 -1.48 -7.41 -23.92
C ASP A 616 -1.01 -8.88 -23.91
N THR A 617 -1.81 -9.74 -23.30
CA THR A 617 -1.61 -11.18 -23.39
C THR A 617 -2.98 -11.87 -23.38
N GLN A 618 -3.09 -12.97 -24.12
CA GLN A 618 -4.31 -13.81 -24.14
C GLN A 618 -4.39 -14.60 -22.82
N VAL A 619 -5.57 -14.59 -22.20
CA VAL A 619 -5.81 -15.26 -20.92
C VAL A 619 -7.24 -15.78 -20.90
N ALA A 620 -7.38 -17.12 -20.99
CA ALA A 620 -8.66 -17.78 -21.16
C ALA A 620 -9.38 -17.17 -22.37
N GLN A 621 -10.66 -16.84 -22.20
CA GLN A 621 -11.47 -16.24 -23.26
C GLN A 621 -11.45 -14.71 -23.16
N GLY A 622 -10.26 -14.10 -23.29
CA GLY A 622 -10.14 -12.64 -23.19
C GLY A 622 -8.72 -12.13 -23.33
N THR A 623 -8.59 -10.81 -23.35
CA THR A 623 -7.31 -10.13 -23.42
C THR A 623 -7.07 -9.41 -22.08
N LEU A 624 -5.91 -9.71 -21.49
CA LEU A 624 -5.44 -9.05 -20.30
C LEU A 624 -4.39 -8.02 -20.70
N THR A 625 -4.61 -6.78 -20.27
CA THR A 625 -3.65 -5.69 -20.48
C THR A 625 -3.09 -5.27 -19.13
N LEU A 626 -1.76 -5.17 -19.05
CA LEU A 626 -1.08 -4.57 -17.92
C LEU A 626 -0.49 -3.23 -18.37
N SER A 627 -0.60 -2.22 -17.50
CA SER A 627 -0.20 -0.88 -17.86
C SER A 627 0.65 -0.27 -16.74
N GLY A 628 1.54 0.62 -17.14
CA GLY A 628 2.32 1.41 -16.24
C GLY A 628 2.57 2.78 -16.79
N ASN A 629 2.69 3.75 -15.88
CA ASN A 629 3.05 5.10 -16.21
C ASN A 629 4.11 5.59 -15.24
N ILE A 630 5.09 6.30 -15.79
CA ILE A 630 6.00 7.08 -15.01
C ILE A 630 5.90 8.54 -15.46
N ASN A 631 6.03 9.43 -14.47
CA ASN A 631 6.01 10.87 -14.68
C ASN A 631 7.08 11.49 -13.76
N ALA A 632 8.17 11.94 -14.39
CA ALA A 632 9.33 12.48 -13.69
C ALA A 632 9.58 13.92 -14.14
N VAL A 633 9.70 14.82 -13.16
CA VAL A 633 9.96 16.23 -13.44
C VAL A 633 11.02 16.74 -12.47
N SER A 634 11.70 17.80 -12.90
CA SER A 634 12.70 18.47 -12.12
C SER A 634 12.04 19.60 -11.31
N LYS A 635 12.87 20.36 -10.60
CA LYS A 635 12.41 21.31 -9.61
C LYS A 635 11.66 22.48 -10.30
N GLN A 636 10.86 23.18 -9.49
CA GLN A 636 10.14 24.37 -9.94
C GLN A 636 10.36 25.48 -8.92
N TYR A 637 10.46 26.72 -9.40
CA TYR A 637 10.58 27.87 -8.53
C TYR A 637 9.18 28.32 -8.11
N ILE A 638 9.10 28.85 -6.90
CA ILE A 638 7.85 29.23 -6.31
C ILE A 638 7.67 30.74 -6.40
N ASN A 639 8.78 31.50 -6.42
CA ASN A 639 8.73 32.94 -6.66
C ASN A 639 9.68 33.33 -7.81
N ALA A 640 9.45 34.51 -8.35
CA ALA A 640 10.19 35.04 -9.52
C ALA A 640 11.60 35.50 -9.10
N GLU A 641 11.78 35.75 -7.80
CA GLU A 641 13.11 36.04 -7.23
C GLU A 641 13.97 34.77 -7.25
N ASN A 642 13.31 33.60 -7.39
CA ASN A 642 13.98 32.30 -7.47
C ASN A 642 14.70 31.98 -6.14
N THR A 643 14.18 32.51 -5.03
CA THR A 643 14.74 32.25 -3.69
C THR A 643 13.93 31.15 -2.97
N LEU A 644 12.80 30.74 -3.56
CA LEU A 644 12.02 29.59 -3.08
C LEU A 644 11.76 28.64 -4.24
N SER A 645 11.91 27.35 -3.97
CA SER A 645 11.70 26.31 -4.94
C SER A 645 11.16 25.05 -4.26
N VAL A 646 10.60 24.14 -5.06
CA VAL A 646 10.25 22.81 -4.60
C VAL A 646 10.96 21.81 -5.51
N PRO A 647 11.42 20.66 -4.96
CA PRO A 647 12.15 19.68 -5.75
C PRO A 647 11.30 19.00 -6.85
N GLY A 648 11.98 18.37 -7.80
CA GLY A 648 11.38 17.42 -8.72
C GLY A 648 10.71 16.28 -7.99
N ARG A 649 9.85 15.55 -8.68
CA ARG A 649 9.25 14.36 -8.14
C ARG A 649 8.93 13.38 -9.28
N THR A 650 8.89 12.08 -8.92
CA THR A 650 8.55 11.01 -9.81
C THR A 650 7.33 10.30 -9.26
N LEU A 651 6.33 10.10 -10.12
CA LEU A 651 5.08 9.46 -9.76
C LEU A 651 4.91 8.22 -10.65
N LEU A 652 4.41 7.15 -10.06
CA LEU A 652 4.15 5.91 -10.76
C LEU A 652 2.64 5.63 -10.75
N ASP A 653 2.15 5.07 -11.85
CA ASP A 653 0.78 4.54 -11.91
C ASP A 653 0.84 3.14 -12.52
N VAL A 654 -0.11 2.28 -12.15
CA VAL A 654 -0.24 0.94 -12.70
C VAL A 654 -1.71 0.66 -12.95
N GLY A 655 -1.97 -0.19 -13.94
CA GLY A 655 -3.28 -0.58 -14.29
C GLY A 655 -3.32 -2.01 -14.77
N ALA A 656 -4.52 -2.59 -14.71
CA ALA A 656 -4.84 -3.82 -15.40
C ALA A 656 -6.24 -3.69 -16.00
N ARG A 657 -6.42 -4.33 -17.15
CA ARG A 657 -7.63 -4.26 -17.91
C ARG A 657 -7.90 -5.67 -18.46
N TYR A 658 -9.13 -6.15 -18.31
CA TYR A 658 -9.54 -7.42 -18.89
C TYR A 658 -10.78 -7.21 -19.77
N SER A 659 -10.61 -7.51 -21.06
N SER A 659 -10.61 -7.52 -21.06
CA SER A 659 -11.69 -7.44 -22.03
CA SER A 659 -11.69 -7.44 -22.02
C SER A 659 -12.07 -8.85 -22.49
C SER A 659 -12.07 -8.85 -22.49
N THR A 660 -13.36 -9.18 -22.37
CA THR A 660 -13.86 -10.49 -22.70
C THR A 660 -15.30 -10.31 -23.24
N LYS A 661 -16.04 -11.42 -23.33
CA LYS A 661 -17.47 -11.39 -23.66
C LYS A 661 -18.24 -12.26 -22.66
N VAL A 662 -19.46 -11.85 -22.36
CA VAL A 662 -20.39 -12.61 -21.54
C VAL A 662 -21.66 -12.82 -22.36
N GLU A 663 -21.92 -14.08 -22.74
CA GLU A 663 -23.02 -14.44 -23.68
C GLU A 663 -22.92 -13.57 -24.93
N ASP A 664 -21.68 -13.30 -25.36
CA ASP A 664 -21.40 -12.62 -26.62
C ASP A 664 -21.55 -11.08 -26.47
N HIS A 665 -21.83 -10.59 -25.26
CA HIS A 665 -21.80 -9.14 -24.97
C HIS A 665 -20.40 -8.71 -24.50
N PRO A 666 -19.71 -7.79 -25.23
CA PRO A 666 -18.45 -7.22 -24.76
C PRO A 666 -18.54 -6.67 -23.32
N VAL A 667 -17.55 -7.06 -22.49
CA VAL A 667 -17.42 -6.63 -21.10
C VAL A 667 -15.94 -6.26 -20.86
N THR A 668 -15.72 -5.12 -20.21
CA THR A 668 -14.37 -4.69 -19.88
C THR A 668 -14.28 -4.33 -18.40
N PHE A 669 -13.28 -4.90 -17.72
CA PHE A 669 -12.93 -4.59 -16.33
C PHE A 669 -11.64 -3.78 -16.33
N ARG A 670 -11.62 -2.70 -15.53
CA ARG A 670 -10.50 -1.78 -15.48
C ARG A 670 -10.17 -1.47 -14.02
N ALA A 671 -8.89 -1.59 -13.67
CA ALA A 671 -8.39 -1.21 -12.36
C ALA A 671 -7.13 -0.38 -12.53
N ASN A 672 -7.08 0.75 -11.82
CA ASN A 672 -5.96 1.67 -11.92
C ASN A 672 -5.58 2.14 -10.50
N ILE A 673 -4.28 2.25 -10.25
CA ILE A 673 -3.78 2.97 -9.13
C ILE A 673 -2.90 4.10 -9.64
N TYR A 674 -3.22 5.31 -9.18
CA TYR A 674 -2.47 6.50 -9.53
C TYR A 674 -1.70 6.98 -8.30
N ASN A 675 -0.48 7.47 -8.53
CA ASN A 675 0.47 7.83 -7.49
C ASN A 675 0.64 6.64 -6.54
N LEU A 676 1.13 5.52 -7.08
CA LEU A 676 1.05 4.27 -6.34
C LEU A 676 2.00 4.30 -5.13
N THR A 677 3.04 5.13 -5.15
CA THR A 677 3.95 5.27 -4.00
C THR A 677 3.40 6.26 -2.96
N ASN A 678 2.26 6.90 -3.26
CA ASN A 678 1.65 7.87 -2.35
C ASN A 678 2.65 8.98 -1.99
N LYS A 679 3.40 9.43 -3.00
CA LYS A 679 4.35 10.52 -2.85
C LYS A 679 3.62 11.82 -2.45
N ALA A 680 4.13 12.43 -1.38
CA ALA A 680 3.73 13.75 -0.93
C ALA A 680 4.62 14.79 -1.57
N TYR A 681 4.02 15.79 -2.22
CA TYR A 681 4.78 16.84 -2.89
C TYR A 681 3.96 18.13 -2.96
N TRP A 682 4.70 19.25 -2.86
CA TRP A 682 4.21 20.58 -3.14
C TRP A 682 4.36 20.84 -4.63
N ALA A 683 3.38 21.55 -5.21
CA ALA A 683 3.51 22.18 -6.54
C ALA A 683 2.65 23.44 -6.57
N GLN A 684 2.84 24.28 -7.60
CA GLN A 684 2.22 25.60 -7.59
C GLN A 684 0.88 25.56 -8.34
N PRO A 685 -0.24 25.85 -7.65
CA PRO A 685 -1.53 26.06 -8.29
C PRO A 685 -1.73 27.51 -8.75
N GLN A 686 -2.95 27.83 -9.20
CA GLN A 686 -3.35 29.19 -9.50
C GLN A 686 -3.58 29.96 -8.18
N LEU A 687 -3.07 31.20 -8.13
CA LEU A 687 -3.48 32.26 -7.17
C LEU A 687 -2.75 32.11 -5.82
N THR A 688 -2.52 30.86 -5.38
CA THR A 688 -1.70 30.59 -4.20
C THR A 688 -0.37 29.94 -4.62
N ASN A 689 0.59 29.96 -3.69
CA ASN A 689 1.98 29.54 -3.96
C ASN A 689 2.10 28.02 -4.10
N LEU A 690 1.40 27.26 -3.24
CA LEU A 690 1.64 25.79 -3.07
C LEU A 690 0.32 25.04 -2.89
N ALA A 691 0.28 23.80 -3.38
CA ALA A 691 -0.72 22.86 -2.94
C ALA A 691 -0.13 21.45 -3.03
N LEU A 692 -0.65 20.55 -2.19
CA LEU A 692 -0.29 19.14 -2.21
C LEU A 692 -0.85 18.47 -3.47
N GLY A 693 -0.01 17.69 -4.14
CA GLY A 693 -0.42 16.76 -5.16
C GLY A 693 -1.37 15.69 -4.64
N ALA A 694 -2.16 15.11 -5.56
CA ALA A 694 -3.13 14.08 -5.24
C ALA A 694 -2.41 12.88 -4.63
N PRO A 695 -3.01 12.22 -3.63
CA PRO A 695 -2.45 11.00 -3.06
C PRO A 695 -2.72 9.76 -3.92
N ARG A 696 -2.27 8.60 -3.44
CA ARG A 696 -2.65 7.33 -4.00
C ARG A 696 -4.16 7.28 -4.16
N THR A 697 -4.60 6.94 -5.38
CA THR A 697 -6.00 6.91 -5.74
C THR A 697 -6.28 5.60 -6.50
N TYR A 698 -7.27 4.84 -6.02
CA TYR A 698 -7.74 3.61 -6.71
C TYR A 698 -8.97 3.92 -7.55
N MET A 699 -8.99 3.39 -8.77
CA MET A 699 -10.11 3.52 -9.67
C MET A 699 -10.50 2.15 -10.22
N LEU A 700 -11.81 1.83 -10.14
CA LEU A 700 -12.38 0.61 -10.74
C LEU A 700 -13.56 0.99 -11.63
N SER A 701 -13.66 0.31 -12.78
CA SER A 701 -14.83 0.41 -13.62
C SER A 701 -15.11 -0.94 -14.29
N VAL A 702 -16.39 -1.22 -14.48
N VAL A 702 -16.40 -1.23 -14.48
CA VAL A 702 -16.88 -2.31 -15.32
CA VAL A 702 -16.86 -2.33 -15.32
C VAL A 702 -17.85 -1.75 -16.36
C VAL A 702 -17.86 -1.77 -16.35
N SER A 703 -17.63 -2.10 -17.62
CA SER A 703 -18.49 -1.68 -18.70
C SER A 703 -19.11 -2.90 -19.39
N TYR A 704 -20.37 -2.72 -19.85
CA TYR A 704 -21.17 -3.75 -20.50
C TYR A 704 -21.82 -3.17 -21.77
N ASP A 705 -21.63 -3.85 -22.91
CA ASP A 705 -22.28 -3.48 -24.20
C ASP A 705 -23.55 -4.31 -24.42
N PHE A 706 -24.70 -3.63 -24.50
CA PHE A 706 -26.00 -4.28 -24.69
C PHE A 706 -26.14 -4.75 -26.14
N ASP B 36 28.85 -25.30 -12.47
CA ASP B 36 29.21 -24.79 -11.12
C ASP B 36 27.93 -24.40 -10.35
N THR B 37 26.93 -23.87 -11.04
CA THR B 37 25.73 -23.35 -10.37
C THR B 37 24.80 -24.53 -10.04
N TYR B 38 24.12 -24.41 -8.91
CA TYR B 38 23.21 -25.43 -8.41
C TYR B 38 21.84 -25.21 -9.06
N ALA B 39 20.96 -26.20 -8.92
CA ALA B 39 19.58 -26.09 -9.38
C ALA B 39 18.98 -24.76 -8.88
N GLY B 40 18.39 -23.99 -9.81
CA GLY B 40 17.79 -22.71 -9.49
C GLY B 40 18.62 -21.54 -10.00
N GLY B 41 19.92 -21.76 -10.20
CA GLY B 41 20.82 -20.75 -10.81
C GLY B 41 21.27 -19.67 -9.82
N GLN B 42 20.90 -19.80 -8.54
CA GLN B 42 21.03 -18.67 -7.61
C GLN B 42 22.20 -18.90 -6.63
N VAL B 43 22.58 -20.16 -6.47
CA VAL B 43 23.63 -20.59 -5.57
C VAL B 43 24.62 -21.47 -6.36
N ALA B 44 25.91 -21.37 -6.00
CA ALA B 44 26.98 -22.19 -6.58
C ALA B 44 27.29 -23.40 -5.67
N THR B 45 27.93 -24.42 -6.26
CA THR B 45 28.13 -25.73 -5.61
C THR B 45 29.50 -25.80 -4.91
N SER B 46 30.32 -24.76 -5.12
N SER B 46 30.33 -24.77 -5.13
CA SER B 46 31.63 -24.67 -4.51
CA SER B 46 31.65 -24.66 -4.54
C SER B 46 31.90 -23.23 -4.05
C SER B 46 31.89 -23.23 -4.05
N SER B 47 32.82 -23.08 -3.10
CA SER B 47 33.34 -21.76 -2.70
C SER B 47 34.81 -21.87 -2.31
N ASN B 48 35.46 -20.71 -2.14
CA ASN B 48 36.85 -20.59 -1.75
C ASN B 48 36.94 -20.68 -0.23
N VAL B 49 37.64 -21.71 0.26
CA VAL B 49 37.77 -21.97 1.67
C VAL B 49 39.14 -21.47 2.13
N GLY B 50 39.31 -20.14 2.14
CA GLY B 50 40.61 -19.49 2.32
C GLY B 50 41.68 -20.15 1.46
N PHE B 51 42.86 -20.38 2.04
CA PHE B 51 44.02 -20.80 1.25
C PHE B 51 43.92 -22.30 0.90
N LEU B 52 42.89 -23.00 1.38
CA LEU B 52 42.58 -24.38 0.94
C LEU B 52 42.06 -24.38 -0.48
N GLY B 53 41.59 -23.22 -0.95
CA GLY B 53 41.09 -23.05 -2.32
C GLY B 53 39.65 -23.56 -2.49
N SER B 54 39.30 -23.83 -3.75
CA SER B 54 37.94 -24.17 -4.15
C SER B 54 37.58 -25.57 -3.63
N LYS B 55 36.48 -25.66 -2.90
CA LYS B 55 35.99 -26.94 -2.35
C LYS B 55 34.47 -27.01 -2.54
N LYS B 56 33.98 -28.22 -2.79
CA LYS B 56 32.58 -28.46 -3.04
C LYS B 56 31.83 -28.45 -1.71
N PHE B 57 30.53 -28.19 -1.80
CA PHE B 57 29.58 -28.15 -0.69
C PHE B 57 29.80 -29.35 0.25
N LEU B 58 29.75 -30.57 -0.31
CA LEU B 58 29.68 -31.78 0.49
C LEU B 58 31.08 -32.13 1.04
N ASP B 59 32.11 -31.43 0.54
CA ASP B 59 33.52 -31.69 0.90
C ASP B 59 34.06 -30.64 1.86
N THR B 60 33.23 -29.66 2.24
CA THR B 60 33.68 -28.51 3.03
C THR B 60 33.21 -28.67 4.46
N PRO B 61 34.13 -28.84 5.43
CA PRO B 61 33.77 -28.98 6.83
C PRO B 61 33.55 -27.63 7.52
N PHE B 62 32.90 -26.72 6.79
CA PHE B 62 32.47 -25.42 7.29
C PHE B 62 31.10 -25.10 6.69
N ASN B 63 30.34 -24.24 7.36
CA ASN B 63 29.08 -23.74 6.84
C ASN B 63 29.36 -22.60 5.85
N THR B 64 29.12 -22.88 4.57
CA THR B 64 29.48 -22.02 3.46
C THR B 64 28.26 -21.86 2.53
N ILE B 65 28.15 -20.70 1.89
CA ILE B 65 27.19 -20.49 0.85
C ILE B 65 27.79 -19.51 -0.17
N SER B 66 27.46 -19.71 -1.43
CA SER B 66 27.90 -18.86 -2.51
C SER B 66 26.68 -18.46 -3.37
N TYR B 67 26.46 -17.15 -3.48
CA TYR B 67 25.39 -16.57 -4.28
C TYR B 67 25.94 -16.14 -5.64
N THR B 68 25.12 -16.33 -6.71
CA THR B 68 25.52 -16.02 -8.10
C THR B 68 25.12 -14.58 -8.44
N ASP B 69 25.69 -14.07 -9.53
CA ASP B 69 25.33 -12.76 -10.09
C ASP B 69 23.85 -12.75 -10.50
N LYS B 70 23.31 -13.92 -10.84
CA LYS B 70 21.91 -14.05 -11.18
C LYS B 70 21.07 -13.66 -9.95
N TYR B 71 21.40 -14.23 -8.78
CA TYR B 71 20.69 -13.92 -7.53
C TYR B 71 20.81 -12.42 -7.24
N ILE B 72 22.00 -11.87 -7.45
CA ILE B 72 22.27 -10.48 -7.13
C ILE B 72 21.33 -9.60 -7.96
N GLU B 73 21.22 -9.89 -9.26
N GLU B 73 21.25 -9.88 -9.27
CA GLU B 73 20.40 -9.08 -10.16
CA GLU B 73 20.40 -9.14 -10.23
C GLU B 73 18.92 -9.29 -9.83
C GLU B 73 18.92 -9.30 -9.83
N ASP B 74 18.56 -10.53 -9.45
CA ASP B 74 17.15 -10.89 -9.09
C ASP B 74 16.69 -10.14 -7.83
N LYS B 75 17.60 -9.86 -6.90
CA LYS B 75 17.25 -9.10 -5.66
C LYS B 75 17.29 -7.59 -5.94
N GLN B 76 17.89 -7.21 -7.07
CA GLN B 76 18.26 -5.81 -7.35
C GLN B 76 19.08 -5.26 -6.17
N ALA B 77 20.00 -6.10 -5.67
CA ALA B 77 20.86 -5.77 -4.52
C ALA B 77 21.74 -4.56 -4.83
N LYS B 78 21.75 -3.59 -3.90
CA LYS B 78 22.52 -2.34 -4.04
C LYS B 78 23.77 -2.37 -3.16
N ASP B 79 23.85 -3.34 -2.24
CA ASP B 79 25.04 -3.55 -1.44
C ASP B 79 25.13 -5.03 -1.06
N ILE B 80 26.20 -5.39 -0.34
CA ILE B 80 26.51 -6.80 -0.06
C ILE B 80 25.47 -7.34 0.94
N THR B 81 25.04 -6.49 1.88
CA THR B 81 24.06 -6.84 2.91
C THR B 81 22.80 -7.43 2.24
N GLU B 82 22.33 -6.75 1.20
CA GLU B 82 21.10 -7.12 0.50
C GLU B 82 21.26 -8.47 -0.19
N VAL B 83 22.50 -8.93 -0.36
CA VAL B 83 22.77 -10.26 -0.92
C VAL B 83 22.78 -11.31 0.19
N ILE B 84 23.59 -11.07 1.24
CA ILE B 84 23.98 -12.14 2.15
C ILE B 84 23.01 -12.23 3.33
N ALA B 85 22.25 -11.16 3.63
CA ALA B 85 21.36 -11.12 4.84
C ALA B 85 19.93 -11.60 4.52
N ALA B 86 19.55 -11.58 3.25
CA ALA B 86 18.15 -11.69 2.87
C ALA B 86 17.57 -13.03 3.36
N THR B 87 18.29 -14.14 3.14
CA THR B 87 17.74 -15.46 3.39
C THR B 87 18.56 -16.26 4.43
N ASP B 88 19.64 -15.67 4.95
CA ASP B 88 20.58 -16.40 5.79
C ASP B 88 20.30 -16.07 7.26
N PRO B 89 19.81 -17.05 8.05
CA PRO B 89 19.39 -16.78 9.42
C PRO B 89 20.55 -16.67 10.42
N SER B 90 21.77 -16.91 9.95
CA SER B 90 22.95 -16.75 10.76
C SER B 90 23.56 -15.37 10.53
N ILE B 91 22.91 -14.56 9.68
CA ILE B 91 23.37 -13.17 9.43
C ILE B 91 22.26 -12.20 9.87
N TYR B 92 22.67 -11.12 10.56
CA TYR B 92 21.74 -10.14 11.04
C TYR B 92 22.25 -8.75 10.68
N THR B 93 21.34 -7.90 10.18
CA THR B 93 21.58 -6.48 10.02
C THR B 93 20.46 -5.69 10.72
N ASN B 94 20.79 -4.48 11.17
CA ASN B 94 19.84 -3.59 11.76
C ASN B 94 18.92 -3.00 10.67
N GLY B 95 19.38 -3.08 9.40
CA GLY B 95 18.53 -2.88 8.22
C GLY B 95 18.22 -1.40 7.95
N ALA B 96 19.02 -0.48 8.49
CA ALA B 96 18.80 0.95 8.21
C ALA B 96 19.18 1.28 6.77
N SER B 97 18.50 2.29 6.20
CA SER B 97 18.79 2.80 4.86
C SER B 97 19.75 3.99 4.95
N GLY B 98 20.81 3.96 4.16
CA GLY B 98 21.68 5.12 3.94
C GLY B 98 22.49 5.47 5.18
N GLY B 99 22.98 4.42 5.86
CA GLY B 99 24.00 4.57 6.89
C GLY B 99 25.35 4.98 6.30
N TRP B 100 26.30 5.30 7.19
CA TRP B 100 27.64 5.63 6.75
C TRP B 100 28.45 4.37 6.43
N SER B 101 27.92 3.18 6.77
CA SER B 101 28.48 1.90 6.30
C SER B 101 27.42 0.80 6.33
N GLU B 102 27.71 -0.31 5.67
CA GLU B 102 26.95 -1.54 5.88
C GLU B 102 27.21 -2.02 7.31
N ASN B 103 26.31 -2.84 7.83
CA ASN B 103 26.41 -3.37 9.19
C ASN B 103 25.72 -4.73 9.22
N TYR B 104 26.52 -5.78 9.44
CA TYR B 104 25.97 -7.10 9.61
C TYR B 104 26.81 -7.90 10.61
N TYR B 105 26.14 -8.82 11.30
CA TYR B 105 26.72 -9.83 12.14
C TYR B 105 26.62 -11.20 11.46
N ILE B 106 27.62 -12.05 11.73
CA ILE B 106 27.59 -13.44 11.32
C ILE B 106 27.84 -14.29 12.56
N ARG B 107 26.95 -15.26 12.79
CA ARG B 107 26.94 -16.09 13.98
C ARG B 107 27.01 -15.20 15.23
N GLY B 108 26.37 -14.03 15.15
CA GLY B 108 26.12 -13.17 16.30
C GLY B 108 27.33 -12.34 16.68
N TYR B 109 28.36 -12.33 15.80
CA TYR B 109 29.54 -11.43 15.96
C TYR B 109 29.64 -10.50 14.74
N ALA B 110 30.09 -9.27 14.99
CA ALA B 110 30.34 -8.28 13.95
C ALA B 110 31.25 -8.88 12.87
N SER B 111 30.91 -8.61 11.61
CA SER B 111 31.75 -8.90 10.48
C SER B 111 31.96 -7.62 9.69
N SER B 112 33.15 -7.03 9.84
CA SER B 112 33.44 -5.69 9.38
C SER B 112 33.48 -5.68 7.85
N THR B 113 32.96 -4.60 7.26
CA THR B 113 33.05 -4.39 5.82
C THR B 113 34.52 -4.34 5.39
N ASN B 114 35.39 -3.85 6.30
CA ASN B 114 36.84 -3.72 6.07
C ASN B 114 37.49 -5.09 5.78
N ASP B 115 36.80 -6.19 6.12
CA ASP B 115 37.42 -7.51 6.24
C ASP B 115 36.95 -8.46 5.13
N MET B 116 36.34 -7.92 4.08
CA MET B 116 35.95 -8.72 2.92
C MET B 116 37.20 -8.98 2.08
N SER B 117 37.20 -10.12 1.37
CA SER B 117 38.23 -10.42 0.42
C SER B 117 37.68 -10.29 -1.00
N MET B 118 38.58 -10.00 -1.94
CA MET B 118 38.34 -10.08 -3.38
C MET B 118 39.24 -11.16 -3.99
N ASN B 119 38.61 -12.19 -4.57
CA ASN B 119 39.32 -13.34 -5.11
C ASN B 119 40.36 -13.81 -4.09
N GLY B 120 39.96 -13.85 -2.81
CA GLY B 120 40.76 -14.47 -1.76
C GLY B 120 41.70 -13.47 -1.08
N LEU B 121 41.80 -12.26 -1.60
CA LEU B 121 42.81 -11.28 -1.11
C LEU B 121 42.11 -10.14 -0.35
N PHE B 122 42.67 -9.81 0.82
CA PHE B 122 42.12 -8.80 1.73
C PHE B 122 42.73 -7.44 1.39
N GLY B 123 42.07 -6.37 1.85
CA GLY B 123 42.53 -4.99 1.69
C GLY B 123 42.29 -4.39 0.29
N ILE B 124 41.40 -4.99 -0.51
CA ILE B 124 41.15 -4.52 -1.89
C ILE B 124 39.75 -3.89 -2.02
N THR B 125 38.75 -4.48 -1.37
CA THR B 125 37.33 -4.13 -1.54
C THR B 125 37.07 -2.72 -0.98
N PRO B 126 35.97 -2.05 -1.41
CA PRO B 126 35.57 -0.78 -0.79
C PRO B 126 35.47 -0.87 0.75
N PHE B 127 35.75 0.25 1.42
CA PHE B 127 35.98 0.28 2.87
C PHE B 127 34.68 -0.02 3.63
N TYR B 128 33.59 0.65 3.25
CA TYR B 128 32.38 0.73 4.11
C TYR B 128 31.11 0.22 3.40
N ARG B 129 31.04 0.34 2.07
CA ARG B 129 29.91 -0.16 1.31
C ARG B 129 30.34 -0.55 -0.11
N THR B 130 29.82 -1.69 -0.58
CA THR B 130 30.20 -2.24 -1.87
C THR B 130 28.95 -2.56 -2.69
N SER B 131 28.84 -1.91 -3.85
CA SER B 131 27.81 -2.24 -4.82
C SER B 131 28.26 -3.47 -5.61
N PRO B 132 27.40 -4.50 -5.76
CA PRO B 132 27.85 -5.82 -6.20
C PRO B 132 27.91 -6.11 -7.72
N GLU B 133 27.91 -5.07 -8.54
CA GLU B 133 27.76 -5.22 -9.99
C GLU B 133 28.96 -5.96 -10.59
N MET B 134 30.13 -5.93 -9.94
CA MET B 134 31.33 -6.42 -10.61
C MET B 134 31.65 -7.85 -10.20
N PHE B 135 30.73 -8.51 -9.48
CA PHE B 135 31.04 -9.82 -8.89
C PHE B 135 30.17 -10.90 -9.54
N GLY B 136 30.81 -12.03 -9.85
CA GLY B 136 30.15 -13.22 -10.34
C GLY B 136 29.66 -14.11 -9.21
N ARG B 137 30.29 -13.99 -8.03
CA ARG B 137 29.87 -14.73 -6.83
C ARG B 137 30.07 -13.85 -5.60
N VAL B 138 29.21 -14.06 -4.59
CA VAL B 138 29.40 -13.54 -3.25
C VAL B 138 29.34 -14.72 -2.29
N GLU B 139 30.48 -15.03 -1.66
CA GLU B 139 30.64 -16.25 -0.89
C GLU B 139 30.75 -15.88 0.59
N VAL B 140 30.13 -16.71 1.44
CA VAL B 140 30.18 -16.56 2.86
C VAL B 140 30.69 -17.85 3.49
N LEU B 141 31.72 -17.72 4.32
CA LEU B 141 32.15 -18.73 5.23
C LEU B 141 31.85 -18.27 6.66
N LYS B 142 31.09 -19.08 7.39
CA LYS B 142 30.57 -18.67 8.69
C LYS B 142 31.55 -19.07 9.79
N GLY B 143 31.70 -18.17 10.78
CA GLY B 143 32.60 -18.37 11.89
C GLY B 143 34.00 -17.90 11.56
N PRO B 144 34.91 -17.88 12.55
CA PRO B 144 36.29 -17.46 12.32
C PRO B 144 37.08 -18.45 11.46
N SER B 145 38.20 -17.98 10.90
CA SER B 145 38.92 -18.73 9.88
C SER B 145 40.39 -18.30 9.81
N ALA B 146 41.01 -18.04 10.97
CA ALA B 146 42.39 -17.47 10.97
C ALA B 146 43.36 -18.42 10.25
N LEU B 147 43.23 -19.73 10.47
CA LEU B 147 44.05 -20.71 9.79
C LEU B 147 43.99 -20.46 8.27
N LEU B 148 42.77 -20.30 7.76
CA LEU B 148 42.52 -20.28 6.31
C LEU B 148 42.91 -18.93 5.71
N ASN B 149 42.68 -17.84 6.45
CA ASN B 149 42.61 -16.46 5.87
C ASN B 149 43.58 -15.48 6.56
N GLY B 150 44.08 -15.85 7.74
CA GLY B 150 44.84 -14.93 8.56
C GLY B 150 43.94 -13.90 9.21
N MET B 151 44.54 -12.80 9.63
CA MET B 151 43.85 -11.75 10.32
C MET B 151 43.54 -10.62 9.34
N PRO B 152 42.26 -10.40 9.01
CA PRO B 152 41.90 -9.26 8.17
C PRO B 152 42.08 -7.95 8.93
N PRO B 153 42.11 -6.81 8.22
CA PRO B 153 42.55 -5.54 8.80
C PRO B 153 41.82 -5.01 10.03
N ALA B 154 40.53 -5.33 10.19
CA ALA B 154 39.72 -4.86 11.35
C ALA B 154 39.60 -5.95 12.43
N GLY B 155 40.13 -7.15 12.16
CA GLY B 155 40.17 -8.23 13.15
C GLY B 155 38.80 -8.74 13.58
N SER B 156 37.79 -8.66 12.71
CA SER B 156 36.43 -9.21 13.05
C SER B 156 36.43 -10.73 12.83
N VAL B 157 35.53 -11.44 13.50
CA VAL B 157 35.66 -12.92 13.63
C VAL B 157 34.35 -13.63 13.27
N GLY B 158 33.33 -12.88 12.86
CA GLY B 158 31.99 -13.45 12.62
C GLY B 158 31.98 -14.43 11.45
N GLY B 159 32.76 -14.12 10.42
CA GLY B 159 32.74 -14.85 9.16
C GLY B 159 33.49 -14.09 8.09
N THR B 160 33.70 -14.74 6.95
CA THR B 160 34.45 -14.16 5.86
C THR B 160 33.54 -14.09 4.63
N VAL B 161 33.42 -12.89 4.08
CA VAL B 161 32.76 -12.66 2.85
C VAL B 161 33.84 -12.52 1.77
N ASN B 162 33.73 -13.35 0.72
CA ASN B 162 34.68 -13.36 -0.39
C ASN B 162 33.93 -12.99 -1.69
N LEU B 163 34.38 -11.93 -2.34
CA LEU B 163 33.77 -11.46 -3.55
C LEU B 163 34.63 -11.89 -4.74
N VAL B 164 34.02 -12.71 -5.61
CA VAL B 164 34.63 -13.25 -6.81
C VAL B 164 34.24 -12.39 -8.02
N THR B 165 35.24 -11.83 -8.70
CA THR B 165 35.02 -10.88 -9.78
C THR B 165 34.59 -11.60 -11.07
N LYS B 166 34.08 -10.82 -12.01
CA LYS B 166 33.58 -11.34 -13.29
C LYS B 166 34.72 -11.38 -14.30
N TYR B 167 34.77 -12.46 -15.08
CA TYR B 167 35.68 -12.57 -16.23
C TYR B 167 34.87 -12.91 -17.49
N ALA B 168 35.48 -12.69 -18.66
CA ALA B 168 34.78 -12.84 -19.93
C ALA B 168 34.46 -14.32 -20.19
N ALA B 169 33.17 -14.61 -20.39
CA ALA B 169 32.72 -15.89 -20.92
C ALA B 169 33.15 -16.03 -22.39
N ASP B 170 33.00 -17.25 -22.93
CA ASP B 170 33.48 -17.57 -24.28
C ASP B 170 32.74 -16.71 -25.30
N GLU B 171 31.41 -16.63 -25.15
CA GLU B 171 30.54 -15.92 -26.08
C GLU B 171 30.62 -14.43 -25.80
N PRO B 172 30.76 -13.57 -26.83
CA PRO B 172 30.68 -12.12 -26.64
C PRO B 172 29.34 -11.74 -25.99
N PHE B 173 29.34 -10.64 -25.24
CA PHE B 173 28.32 -10.37 -24.26
C PHE B 173 28.24 -8.86 -24.05
N ALA B 174 27.02 -8.32 -24.07
CA ALA B 174 26.76 -6.93 -23.75
C ALA B 174 25.32 -6.79 -23.25
N ARG B 175 25.19 -6.31 -22.00
CA ARG B 175 23.90 -6.15 -21.34
C ARG B 175 23.82 -4.72 -20.80
N LEU B 176 22.73 -4.02 -21.13
CA LEU B 176 22.37 -2.75 -20.50
C LEU B 176 21.16 -2.98 -19.59
N THR B 177 21.26 -2.42 -18.37
CA THR B 177 20.19 -2.45 -17.39
C THR B 177 19.91 -1.00 -16.92
N THR B 178 18.62 -0.63 -16.91
CA THR B 178 18.18 0.62 -16.28
C THR B 178 17.48 0.27 -14.96
N THR B 179 17.69 1.12 -13.95
CA THR B 179 17.18 0.87 -12.60
C THR B 179 16.41 2.09 -12.13
N TYR B 180 15.35 1.84 -11.37
CA TYR B 180 14.68 2.83 -10.52
C TYR B 180 14.63 2.30 -9.08
N MET B 181 14.75 3.21 -8.12
CA MET B 181 14.39 2.95 -6.74
C MET B 181 13.63 4.16 -6.20
N SER B 182 12.54 3.91 -5.46
CA SER B 182 11.75 5.00 -4.90
C SER B 182 12.65 5.81 -3.96
N ASP B 183 12.48 7.14 -3.93
CA ASP B 183 11.36 7.84 -4.55
C ASP B 183 11.69 8.23 -6.01
N ALA B 184 12.96 8.58 -6.28
CA ALA B 184 13.36 9.17 -7.56
C ALA B 184 14.84 8.87 -7.86
N GLN B 185 15.27 7.62 -7.63
CA GLN B 185 16.65 7.25 -7.93
C GLN B 185 16.70 6.45 -9.22
N PHE B 186 17.45 6.98 -10.19
CA PHE B 186 17.58 6.39 -11.51
C PHE B 186 19.04 6.03 -11.75
N GLY B 187 19.28 4.92 -12.45
CA GLY B 187 20.61 4.57 -12.83
C GLY B 187 20.64 3.59 -13.97
N GLY B 188 21.85 3.21 -14.36
CA GLY B 188 22.05 2.18 -15.34
C GLY B 188 23.36 1.45 -15.11
N HIS B 189 23.44 0.26 -15.69
CA HIS B 189 24.58 -0.60 -15.58
C HIS B 189 24.84 -1.25 -16.94
N VAL B 190 26.09 -1.11 -17.42
N VAL B 190 26.08 -1.10 -17.44
CA VAL B 190 26.57 -1.79 -18.63
CA VAL B 190 26.56 -1.81 -18.63
C VAL B 190 27.58 -2.88 -18.22
C VAL B 190 27.58 -2.88 -18.22
N ASP B 191 27.43 -4.06 -18.82
CA ASP B 191 28.31 -5.20 -18.61
C ASP B 191 28.66 -5.75 -20.01
N VAL B 192 29.95 -5.68 -20.39
CA VAL B 192 30.41 -6.19 -21.68
C VAL B 192 31.63 -7.09 -21.46
N GLY B 193 31.63 -8.23 -22.15
CA GLY B 193 32.74 -9.17 -22.16
C GLY B 193 33.05 -9.68 -23.56
N ARG B 194 34.35 -9.85 -23.85
CA ARG B 194 34.82 -10.50 -25.07
C ARG B 194 36.15 -11.21 -24.76
N ARG B 195 36.35 -12.39 -25.36
CA ARG B 195 37.63 -13.05 -25.33
C ARG B 195 38.36 -12.83 -26.67
N PHE B 196 39.70 -12.90 -26.63
CA PHE B 196 40.57 -12.63 -27.79
C PHE B 196 41.61 -13.74 -27.92
N GLY B 197 42.28 -13.78 -29.09
CA GLY B 197 43.28 -14.78 -29.45
C GLY B 197 42.64 -16.00 -30.07
N GLU B 198 43.47 -16.84 -30.70
CA GLU B 198 42.99 -17.90 -31.58
C GLU B 198 42.28 -18.98 -30.75
N ASN B 199 42.64 -19.09 -29.46
CA ASN B 199 42.03 -20.08 -28.57
C ASN B 199 41.25 -19.38 -27.46
N LYS B 200 40.95 -18.09 -27.65
CA LYS B 200 40.19 -17.28 -26.70
C LYS B 200 40.88 -17.32 -25.33
N GLU B 201 42.20 -17.08 -25.32
CA GLU B 201 43.02 -17.31 -24.15
C GLU B 201 43.18 -15.99 -23.38
N PHE B 202 42.80 -14.87 -24.01
CA PHE B 202 42.68 -13.57 -23.33
C PHE B 202 41.19 -13.23 -23.12
N GLY B 203 40.89 -12.57 -22.00
CA GLY B 203 39.52 -12.13 -21.66
C GLY B 203 39.49 -10.69 -21.17
N VAL B 204 38.46 -9.96 -21.58
CA VAL B 204 38.18 -8.61 -21.07
C VAL B 204 36.70 -8.53 -20.67
N ARG B 205 36.45 -8.06 -19.44
CA ARG B 205 35.10 -7.89 -18.90
C ARG B 205 35.02 -6.52 -18.22
N ILE B 206 34.09 -5.68 -18.68
CA ILE B 206 33.96 -4.31 -18.22
C ILE B 206 32.55 -4.10 -17.66
N ASN B 207 32.48 -3.44 -16.50
CA ASN B 207 31.23 -3.07 -15.86
C ASN B 207 31.26 -1.57 -15.55
N GLY B 208 30.19 -0.88 -15.94
CA GLY B 208 29.99 0.52 -15.58
C GLY B 208 28.59 0.73 -15.04
N MET B 209 28.50 1.48 -13.93
CA MET B 209 27.25 1.69 -13.25
C MET B 209 27.22 3.10 -12.69
N TYR B 210 26.07 3.75 -12.82
CA TYR B 210 25.80 5.03 -12.18
C TYR B 210 24.34 5.03 -11.72
N ARG B 211 24.09 5.50 -10.49
CA ARG B 211 22.74 5.81 -10.09
C ARG B 211 22.75 7.00 -9.12
N ASP B 212 21.63 7.73 -9.09
CA ASP B 212 21.52 8.96 -8.33
C ASP B 212 20.05 9.35 -8.20
N GLY B 213 19.71 9.99 -7.06
CA GLY B 213 18.42 10.62 -6.81
C GLY B 213 17.90 10.28 -5.41
N ASP B 214 16.69 10.79 -5.10
CA ASP B 214 16.10 10.65 -3.77
C ASP B 214 15.78 9.18 -3.56
N ALA B 215 16.01 8.72 -2.33
CA ALA B 215 15.74 7.35 -1.93
C ALA B 215 14.43 7.34 -1.11
N ALA B 216 14.18 6.23 -0.43
CA ALA B 216 12.88 5.96 0.16
C ALA B 216 12.72 6.72 1.49
N VAL B 217 13.84 7.14 2.10
CA VAL B 217 13.84 7.89 3.37
C VAL B 217 13.69 9.39 3.05
N ASN B 218 12.91 10.11 3.87
CA ASN B 218 12.72 11.55 3.66
C ASN B 218 14.10 12.22 3.61
N ASP B 219 14.33 13.00 2.53
CA ASP B 219 15.48 13.95 2.42
C ASP B 219 16.80 13.18 2.36
N GLN B 220 16.72 11.91 1.97
CA GLN B 220 17.88 11.09 1.77
C GLN B 220 18.00 10.82 0.28
N SER B 221 19.18 11.12 -0.29
CA SER B 221 19.49 10.73 -1.65
C SER B 221 20.76 9.87 -1.66
N LYS B 222 20.87 9.01 -2.67
CA LYS B 222 21.92 8.02 -2.79
C LYS B 222 22.51 8.11 -4.21
N GLU B 223 23.83 8.33 -4.27
CA GLU B 223 24.60 8.28 -5.49
C GLU B 223 25.62 7.14 -5.38
N SER B 224 25.70 6.33 -6.43
CA SER B 224 26.72 5.29 -6.56
C SER B 224 27.30 5.31 -7.97
N ARG B 225 28.61 5.05 -8.07
CA ARG B 225 29.30 4.89 -9.35
C ARG B 225 30.27 3.71 -9.24
N LEU B 226 30.39 2.95 -10.33
CA LEU B 226 31.36 1.89 -10.44
C LEU B 226 31.87 1.80 -11.90
N PHE B 227 33.19 1.74 -12.03
CA PHE B 227 33.85 1.24 -13.23
C PHE B 227 34.81 0.11 -12.82
N SER B 228 34.65 -1.07 -13.44
CA SER B 228 35.45 -2.25 -13.12
C SER B 228 35.98 -2.93 -14.39
N LEU B 229 37.17 -3.53 -14.24
CA LEU B 229 37.90 -4.26 -15.29
C LEU B 229 38.27 -5.64 -14.74
N GLY B 230 37.94 -6.69 -15.48
CA GLY B 230 38.46 -8.03 -15.26
C GLY B 230 39.19 -8.57 -16.50
N LEU B 231 40.52 -8.71 -16.39
CA LEU B 231 41.37 -9.26 -17.46
C LEU B 231 41.88 -10.63 -17.03
N ASP B 232 41.95 -11.57 -17.98
CA ASP B 232 42.58 -12.84 -17.71
C ASP B 232 43.35 -13.33 -18.95
N TRP B 233 44.41 -14.10 -18.67
CA TRP B 233 45.14 -14.90 -19.64
C TRP B 233 45.19 -16.35 -19.14
N GLN B 234 44.63 -17.27 -19.94
CA GLN B 234 44.74 -18.71 -19.69
C GLN B 234 45.83 -19.29 -20.60
N GLY B 235 47.02 -19.51 -20.02
CA GLY B 235 48.11 -20.24 -20.68
C GLY B 235 47.94 -21.74 -20.50
N GLU B 236 48.95 -22.49 -20.94
CA GLU B 236 48.87 -23.94 -20.93
C GLU B 236 49.20 -24.45 -19.52
N ASN B 237 50.22 -23.85 -18.89
CA ASN B 237 50.69 -24.26 -17.56
C ASN B 237 50.61 -23.08 -16.58
N ALA B 238 50.07 -21.94 -17.04
CA ALA B 238 50.13 -20.69 -16.30
C ALA B 238 48.86 -19.87 -16.56
N ARG B 239 48.51 -19.03 -15.58
CA ARG B 239 47.28 -18.22 -15.61
C ARG B 239 47.56 -16.88 -14.92
N VAL B 240 46.96 -15.82 -15.46
CA VAL B 240 47.03 -14.50 -14.85
C VAL B 240 45.63 -13.89 -14.86
N PHE B 241 45.27 -13.28 -13.72
CA PHE B 241 44.02 -12.57 -13.56
C PHE B 241 44.29 -11.18 -12.99
N VAL B 242 43.78 -10.15 -13.66
CA VAL B 242 43.91 -8.78 -13.20
C VAL B 242 42.51 -8.20 -13.00
N ASP B 243 42.32 -7.48 -11.90
CA ASP B 243 41.09 -6.82 -11.58
C ASP B 243 41.39 -5.40 -11.09
N ALA B 244 40.62 -4.43 -11.56
CA ALA B 244 40.69 -3.06 -11.08
C ALA B 244 39.29 -2.43 -11.08
N TYR B 245 39.09 -1.45 -10.18
CA TYR B 245 37.81 -0.80 -10.07
C TYR B 245 38.00 0.61 -9.50
N ASP B 246 37.03 1.47 -9.82
CA ASP B 246 36.90 2.80 -9.28
C ASP B 246 35.43 2.98 -8.86
N ALA B 247 35.21 3.35 -7.59
CA ALA B 247 33.86 3.33 -7.00
C ALA B 247 33.62 4.61 -6.21
N LEU B 248 32.36 5.05 -6.19
CA LEU B 248 31.89 6.12 -5.35
C LEU B 248 30.58 5.70 -4.68
N ASP B 249 30.48 6.01 -3.38
CA ASP B 249 29.25 5.92 -2.60
C ASP B 249 29.04 7.26 -1.91
N HIS B 250 27.84 7.83 -2.09
CA HIS B 250 27.48 9.15 -1.54
C HIS B 250 26.03 9.11 -1.04
N VAL B 251 25.82 9.52 0.21
CA VAL B 251 24.50 9.64 0.77
C VAL B 251 24.33 11.07 1.32
N ASP B 252 23.29 11.76 0.85
CA ASP B 252 22.79 12.98 1.46
C ASP B 252 21.62 12.59 2.37
N GLY B 253 21.62 13.13 3.58
CA GLY B 253 20.75 12.68 4.65
C GLY B 253 21.14 11.29 5.14
N VAL B 254 22.42 11.15 5.49
CA VAL B 254 22.95 9.91 6.03
C VAL B 254 22.30 9.66 7.40
N THR B 255 22.05 8.39 7.72
CA THR B 255 21.49 8.03 9.03
C THR B 255 22.63 7.62 9.98
N ARG B 256 22.68 8.29 11.14
CA ARG B 256 23.75 8.12 12.14
C ARG B 256 23.19 7.42 13.38
N GLY B 257 21.90 7.59 13.63
CA GLY B 257 21.21 6.94 14.73
C GLY B 257 21.25 7.79 15.99
N VAL B 258 20.67 7.27 17.08
CA VAL B 258 20.39 8.07 18.24
C VAL B 258 20.64 7.21 19.49
N ASN B 259 20.93 7.90 20.59
CA ASN B 259 21.24 7.27 21.87
C ASN B 259 20.05 7.45 22.83
N VAL B 260 19.85 6.48 23.72
CA VAL B 260 18.80 6.49 24.73
C VAL B 260 19.45 6.23 26.11
N SER B 261 18.72 6.55 27.18
CA SER B 261 19.10 6.24 28.56
C SER B 261 18.00 5.42 29.24
N THR B 262 18.34 4.77 30.36
CA THR B 262 17.39 4.01 31.19
C THR B 262 16.40 4.98 31.85
N ALA B 263 16.89 6.17 32.22
CA ALA B 263 16.08 7.20 32.86
C ALA B 263 14.89 7.58 31.97
N VAL B 264 15.15 7.73 30.66
CA VAL B 264 14.16 8.25 29.74
C VAL B 264 13.45 7.09 29.02
N GLY B 265 14.22 6.08 28.60
CA GLY B 265 13.67 4.92 27.94
C GLY B 265 13.60 5.10 26.43
N ILE B 266 13.03 4.10 25.75
CA ILE B 266 12.92 4.06 24.31
C ILE B 266 11.49 4.37 23.91
N PRO B 267 11.21 5.51 23.25
CA PRO B 267 9.85 5.84 22.82
C PRO B 267 9.49 5.06 21.55
N LYS B 268 8.21 5.10 21.17
CA LYS B 268 7.75 4.32 20.05
C LYS B 268 8.36 4.89 18.79
N PRO B 269 8.77 4.03 17.84
CA PRO B 269 9.46 4.49 16.64
C PRO B 269 8.56 5.42 15.85
N PRO B 270 9.06 6.56 15.35
CA PRO B 270 8.37 7.32 14.31
C PRO B 270 8.17 6.44 13.09
N LYS B 271 7.46 6.95 12.08
CA LYS B 271 7.18 6.17 10.90
C LYS B 271 8.50 5.94 10.16
N ALA B 272 8.52 4.85 9.39
CA ALA B 272 9.74 4.18 8.99
C ALA B 272 10.59 5.07 8.06
N ASP B 273 9.98 6.10 7.46
CA ASP B 273 10.72 6.89 6.42
C ASP B 273 11.26 8.18 7.06
N THR B 274 11.17 8.28 8.38
CA THR B 274 11.73 9.40 9.12
C THR B 274 13.26 9.34 9.14
N LEU B 275 13.88 10.50 8.93
CA LEU B 275 15.31 10.66 9.09
C LEU B 275 15.57 11.40 10.40
N LEU B 276 16.33 10.77 11.31
CA LEU B 276 16.53 11.29 12.66
C LEU B 276 17.91 11.92 12.80
N SER B 277 18.53 12.20 11.65
CA SER B 277 19.81 12.91 11.57
C SER B 277 19.64 14.12 10.66
N PRO B 278 20.53 15.12 10.73
CA PRO B 278 20.43 16.31 9.89
C PRO B 278 20.17 16.00 8.41
N ASP B 279 19.25 16.76 7.81
CA ASP B 279 18.87 16.60 6.40
C ASP B 279 20.05 17.03 5.52
N TRP B 280 20.86 17.96 6.01
CA TRP B 280 22.02 18.46 5.25
C TRP B 280 23.25 17.54 5.44
N GLY B 281 23.18 16.58 6.36
CA GLY B 281 24.28 15.68 6.64
C GLY B 281 24.61 14.81 5.44
N SER B 282 25.91 14.52 5.24
CA SER B 282 26.30 13.69 4.13
C SER B 282 27.56 12.89 4.46
N VAL B 283 27.70 11.76 3.76
CA VAL B 283 28.86 10.95 3.77
C VAL B 283 29.22 10.63 2.31
N GLU B 284 30.52 10.51 2.05
CA GLU B 284 31.04 10.09 0.76
C GLU B 284 32.30 9.24 0.96
N THR B 285 32.36 8.13 0.23
CA THR B 285 33.53 7.27 0.15
C THR B 285 33.89 7.05 -1.31
N LYS B 286 35.14 7.36 -1.66
CA LYS B 286 35.76 6.99 -2.94
C LYS B 286 36.73 5.83 -2.70
N ASP B 287 36.53 4.74 -3.44
CA ASP B 287 37.38 3.58 -3.33
C ASP B 287 37.91 3.23 -4.71
N LYS B 288 39.24 3.01 -4.78
CA LYS B 288 39.94 2.54 -5.98
C LYS B 288 40.80 1.33 -5.58
N GLY B 289 40.73 0.26 -6.37
CA GLY B 289 41.49 -0.97 -6.07
C GLY B 289 41.95 -1.67 -7.33
N ALA B 290 43.06 -2.41 -7.20
CA ALA B 290 43.57 -3.27 -8.28
C ALA B 290 44.34 -4.44 -7.67
N MET B 291 44.23 -5.61 -8.28
CA MET B 291 44.98 -6.75 -7.87
C MET B 291 45.39 -7.59 -9.08
N ILE B 292 46.43 -8.40 -8.89
CA ILE B 292 46.88 -9.36 -9.89
C ILE B 292 47.12 -10.70 -9.19
N ARG B 293 46.64 -11.79 -9.81
CA ARG B 293 46.95 -13.16 -9.42
C ARG B 293 47.70 -13.86 -10.56
N GLY B 294 48.80 -14.55 -10.22
CA GLY B 294 49.47 -15.49 -11.11
C GLY B 294 49.47 -16.90 -10.54
N GLU B 295 49.30 -17.90 -11.41
CA GLU B 295 49.44 -19.30 -11.05
C GLU B 295 50.38 -19.98 -12.05
N TYR B 296 51.20 -20.92 -11.56
CA TYR B 296 52.11 -21.71 -12.41
C TYR B 296 52.09 -23.17 -11.98
N ASP B 297 51.69 -24.07 -12.88
CA ASP B 297 51.72 -25.53 -12.65
C ASP B 297 53.10 -26.06 -13.05
N PHE B 298 53.89 -26.46 -12.05
CA PHE B 298 55.16 -27.15 -12.24
C PHE B 298 54.90 -28.57 -12.73
N SER B 299 53.85 -29.17 -12.18
CA SER B 299 53.39 -30.49 -12.51
C SER B 299 51.96 -30.63 -11.96
N ASP B 300 51.38 -31.83 -12.05
CA ASP B 300 50.04 -32.07 -11.51
C ASP B 300 50.15 -32.41 -10.01
N GLN B 301 51.34 -32.23 -9.43
CA GLN B 301 51.54 -32.48 -8.00
C GLN B 301 52.01 -31.19 -7.29
N LEU B 302 52.31 -30.13 -8.05
CA LEU B 302 52.85 -28.93 -7.48
C LEU B 302 52.48 -27.71 -8.34
N MET B 303 51.96 -26.70 -7.66
CA MET B 303 51.59 -25.43 -8.26
C MET B 303 52.10 -24.31 -7.34
N ALA B 304 52.55 -23.20 -7.93
CA ALA B 304 52.79 -21.97 -7.20
C ALA B 304 51.74 -20.92 -7.59
N TYR B 305 51.44 -20.01 -6.66
CA TYR B 305 50.58 -18.87 -6.93
C TYR B 305 51.13 -17.64 -6.21
N ALA B 306 50.81 -16.46 -6.76
CA ALA B 306 51.07 -15.19 -6.11
C ALA B 306 49.93 -14.22 -6.41
N ALA B 307 49.58 -13.40 -5.42
CA ALA B 307 48.59 -12.36 -5.55
C ALA B 307 49.13 -11.08 -4.91
N TYR B 308 49.06 -9.98 -5.65
CA TYR B 308 49.39 -8.67 -5.13
C TYR B 308 48.26 -7.70 -5.49
N GLY B 309 47.96 -6.77 -4.57
CA GLY B 309 47.00 -5.75 -4.81
C GLY B 309 47.22 -4.53 -3.94
N GLN B 310 46.48 -3.45 -4.28
CA GLN B 310 46.45 -2.20 -3.54
C GLN B 310 45.09 -1.52 -3.74
N SER B 311 44.77 -0.61 -2.82
CA SER B 311 43.54 0.14 -2.86
C SER B 311 43.74 1.43 -2.08
N THR B 312 42.89 2.42 -2.40
CA THR B 312 42.81 3.66 -1.65
C THR B 312 41.35 3.90 -1.27
N THR B 313 41.17 4.49 -0.10
CA THR B 313 39.89 4.93 0.38
C THR B 313 40.01 6.40 0.76
N GLU B 314 39.06 7.22 0.29
CA GLU B 314 38.81 8.56 0.84
C GLU B 314 37.39 8.61 1.42
N TYR B 315 37.30 8.83 2.74
CA TYR B 315 36.05 8.95 3.48
C TYR B 315 35.90 10.40 3.94
N LYS B 316 34.68 10.94 3.79
CA LYS B 316 34.31 12.26 4.32
C LYS B 316 32.89 12.20 4.90
N TYR B 317 32.71 12.79 6.08
CA TYR B 317 31.41 12.83 6.74
C TYR B 317 31.22 14.20 7.38
N ASN B 318 30.06 14.81 7.11
CA ASN B 318 29.62 16.07 7.71
C ASN B 318 28.17 15.91 8.21
N GLY B 319 27.98 15.95 9.53
CA GLY B 319 26.66 15.73 10.09
C GLY B 319 26.68 15.60 11.60
N ALA B 320 25.76 14.80 12.13
CA ALA B 320 25.66 14.54 13.56
C ALA B 320 26.68 13.47 13.97
N SER B 321 27.28 13.64 15.14
CA SER B 321 28.00 12.56 15.81
C SER B 321 27.01 11.67 16.56
N ALA B 322 26.01 12.28 17.18
CA ALA B 322 24.94 11.53 17.85
C ALA B 322 23.72 12.42 18.07
N GLY B 323 22.52 11.84 17.91
CA GLY B 323 21.33 12.33 18.57
C GLY B 323 21.10 11.59 19.88
N THR B 324 20.60 12.30 20.89
CA THR B 324 20.22 11.72 22.18
C THR B 324 18.75 12.07 22.48
N ILE B 325 17.95 11.05 22.73
CA ILE B 325 16.58 11.23 23.12
C ILE B 325 16.52 11.56 24.61
N THR B 326 16.13 12.80 24.93
CA THR B 326 16.23 13.34 26.28
C THR B 326 14.87 13.45 26.96
N SER B 327 13.79 13.04 26.27
N SER B 327 13.78 13.05 26.26
CA SER B 327 12.44 13.03 26.89
CA SER B 327 12.44 13.02 26.89
C SER B 327 11.52 12.02 26.19
C SER B 327 11.52 12.02 26.19
N SER B 328 10.55 11.50 26.94
CA SER B 328 9.57 10.54 26.40
C SER B 328 8.59 11.23 25.44
N THR B 329 8.60 12.56 25.40
CA THR B 329 7.82 13.30 24.41
C THR B 329 8.54 13.33 23.05
N GLY B 330 9.80 12.89 23.02
CA GLY B 330 10.55 12.68 21.77
C GLY B 330 11.63 13.72 21.52
N THR B 331 11.91 14.56 22.51
CA THR B 331 12.98 15.59 22.38
C THR B 331 14.31 14.91 22.03
N LEU B 332 15.01 15.49 21.05
CA LEU B 332 16.27 14.96 20.55
C LEU B 332 17.33 16.07 20.58
N SER B 333 18.49 15.75 21.17
CA SER B 333 19.64 16.65 21.23
C SER B 333 20.78 16.07 20.40
N SER B 334 21.16 16.79 19.33
CA SER B 334 22.16 16.30 18.38
C SER B 334 23.44 17.16 18.44
N THR B 335 24.59 16.50 18.62
CA THR B 335 25.90 17.15 18.45
C THR B 335 26.39 16.92 17.03
N LEU B 336 27.15 17.88 16.52
CA LEU B 336 27.65 17.84 15.15
C LEU B 336 29.15 17.53 15.16
N GLY B 337 29.61 16.82 14.12
CA GLY B 337 31.00 16.48 13.95
C GLY B 337 31.37 16.38 12.49
N GLN B 338 32.69 16.43 12.21
CA GLN B 338 33.21 16.16 10.88
C GLN B 338 34.37 15.18 10.98
N LEU B 339 34.54 14.39 9.91
CA LEU B 339 35.64 13.45 9.80
C LEU B 339 36.01 13.31 8.33
N ALA B 340 37.32 13.27 8.07
CA ALA B 340 37.82 12.75 6.81
C ALA B 340 38.99 11.84 7.12
N PHE B 341 39.13 10.74 6.37
CA PHE B 341 40.34 9.98 6.43
C PHE B 341 40.68 9.40 5.06
N ASP B 342 41.99 9.27 4.82
CA ASP B 342 42.57 8.75 3.58
C ASP B 342 43.48 7.60 3.97
N VAL B 343 43.31 6.46 3.28
CA VAL B 343 44.09 5.31 3.60
C VAL B 343 44.59 4.69 2.29
N ASP B 344 45.91 4.40 2.26
CA ASP B 344 46.57 3.62 1.20
C ASP B 344 46.91 2.22 1.72
N LYS B 345 46.54 1.21 0.94
CA LYS B 345 46.60 -0.20 1.34
C LYS B 345 47.40 -0.97 0.30
N LYS B 346 48.19 -1.93 0.78
CA LYS B 346 48.88 -2.91 -0.07
C LYS B 346 48.75 -4.27 0.58
N SER B 347 48.64 -5.32 -0.24
CA SER B 347 48.51 -6.65 0.30
C SER B 347 49.02 -7.68 -0.71
N ALA B 348 49.44 -8.83 -0.17
CA ALA B 348 50.04 -9.87 -0.96
C ALA B 348 49.79 -11.22 -0.28
N ASP B 349 49.77 -12.26 -1.11
CA ASP B 349 49.53 -13.64 -0.69
C ASP B 349 50.17 -14.53 -1.76
N ALA B 350 51.17 -15.31 -1.35
CA ALA B 350 51.90 -16.17 -2.26
C ALA B 350 52.14 -17.52 -1.58
N GLY B 351 52.14 -18.60 -2.36
CA GLY B 351 52.35 -19.92 -1.80
C GLY B 351 52.47 -21.02 -2.84
N PHE B 352 52.47 -22.26 -2.33
CA PHE B 352 52.47 -23.48 -3.12
C PHE B 352 51.33 -24.37 -2.65
N LYS B 353 50.72 -25.08 -3.60
CA LYS B 353 49.84 -26.23 -3.34
C LYS B 353 50.43 -27.47 -4.01
N GLY B 354 50.18 -28.64 -3.42
CA GLY B 354 50.66 -29.88 -3.95
C GLY B 354 49.87 -31.07 -3.44
N LYS B 355 50.13 -32.23 -4.06
CA LYS B 355 49.53 -33.51 -3.68
C LYS B 355 50.64 -34.57 -3.57
N PHE B 356 50.40 -35.57 -2.71
CA PHE B 356 51.17 -36.80 -2.67
C PHE B 356 50.32 -37.87 -1.98
N GLU B 357 50.81 -39.11 -1.98
CA GLU B 357 50.08 -40.25 -1.42
C GLU B 357 51.01 -41.00 -0.45
N THR B 358 50.43 -41.48 0.65
CA THR B 358 51.09 -42.36 1.58
C THR B 358 50.21 -43.60 1.80
N GLY B 359 50.57 -44.72 1.15
CA GLY B 359 49.66 -45.85 1.02
C GLY B 359 48.35 -45.43 0.37
N SER B 360 47.23 -45.67 1.04
CA SER B 360 45.88 -45.40 0.50
C SER B 360 45.33 -44.09 1.06
N VAL B 361 46.23 -43.20 1.51
CA VAL B 361 45.86 -41.89 2.02
C VAL B 361 46.38 -40.84 1.05
N LYS B 362 45.47 -40.03 0.48
CA LYS B 362 45.84 -38.93 -0.41
C LYS B 362 46.01 -37.65 0.43
N HIS B 363 47.02 -36.86 0.07
CA HIS B 363 47.38 -35.65 0.76
C HIS B 363 47.27 -34.49 -0.21
N GLN B 364 46.61 -33.42 0.24
CA GLN B 364 46.52 -32.19 -0.49
C GLN B 364 46.89 -31.06 0.47
N TRP B 365 47.97 -30.34 0.16
CA TRP B 365 48.57 -29.43 1.11
C TRP B 365 48.71 -28.06 0.48
N VAL B 366 48.82 -27.05 1.33
CA VAL B 366 49.09 -25.70 0.91
C VAL B 366 50.01 -25.05 1.93
N ALA B 367 50.87 -24.16 1.44
CA ALA B 367 51.71 -23.32 2.29
C ALA B 367 51.76 -21.92 1.70
N ASN B 368 51.61 -20.89 2.54
CA ASN B 368 51.52 -19.55 2.02
C ASN B 368 52.14 -18.54 2.99
N ALA B 369 52.42 -17.35 2.45
CA ALA B 369 52.80 -16.18 3.22
C ALA B 369 51.91 -15.01 2.79
N THR B 370 51.46 -14.21 3.76
CA THR B 370 50.60 -13.05 3.48
C THR B 370 51.22 -11.79 4.12
N TYR B 371 50.95 -10.64 3.49
CA TYR B 371 51.40 -9.32 3.95
C TYR B 371 50.25 -8.33 3.70
N TYR B 372 50.00 -7.46 4.68
CA TYR B 372 49.14 -6.30 4.51
C TYR B 372 49.78 -5.09 5.18
N ASN B 373 49.69 -3.95 4.52
CA ASN B 373 50.13 -2.67 5.08
C ASN B 373 49.14 -1.56 4.66
N HIS B 374 48.81 -0.66 5.58
CA HIS B 374 48.17 0.60 5.22
C HIS B 374 48.84 1.79 5.93
N THR B 375 48.78 2.95 5.27
CA THR B 375 49.02 4.25 5.89
C THR B 375 47.73 5.06 5.79
N GLN B 376 47.52 5.95 6.75
CA GLN B 376 46.27 6.63 6.93
C GLN B 376 46.50 8.02 7.55
N ASP B 377 45.77 9.02 7.07
CA ASP B 377 45.63 10.33 7.72
C ASP B 377 44.15 10.56 8.10
N ASP B 378 43.95 11.04 9.33
CA ASP B 378 42.65 11.35 9.86
C ASP B 378 42.57 12.85 10.12
N TYR B 379 41.45 13.46 9.69
CA TYR B 379 41.08 14.84 9.98
C TYR B 379 39.68 14.83 10.61
N GLY B 380 39.41 15.73 11.57
CA GLY B 380 38.10 15.76 12.17
C GLY B 380 37.90 16.85 13.19
N TYR B 381 36.62 17.09 13.51
CA TYR B 381 36.18 17.84 14.67
C TYR B 381 35.33 16.95 15.56
N ARG B 382 35.63 16.94 16.86
CA ARG B 382 34.70 16.53 17.87
C ARG B 382 33.74 17.70 18.18
N ILE B 383 34.28 18.92 18.13
CA ILE B 383 33.51 20.14 18.33
C ILE B 383 33.79 21.08 17.15
N ILE B 384 32.75 21.40 16.39
CA ILE B 384 32.87 22.28 15.26
C ILE B 384 32.79 23.72 15.74
N PRO B 385 33.83 24.57 15.51
CA PRO B 385 33.79 25.97 15.93
C PRO B 385 32.58 26.68 15.27
N GLY B 386 31.81 27.41 16.08
CA GLY B 386 30.60 28.11 15.63
C GLY B 386 29.36 27.22 15.61
N PHE B 387 29.52 25.91 15.87
CA PHE B 387 28.41 24.97 15.81
C PHE B 387 28.50 23.97 16.98
N SER B 388 28.84 24.47 18.16
CA SER B 388 29.18 23.63 19.29
C SER B 388 27.95 23.38 20.17
N ASP B 389 26.92 24.22 20.01
CA ASP B 389 25.66 24.01 20.72
C ASP B 389 24.93 22.85 20.06
N PRO B 390 24.34 21.93 20.85
CA PRO B 390 23.54 20.85 20.28
C PRO B 390 22.29 21.40 19.59
N VAL B 391 21.91 20.77 18.49
CA VAL B 391 20.69 21.07 17.78
C VAL B 391 19.54 20.31 18.45
N ILE B 392 18.51 21.05 18.86
CA ILE B 392 17.35 20.48 19.57
C ILE B 392 16.20 20.32 18.57
N THR B 393 15.72 19.09 18.43
CA THR B 393 14.54 18.77 17.62
C THR B 393 13.65 17.81 18.40
N ASN B 394 12.70 17.19 17.70
CA ASN B 394 11.84 16.16 18.28
C ASN B 394 11.68 15.06 17.24
N ILE B 395 11.74 13.79 17.68
CA ILE B 395 11.83 12.69 16.72
C ILE B 395 10.53 12.59 15.92
N TYR B 396 9.43 13.15 16.44
CA TYR B 396 8.13 13.01 15.81
C TYR B 396 7.80 14.25 14.94
N ASP B 397 8.67 15.26 14.95
CA ASP B 397 8.42 16.50 14.18
C ASP B 397 8.56 16.20 12.70
N PRO B 398 7.52 16.51 11.88
CA PRO B 398 7.61 16.32 10.43
C PRO B 398 8.47 17.40 9.76
N ASN B 399 8.73 18.51 10.46
CA ASN B 399 9.49 19.60 9.87
C ASN B 399 10.58 20.10 10.83
N PRO B 400 11.53 19.23 11.22
CA PRO B 400 12.56 19.61 12.18
C PRO B 400 13.47 20.70 11.59
N ASN B 401 13.98 21.58 12.45
CA ASN B 401 14.95 22.61 12.05
C ASN B 401 16.37 22.13 12.41
N TRP B 402 17.14 21.72 11.41
CA TRP B 402 18.47 21.14 11.61
C TRP B 402 19.55 22.24 11.59
N GLY B 403 19.13 23.48 11.34
CA GLY B 403 20.04 24.61 11.30
C GLY B 403 20.86 24.62 10.03
N PRO B 404 21.86 25.53 9.93
CA PRO B 404 22.70 25.63 8.74
C PRO B 404 23.76 24.52 8.68
N LYS B 405 24.21 24.21 7.46
CA LYS B 405 25.23 23.23 7.16
C LYS B 405 26.59 23.87 7.36
N PRO B 406 27.42 23.41 8.31
CA PRO B 406 28.76 23.95 8.47
C PRO B 406 29.65 23.60 7.27
N GLU B 407 30.52 24.53 6.89
CA GLU B 407 31.53 24.29 5.91
C GLU B 407 32.41 23.12 6.41
N PHE B 408 32.86 22.30 5.46
CA PHE B 408 33.66 21.13 5.71
C PHE B 408 35.14 21.52 5.75
N THR B 409 35.70 21.68 6.96
CA THR B 409 37.10 22.11 7.15
C THR B 409 37.79 21.34 8.27
N PRO B 410 37.66 20.01 8.35
CA PRO B 410 38.21 19.28 9.49
C PRO B 410 39.73 19.39 9.50
N PRO B 411 40.35 19.74 10.64
CA PRO B 411 41.81 19.82 10.72
C PRO B 411 42.47 18.46 10.92
N PHE B 412 43.75 18.37 10.52
CA PHE B 412 44.54 17.15 10.64
C PHE B 412 44.63 16.74 12.12
N LEU B 413 44.45 15.45 12.39
CA LEU B 413 44.45 14.91 13.76
C LEU B 413 45.69 14.05 14.00
N PHE B 414 45.92 13.07 13.11
CA PHE B 414 46.98 12.10 13.31
C PHE B 414 47.17 11.24 12.06
N HIS B 415 48.43 10.79 11.90
CA HIS B 415 48.85 9.77 10.95
C HIS B 415 48.94 8.41 11.68
N SER B 416 48.58 7.32 10.98
CA SER B 416 48.56 6.00 11.61
C SER B 416 48.89 4.95 10.55
N THR B 417 49.34 3.77 11.01
CA THR B 417 49.72 2.66 10.12
C THR B 417 49.30 1.33 10.75
N LEU B 418 49.16 0.32 9.90
CA LEU B 418 48.89 -1.05 10.32
C LEU B 418 49.65 -1.98 9.37
N SER B 419 50.40 -2.93 9.95
CA SER B 419 51.11 -3.97 9.20
C SER B 419 50.77 -5.32 9.81
N THR B 420 50.49 -6.29 8.94
CA THR B 420 50.31 -7.66 9.32
C THR B 420 51.07 -8.55 8.35
N SER B 421 51.49 -9.71 8.86
CA SER B 421 52.04 -10.75 8.03
C SER B 421 51.72 -12.10 8.66
N SER B 422 51.70 -13.14 7.84
CA SER B 422 51.42 -14.48 8.34
C SER B 422 52.14 -15.49 7.46
N PHE B 423 52.39 -16.67 8.04
CA PHE B 423 52.88 -17.83 7.31
C PHE B 423 52.02 -19.00 7.75
N GLY B 424 51.54 -19.79 6.78
CA GLY B 424 50.55 -20.82 7.06
C GLY B 424 50.85 -22.11 6.31
N LEU B 425 50.34 -23.21 6.87
CA LEU B 425 50.52 -24.53 6.34
C LEU B 425 49.32 -25.38 6.73
N ALA B 426 48.80 -26.12 5.76
CA ALA B 426 47.74 -27.07 6.04
C ALA B 426 47.86 -28.27 5.10
N ASP B 427 47.39 -29.42 5.60
CA ASP B 427 47.30 -30.65 4.83
C ASP B 427 45.90 -31.23 5.05
N THR B 428 45.28 -31.67 3.96
CA THR B 428 44.09 -32.47 4.03
C THR B 428 44.45 -33.91 3.66
N LEU B 429 44.27 -34.82 4.63
CA LEU B 429 44.45 -36.25 4.46
C LEU B 429 43.10 -36.88 4.11
N SER B 430 43.01 -37.58 2.96
CA SER B 430 41.79 -38.31 2.56
C SER B 430 42.03 -39.82 2.64
N PHE B 431 41.22 -40.51 3.48
CA PHE B 431 41.23 -41.96 3.67
C PHE B 431 40.03 -42.59 2.96
N ALA B 432 40.08 -43.92 2.82
CA ALA B 432 38.93 -44.78 2.48
C ALA B 432 38.19 -44.20 1.26
N GLN B 433 38.93 -44.05 0.16
CA GLN B 433 38.40 -43.58 -1.12
C GLN B 433 37.72 -42.22 -0.91
N ASP B 434 38.36 -41.37 -0.12
CA ASP B 434 38.03 -39.95 -0.03
C ASP B 434 36.74 -39.76 0.78
N LYS B 435 36.37 -40.74 1.59
CA LYS B 435 35.13 -40.69 2.35
C LYS B 435 35.40 -40.13 3.75
N VAL B 436 36.67 -40.04 4.13
CA VAL B 436 37.08 -39.44 5.37
C VAL B 436 38.20 -38.46 5.08
N GLN B 437 37.98 -37.18 5.39
CA GLN B 437 38.93 -36.11 5.06
C GLN B 437 39.26 -35.33 6.35
N LEU B 438 40.56 -35.30 6.69
CA LEU B 438 41.06 -34.65 7.89
C LEU B 438 41.98 -33.51 7.46
N THR B 439 41.61 -32.29 7.84
CA THR B 439 42.44 -31.13 7.60
C THR B 439 43.09 -30.69 8.91
N LEU B 440 44.42 -30.47 8.85
CA LEU B 440 45.25 -29.99 9.96
C LEU B 440 46.07 -28.82 9.42
N GLY B 441 46.28 -27.80 10.25
CA GLY B 441 47.12 -26.70 9.86
C GLY B 441 47.49 -25.81 11.03
N LEU B 442 48.42 -24.88 10.76
CA LEU B 442 48.66 -23.79 11.67
C LEU B 442 49.14 -22.58 10.88
N ARG B 443 48.91 -21.40 11.46
CA ARG B 443 49.36 -20.15 10.90
C ARG B 443 50.00 -19.29 11.99
N HIS B 444 51.12 -18.66 11.63
CA HIS B 444 51.81 -17.70 12.50
C HIS B 444 51.53 -16.28 11.99
N GLN B 445 51.06 -15.42 12.89
CA GLN B 445 50.50 -14.13 12.55
C GLN B 445 51.22 -13.04 13.35
N THR B 446 51.63 -11.98 12.66
CA THR B 446 52.25 -10.82 13.27
C THR B 446 51.43 -9.57 12.89
N VAL B 447 51.41 -8.59 13.80
CA VAL B 447 50.69 -7.33 13.58
C VAL B 447 51.41 -6.22 14.35
N LYS B 448 51.45 -5.02 13.75
CA LYS B 448 51.96 -3.82 14.38
C LYS B 448 51.12 -2.62 13.93
N ALA B 449 50.67 -1.82 14.91
CA ALA B 449 49.98 -0.55 14.64
C ALA B 449 50.83 0.62 15.18
N THR B 450 50.79 1.75 14.48
CA THR B 450 51.41 3.01 14.96
C THR B 450 50.42 4.16 14.81
N SER B 451 50.64 5.21 15.60
CA SER B 451 49.87 6.45 15.54
C SER B 451 50.77 7.63 15.92
N SER B 452 50.64 8.73 15.20
CA SER B 452 51.52 9.91 15.35
C SER B 452 51.18 10.72 16.61
N VAL B 453 50.09 10.35 17.32
CA VAL B 453 49.76 11.01 18.58
C VAL B 453 49.84 10.02 19.74
N ASN B 454 50.49 8.89 19.51
CA ASN B 454 50.73 7.92 20.54
C ASN B 454 52.14 8.13 21.09
N THR B 455 52.22 8.54 22.36
CA THR B 455 53.50 8.59 23.09
C THR B 455 53.84 7.20 23.64
N LEU B 456 52.83 6.33 23.77
CA LEU B 456 53.01 4.98 24.34
C LEU B 456 53.84 4.12 23.39
N PRO B 457 54.55 3.08 23.89
CA PRO B 457 55.38 2.25 23.03
C PRO B 457 54.58 1.57 21.89
N GLU B 458 55.25 1.37 20.75
CA GLU B 458 54.68 0.66 19.61
C GLU B 458 55.60 -0.50 19.21
N ASN B 459 55.06 -1.72 19.24
CA ASN B 459 55.84 -2.95 18.98
C ASN B 459 54.94 -3.98 18.28
N ALA B 460 55.55 -4.75 17.37
CA ALA B 460 54.92 -5.88 16.74
C ALA B 460 54.58 -6.91 17.81
N LYS B 461 53.49 -7.66 17.59
CA LYS B 461 53.14 -8.81 18.42
C LYS B 461 52.68 -9.96 17.51
N SER B 462 52.68 -11.18 18.06
CA SER B 462 52.57 -12.39 17.27
C SER B 462 51.75 -13.43 18.00
N ALA B 463 51.08 -14.29 17.23
CA ALA B 463 50.37 -15.42 17.78
C ALA B 463 50.37 -16.55 16.76
N THR B 464 50.14 -17.76 17.28
CA THR B 464 50.13 -18.94 16.45
C THR B 464 48.78 -19.63 16.64
N THR B 465 48.10 -19.87 15.52
CA THR B 465 46.73 -20.32 15.55
C THR B 465 46.62 -21.64 14.80
N PRO B 466 46.15 -22.72 15.45
CA PRO B 466 45.88 -23.98 14.76
C PRO B 466 44.46 -24.07 14.20
N GLY B 467 44.22 -25.07 13.35
CA GLY B 467 42.89 -25.52 13.02
C GLY B 467 42.88 -27.00 12.67
N VAL B 468 41.76 -27.65 12.96
CA VAL B 468 41.54 -29.02 12.54
C VAL B 468 40.07 -29.16 12.13
N ALA B 469 39.83 -29.85 11.01
CA ALA B 469 38.50 -30.18 10.56
C ALA B 469 38.45 -31.64 10.10
N LEU B 470 37.33 -32.30 10.36
CA LEU B 470 37.08 -33.66 9.95
C LEU B 470 35.75 -33.71 9.19
N LEU B 471 35.79 -34.32 8.00
CA LEU B 471 34.59 -34.55 7.23
C LEU B 471 34.44 -36.04 6.87
N ILE B 472 33.24 -36.57 7.09
CA ILE B 472 32.91 -37.96 6.73
C ILE B 472 31.73 -37.94 5.75
N LYS B 473 31.97 -38.47 4.54
CA LYS B 473 30.92 -38.72 3.57
C LYS B 473 30.24 -40.05 3.88
N ALA B 474 29.19 -40.00 4.71
CA ALA B 474 28.42 -41.17 5.07
C ALA B 474 27.81 -41.81 3.81
N THR B 475 27.38 -40.97 2.88
CA THR B 475 27.01 -41.39 1.53
C THR B 475 27.53 -40.35 0.55
N ASP B 476 27.18 -40.50 -0.72
CA ASP B 476 27.59 -39.55 -1.73
C ASP B 476 26.66 -38.31 -1.68
N LYS B 477 25.66 -38.35 -0.78
CA LYS B 477 24.66 -37.25 -0.63
C LYS B 477 24.72 -36.61 0.76
N ILE B 478 25.35 -37.29 1.72
CA ILE B 478 25.33 -36.91 3.13
C ILE B 478 26.77 -36.78 3.65
N SER B 479 27.09 -35.59 4.16
CA SER B 479 28.36 -35.35 4.86
C SER B 479 28.09 -34.96 6.32
N VAL B 480 28.89 -35.53 7.22
N VAL B 480 28.88 -35.54 7.22
CA VAL B 480 28.96 -35.09 8.60
CA VAL B 480 28.96 -35.09 8.61
C VAL B 480 30.36 -34.50 8.82
C VAL B 480 30.36 -34.50 8.83
N TYR B 481 30.45 -33.42 9.62
CA TYR B 481 31.71 -32.67 9.77
C TYR B 481 31.82 -32.05 11.16
N ALA B 482 33.07 -31.79 11.55
CA ALA B 482 33.38 -31.07 12.77
C ALA B 482 34.62 -30.22 12.52
N ASN B 483 34.74 -29.11 13.25
CA ASN B 483 35.96 -28.28 13.16
C ASN B 483 36.25 -27.64 14.52
N TYR B 484 37.54 -27.40 14.75
CA TYR B 484 38.04 -26.41 15.67
C TYR B 484 38.91 -25.42 14.87
N ILE B 485 38.67 -24.13 15.08
CA ILE B 485 39.38 -23.09 14.38
C ILE B 485 39.23 -21.78 15.15
N GLU B 486 40.14 -20.84 14.89
CA GLU B 486 40.23 -19.65 15.70
C GLU B 486 40.09 -18.43 14.80
N GLY B 487 39.79 -17.30 15.43
CA GLY B 487 39.94 -16.00 14.81
C GLY B 487 40.85 -15.12 15.64
N LEU B 488 41.50 -14.14 14.97
CA LEU B 488 42.46 -13.27 15.59
C LEU B 488 42.00 -11.81 15.49
N THR B 489 42.26 -11.08 16.56
CA THR B 489 42.04 -9.68 16.63
C THR B 489 43.27 -9.03 17.28
N LYS B 490 43.70 -7.91 16.68
CA LYS B 490 44.79 -7.10 17.20
C LYS B 490 44.58 -6.86 18.70
N GLY B 491 45.62 -7.09 19.49
CA GLY B 491 45.58 -6.81 20.93
C GLY B 491 45.43 -5.31 21.21
N ASP B 492 44.69 -4.98 22.27
CA ASP B 492 44.55 -3.61 22.78
C ASP B 492 45.82 -3.21 23.55
N GLN B 493 45.96 -1.91 23.78
CA GLN B 493 47.07 -1.36 24.58
C GLN B 493 46.52 -0.79 25.88
N ALA B 494 47.15 -1.17 27.00
CA ALA B 494 46.76 -0.68 28.31
C ALA B 494 47.00 0.83 28.35
N PRO B 495 46.06 1.62 28.92
CA PRO B 495 46.26 3.06 29.05
C PRO B 495 47.31 3.43 30.11
N ALA B 496 47.73 4.71 30.11
CA ALA B 496 48.77 5.23 31.01
C ALA B 496 48.30 5.17 32.47
N THR B 497 46.99 4.92 32.68
CA THR B 497 46.36 4.95 34.01
C THR B 497 46.42 3.56 34.68
N ALA B 498 46.97 2.57 33.96
CA ALA B 498 46.97 1.17 34.43
C ALA B 498 48.28 0.84 35.17
N SER B 499 48.24 -0.23 35.97
CA SER B 499 49.43 -0.83 36.60
C SER B 499 50.44 -1.31 35.54
N ASN B 500 49.92 -1.65 34.35
CA ASN B 500 50.71 -2.19 33.29
C ASN B 500 50.64 -1.24 32.11
N PRO B 501 51.01 0.05 32.31
CA PRO B 501 50.76 1.08 31.31
C PRO B 501 51.50 0.76 30.01
N GLY B 502 50.81 0.86 28.87
CA GLY B 502 51.46 0.77 27.56
C GLY B 502 51.67 -0.68 27.11
N GLU B 503 51.34 -1.65 27.96
CA GLU B 503 51.40 -3.05 27.54
C GLU B 503 50.48 -3.24 26.32
N ILE B 504 51.02 -3.87 25.28
CA ILE B 504 50.26 -4.26 24.09
C ILE B 504 50.06 -5.78 24.11
N PHE B 505 48.80 -6.21 24.19
CA PHE B 505 48.46 -7.61 24.21
C PHE B 505 48.78 -8.24 22.85
N PRO B 506 49.10 -9.54 22.81
CA PRO B 506 49.23 -10.26 21.54
C PRO B 506 47.88 -10.39 20.87
N PRO B 507 47.83 -10.76 19.58
CA PRO B 507 46.57 -11.04 18.91
C PRO B 507 45.71 -11.99 19.75
N GLN B 508 44.42 -11.66 19.89
CA GLN B 508 43.53 -12.31 20.81
C GLN B 508 42.74 -13.39 20.05
N LYS B 509 42.59 -14.55 20.69
CA LYS B 509 42.10 -15.75 20.02
C LYS B 509 40.61 -15.93 20.33
N THR B 510 39.78 -15.68 19.30
CA THR B 510 38.44 -16.20 19.24
C THR B 510 38.53 -17.68 18.87
N LYS B 511 37.69 -18.52 19.50
CA LYS B 511 37.78 -19.98 19.37
C LYS B 511 36.40 -20.57 19.07
N GLN B 512 36.36 -21.39 18.02
CA GLN B 512 35.12 -22.01 17.57
C GLN B 512 35.27 -23.53 17.64
N GLN B 513 34.21 -24.19 18.09
CA GLN B 513 33.99 -25.60 17.82
C GLN B 513 32.65 -25.73 17.10
N GLU B 514 32.61 -26.62 16.11
CA GLU B 514 31.43 -26.78 15.27
C GLU B 514 31.21 -28.26 14.97
N LEU B 515 29.94 -28.66 15.02
CA LEU B 515 29.48 -29.94 14.50
C LEU B 515 28.35 -29.69 13.50
N GLY B 516 28.37 -30.42 12.37
CA GLY B 516 27.44 -30.15 11.29
C GLY B 516 27.10 -31.38 10.45
N LEU B 517 26.00 -31.23 9.70
CA LEU B 517 25.46 -32.23 8.80
C LEU B 517 25.01 -31.51 7.52
N LYS B 518 25.41 -32.05 6.36
CA LYS B 518 25.00 -31.53 5.06
C LYS B 518 24.34 -32.65 4.24
N VAL B 519 23.27 -32.31 3.53
CA VAL B 519 22.51 -33.25 2.70
C VAL B 519 22.19 -32.57 1.36
N ASP B 520 22.73 -33.14 0.27
CA ASP B 520 22.37 -32.77 -1.11
C ASP B 520 21.42 -33.83 -1.68
N LEU B 521 20.13 -33.49 -1.80
CA LEU B 521 19.10 -34.42 -2.30
C LEU B 521 19.13 -34.48 -3.83
N GLY B 522 19.91 -33.61 -4.46
CA GLY B 522 20.03 -33.54 -5.91
C GLY B 522 19.82 -32.12 -6.42
N THR B 523 18.60 -31.58 -6.21
CA THR B 523 18.25 -30.21 -6.61
C THR B 523 17.97 -29.34 -5.36
N PHE B 524 17.93 -29.95 -4.18
CA PHE B 524 17.66 -29.23 -2.94
C PHE B 524 18.64 -29.71 -1.85
N ALA B 525 19.17 -28.77 -1.06
CA ALA B 525 20.23 -29.08 -0.10
C ALA B 525 19.91 -28.48 1.27
N HIS B 526 20.34 -29.20 2.32
CA HIS B 526 20.15 -28.83 3.71
C HIS B 526 21.50 -28.76 4.43
N THR B 527 21.64 -27.80 5.34
CA THR B 527 22.73 -27.79 6.32
C THR B 527 22.13 -27.70 7.73
N LEU B 528 22.65 -28.52 8.64
CA LEU B 528 22.35 -28.40 10.06
C LEU B 528 23.68 -28.35 10.82
N SER B 529 23.90 -27.26 11.56
CA SER B 529 25.15 -27.08 12.27
C SER B 529 24.91 -26.44 13.63
N ALA B 530 25.76 -26.84 14.59
CA ALA B 530 25.79 -26.29 15.93
C ALA B 530 27.20 -25.80 16.24
N PHE B 531 27.31 -24.69 16.96
CA PHE B 531 28.59 -24.09 17.19
C PHE B 531 28.66 -23.48 18.57
N GLU B 532 29.89 -23.35 19.06
CA GLU B 532 30.20 -22.54 20.21
C GLU B 532 31.45 -21.73 19.87
N ILE B 533 31.35 -20.41 20.04
CA ILE B 533 32.43 -19.50 19.74
C ILE B 533 32.62 -18.57 20.94
N THR B 534 33.83 -18.57 21.50
CA THR B 534 34.21 -17.64 22.57
C THR B 534 35.11 -16.55 21.98
N LYS B 535 34.81 -15.30 22.32
CA LYS B 535 35.59 -14.15 21.90
C LYS B 535 36.01 -13.36 23.12
N PRO B 536 37.33 -13.17 23.34
CA PRO B 536 37.79 -12.39 24.48
C PRO B 536 37.69 -10.87 24.24
N SER B 537 37.63 -10.11 25.33
CA SER B 537 37.74 -8.66 25.31
C SER B 537 38.64 -8.22 26.47
N SER B 538 39.12 -6.98 26.38
CA SER B 538 40.08 -6.41 27.31
C SER B 538 39.49 -5.14 27.96
N TYR B 539 39.80 -4.90 29.24
CA TYR B 539 39.25 -3.78 29.99
C TYR B 539 40.10 -3.52 31.25
N LEU B 540 39.95 -2.31 31.81
CA LEU B 540 40.63 -1.91 33.05
C LEU B 540 39.87 -2.46 34.27
N ASP B 541 40.54 -3.29 35.08
CA ASP B 541 39.90 -4.04 36.17
C ASP B 541 40.31 -3.46 37.53
N PRO B 542 39.38 -2.76 38.23
CA PRO B 542 39.72 -2.12 39.50
C PRO B 542 39.96 -3.13 40.65
N SER B 543 39.50 -4.37 40.48
CA SER B 543 39.57 -5.40 41.56
C SER B 543 40.96 -6.09 41.60
N LYS B 544 41.80 -5.87 40.58
CA LYS B 544 43.11 -6.51 40.50
C LYS B 544 44.20 -5.43 40.62
N LEU B 545 44.71 -5.27 41.86
CA LEU B 545 45.57 -4.15 42.22
C LEU B 545 47.03 -4.60 42.15
N VAL B 546 47.83 -3.81 41.42
CA VAL B 546 49.24 -4.00 41.26
C VAL B 546 49.90 -2.62 41.38
N ASN B 547 50.89 -2.49 42.28
CA ASN B 547 51.37 -1.18 42.76
C ASN B 547 50.18 -0.27 43.03
N ASN B 548 49.16 -0.83 43.71
CA ASN B 548 48.03 -0.04 44.22
C ASN B 548 47.27 0.60 43.05
N LEU B 549 47.33 -0.02 41.85
CA LEU B 549 46.71 0.53 40.62
C LEU B 549 45.83 -0.52 39.94
N PRO B 550 44.80 -0.08 39.18
CA PRO B 550 44.00 -1.01 38.38
C PRO B 550 44.82 -1.64 37.23
N THR B 551 44.58 -2.92 36.96
CA THR B 551 45.31 -3.65 35.93
C THR B 551 44.42 -3.82 34.68
N PHE B 552 45.02 -3.58 33.51
CA PHE B 552 44.40 -3.85 32.22
C PHE B 552 44.58 -5.33 31.87
N VAL B 553 43.46 -6.03 31.64
CA VAL B 553 43.43 -7.50 31.53
C VAL B 553 42.64 -7.89 30.28
N SER B 554 42.87 -9.13 29.79
CA SER B 554 42.16 -9.69 28.66
C SER B 554 41.18 -10.80 29.12
N ASP B 555 40.50 -10.56 30.23
CA ASP B 555 39.73 -11.57 30.97
C ASP B 555 38.26 -11.57 30.52
N GLY B 556 37.85 -10.59 29.71
CA GLY B 556 36.49 -10.51 29.20
C GLY B 556 36.17 -11.65 28.25
N GLU B 557 34.90 -12.03 28.18
CA GLU B 557 34.50 -13.07 27.28
C GLU B 557 33.02 -12.91 26.91
N GLN B 558 32.75 -13.09 25.62
CA GLN B 558 31.45 -13.38 25.09
C GLN B 558 31.46 -14.79 24.49
N ARG B 559 30.41 -15.55 24.77
CA ARG B 559 30.26 -16.90 24.27
C ARG B 559 28.94 -17.01 23.48
N ASN B 560 29.07 -17.25 22.17
CA ASN B 560 27.93 -17.49 21.29
C ASN B 560 27.78 -19.00 21.05
N ARG B 561 26.64 -19.55 21.47
CA ARG B 561 26.24 -20.89 21.11
C ARG B 561 25.05 -20.80 20.16
N GLY B 562 25.07 -21.62 19.10
CA GLY B 562 24.07 -21.52 18.04
C GLY B 562 23.73 -22.87 17.43
N ILE B 563 22.48 -23.01 16.97
CA ILE B 563 22.04 -24.07 16.03
C ILE B 563 21.47 -23.37 14.79
N GLU B 564 21.88 -23.86 13.62
N GLU B 564 21.89 -23.84 13.62
CA GLU B 564 21.43 -23.34 12.33
CA GLU B 564 21.38 -23.34 12.35
C GLU B 564 20.88 -24.49 11.49
C GLU B 564 20.85 -24.50 11.50
N TRP B 565 19.63 -24.34 10.98
CA TRP B 565 19.12 -25.16 9.90
C TRP B 565 18.82 -24.28 8.69
N SER B 566 19.48 -24.56 7.56
CA SER B 566 19.29 -23.77 6.34
C SER B 566 19.28 -24.67 5.11
N PHE B 567 18.84 -24.11 3.98
CA PHE B 567 18.51 -24.89 2.81
C PHE B 567 18.49 -23.97 1.59
N PHE B 568 18.70 -24.57 0.42
CA PHE B 568 18.64 -23.84 -0.82
C PHE B 568 18.36 -24.80 -1.96
N GLY B 569 17.91 -24.21 -3.08
CA GLY B 569 17.77 -24.88 -4.34
C GLY B 569 16.32 -24.96 -4.75
N SER B 570 15.97 -26.06 -5.41
CA SER B 570 14.68 -26.25 -6.00
C SER B 570 14.09 -27.55 -5.48
N PRO B 571 13.14 -27.50 -4.53
CA PRO B 571 12.58 -28.70 -3.92
C PRO B 571 11.56 -29.41 -4.82
N ILE B 572 10.98 -28.65 -5.76
CA ILE B 572 10.16 -29.20 -6.86
C ILE B 572 10.34 -28.29 -8.08
N GLU B 573 9.94 -28.78 -9.26
CA GLU B 573 10.16 -28.06 -10.49
C GLU B 573 9.40 -26.72 -10.44
N HIS B 574 10.05 -25.67 -10.95
CA HIS B 574 9.47 -24.32 -11.10
C HIS B 574 9.39 -23.57 -9.77
N VAL B 575 9.91 -24.18 -8.69
CA VAL B 575 9.97 -23.55 -7.35
C VAL B 575 11.44 -23.47 -6.88
N ARG B 576 11.81 -22.29 -6.40
CA ARG B 576 13.06 -22.11 -5.67
C ARG B 576 12.76 -21.67 -4.24
N LEU B 577 13.54 -22.21 -3.30
CA LEU B 577 13.33 -22.02 -1.86
C LEU B 577 14.69 -21.90 -1.19
N MET B 578 14.88 -20.83 -0.43
CA MET B 578 16.14 -20.58 0.26
C MET B 578 15.84 -19.90 1.60
N GLY B 579 16.45 -20.40 2.68
CA GLY B 579 16.28 -19.80 4.00
C GLY B 579 16.65 -20.76 5.12
N GLY B 580 16.14 -20.49 6.32
CA GLY B 580 16.32 -21.38 7.47
C GLY B 580 15.96 -20.72 8.78
N PHE B 581 16.38 -21.39 9.87
CA PHE B 581 16.08 -21.02 11.24
C PHE B 581 17.38 -21.12 12.04
N THR B 582 17.58 -20.16 12.97
CA THR B 582 18.68 -20.22 13.91
C THR B 582 18.19 -19.86 15.30
N TYR B 583 18.69 -20.60 16.30
CA TYR B 583 18.69 -20.17 17.68
C TYR B 583 20.13 -19.78 18.07
N LEU B 584 20.28 -18.59 18.65
CA LEU B 584 21.55 -18.05 19.10
C LEU B 584 21.44 -17.69 20.59
N ASP B 585 22.41 -18.17 21.38
CA ASP B 585 22.57 -17.74 22.76
C ASP B 585 23.89 -16.97 22.86
N PRO B 586 23.85 -15.63 22.76
CA PRO B 586 25.05 -14.82 22.85
C PRO B 586 25.18 -14.25 24.27
N GLU B 587 26.09 -14.84 25.05
CA GLU B 587 26.15 -14.59 26.47
C GLU B 587 27.45 -13.86 26.81
N LEU B 588 27.31 -12.78 27.59
CA LEU B 588 28.46 -12.15 28.21
C LEU B 588 28.86 -12.94 29.46
N THR B 589 29.84 -13.84 29.31
CA THR B 589 30.18 -14.78 30.37
C THR B 589 31.11 -14.13 31.39
N LYS B 590 31.94 -13.17 30.95
CA LYS B 590 32.87 -12.48 31.86
C LYS B 590 33.00 -11.02 31.45
N THR B 591 32.64 -10.13 32.38
CA THR B 591 32.55 -8.68 32.15
C THR B 591 33.28 -7.95 33.29
N LYS B 592 33.67 -6.71 33.03
CA LYS B 592 34.25 -5.79 34.02
C LYS B 592 33.44 -5.86 35.33
N SER B 593 34.12 -6.29 36.41
CA SER B 593 33.61 -6.33 37.80
C SER B 593 32.49 -7.37 37.96
N GLY B 594 32.22 -8.13 36.88
CA GLY B 594 31.18 -9.16 36.93
C GLY B 594 29.77 -8.60 36.86
N GLY B 595 29.64 -7.27 36.71
CA GLY B 595 28.32 -6.59 36.68
C GLY B 595 27.32 -7.24 35.70
N ASN B 596 27.80 -7.56 34.49
CA ASN B 596 26.91 -7.97 33.42
C ASN B 596 27.12 -9.46 33.09
N ASP B 597 27.79 -10.19 33.99
CA ASP B 597 27.98 -11.65 33.85
C ASP B 597 26.63 -12.33 33.66
N GLY B 598 26.52 -13.12 32.60
CA GLY B 598 25.33 -13.94 32.36
C GLY B 598 24.26 -13.20 31.55
N HIS B 599 24.49 -11.91 31.27
CA HIS B 599 23.58 -11.13 30.43
C HIS B 599 23.70 -11.58 28.96
N THR B 600 22.71 -11.18 28.17
CA THR B 600 22.71 -11.37 26.71
C THR B 600 23.43 -10.20 26.03
N ALA B 601 24.20 -10.50 24.97
CA ALA B 601 24.88 -9.49 24.17
C ALA B 601 23.85 -8.56 23.50
N VAL B 602 24.27 -7.31 23.28
CA VAL B 602 23.45 -6.28 22.65
C VAL B 602 23.26 -6.62 21.15
N ALA B 603 22.18 -6.10 20.58
CA ALA B 603 22.03 -5.81 19.14
C ALA B 603 21.44 -7.01 18.38
N VAL B 604 21.85 -8.23 18.76
CA VAL B 604 21.56 -9.40 17.96
C VAL B 604 20.34 -10.10 18.53
N PRO B 605 19.47 -10.66 17.66
CA PRO B 605 18.35 -11.46 18.12
C PRO B 605 18.78 -12.89 18.42
N LYS B 606 18.05 -13.54 19.32
CA LYS B 606 18.28 -14.92 19.69
C LYS B 606 17.67 -15.86 18.64
N ASN B 607 16.60 -15.42 17.99
CA ASN B 607 15.84 -16.28 17.06
C ASN B 607 15.70 -15.55 15.73
N GLN B 608 16.00 -16.25 14.63
CA GLN B 608 15.71 -15.77 13.28
C GLN B 608 15.04 -16.89 12.46
N ALA B 609 14.07 -16.49 11.64
CA ALA B 609 13.53 -17.34 10.61
C ALA B 609 13.43 -16.53 9.31
N LYS B 610 14.02 -17.07 8.24
CA LYS B 610 13.96 -16.43 6.96
C LYS B 610 13.55 -17.45 5.89
N LEU B 611 12.71 -17.01 4.96
N LEU B 611 12.70 -17.01 4.96
CA LEU B 611 12.32 -17.81 3.80
CA LEU B 611 12.31 -17.80 3.81
C LEU B 611 12.19 -16.88 2.58
C LEU B 611 12.19 -16.88 2.58
N GLY B 612 12.94 -17.21 1.53
CA GLY B 612 12.73 -16.67 0.21
C GLY B 612 12.24 -17.76 -0.74
N ALA B 613 11.18 -17.46 -1.48
CA ALA B 613 10.55 -18.42 -2.37
C ALA B 613 10.31 -17.75 -3.71
N GLU B 614 10.52 -18.52 -4.79
CA GLU B 614 10.18 -18.10 -6.14
C GLU B 614 9.34 -19.20 -6.81
N TRP B 615 8.41 -18.77 -7.65
CA TRP B 615 7.55 -19.66 -8.42
C TRP B 615 7.52 -19.16 -9.88
N ASP B 616 7.84 -20.08 -10.80
CA ASP B 616 7.88 -19.82 -12.24
C ASP B 616 6.62 -20.39 -12.91
N THR B 617 6.12 -19.67 -13.92
CA THR B 617 5.06 -20.16 -14.78
C THR B 617 5.24 -19.56 -16.18
N GLN B 618 4.93 -20.35 -17.21
CA GLN B 618 5.05 -19.90 -18.60
C GLN B 618 3.89 -18.96 -18.95
N VAL B 619 4.20 -17.84 -19.60
CA VAL B 619 3.19 -16.82 -19.95
C VAL B 619 3.57 -16.20 -21.31
N ALA B 620 2.78 -16.51 -22.35
CA ALA B 620 3.12 -16.15 -23.73
C ALA B 620 4.53 -16.67 -24.05
N GLN B 621 5.38 -15.82 -24.63
CA GLN B 621 6.74 -16.19 -25.01
C GLN B 621 7.74 -15.77 -23.91
N GLY B 622 7.50 -16.20 -22.67
CA GLY B 622 8.37 -15.85 -21.57
C GLY B 622 8.05 -16.61 -20.29
N THR B 623 8.89 -16.39 -19.28
CA THR B 623 8.72 -16.94 -17.95
C THR B 623 8.37 -15.80 -16.98
N LEU B 624 7.26 -15.98 -16.26
CA LEU B 624 6.91 -15.13 -15.16
C LEU B 624 7.34 -15.81 -13.86
N THR B 625 8.07 -15.06 -13.03
CA THR B 625 8.43 -15.47 -11.68
C THR B 625 7.75 -14.55 -10.67
N LEU B 626 7.11 -15.15 -9.66
CA LEU B 626 6.66 -14.41 -8.48
C LEU B 626 7.55 -14.82 -7.30
N SER B 627 7.93 -13.83 -6.49
CA SER B 627 8.83 -14.05 -5.37
C SER B 627 8.24 -13.43 -4.09
N GLY B 628 8.57 -14.05 -2.96
CA GLY B 628 8.25 -13.53 -1.65
C GLY B 628 9.35 -13.85 -0.66
N ASN B 629 9.52 -12.96 0.31
CA ASN B 629 10.46 -13.14 1.39
C ASN B 629 9.78 -12.79 2.71
N ILE B 630 10.03 -13.61 3.72
CA ILE B 630 9.70 -13.27 5.08
C ILE B 630 10.97 -13.33 5.94
N ASN B 631 11.05 -12.41 6.90
CA ASN B 631 12.19 -12.23 7.76
C ASN B 631 11.67 -11.90 9.16
N ALA B 632 11.74 -12.88 10.06
CA ALA B 632 11.21 -12.79 11.42
C ALA B 632 12.35 -12.93 12.42
N VAL B 633 12.45 -11.97 13.33
CA VAL B 633 13.46 -12.02 14.37
C VAL B 633 12.83 -11.65 15.70
N SER B 634 13.45 -12.12 16.78
CA SER B 634 13.03 -11.84 18.12
C SER B 634 13.72 -10.56 18.63
N LYS B 635 13.48 -10.27 19.91
CA LYS B 635 13.88 -9.01 20.50
C LYS B 635 15.41 -8.95 20.61
N GLN B 636 15.92 -7.73 20.75
CA GLN B 636 17.35 -7.47 20.91
C GLN B 636 17.55 -6.49 22.06
N TYR B 637 18.60 -6.70 22.85
CA TYR B 637 18.92 -5.79 23.93
C TYR B 637 19.72 -4.62 23.38
N ILE B 638 19.49 -3.46 23.99
CA ILE B 638 20.11 -2.23 23.54
C ILE B 638 21.32 -1.90 24.42
N ASN B 639 21.32 -2.35 25.67
CA ASN B 639 22.49 -2.20 26.56
C ASN B 639 22.85 -3.55 27.18
N ALA B 640 24.08 -3.63 27.68
CA ALA B 640 24.68 -4.87 28.21
C ALA B 640 24.11 -5.17 29.61
N GLU B 641 23.56 -4.13 30.26
CA GLU B 641 22.81 -4.29 31.53
C GLU B 641 21.49 -5.02 31.27
N ASN B 642 21.06 -5.04 30.01
CA ASN B 642 19.84 -5.76 29.58
C ASN B 642 18.61 -5.10 30.22
N THR B 643 18.68 -3.80 30.50
CA THR B 643 17.55 -3.03 31.04
C THR B 643 16.82 -2.26 29.92
N LEU B 644 17.40 -2.24 28.70
CA LEU B 644 16.71 -1.68 27.53
C LEU B 644 16.72 -2.71 26.40
N SER B 645 15.57 -2.85 25.74
CA SER B 645 15.45 -3.77 24.62
C SER B 645 14.51 -3.17 23.57
N VAL B 646 14.54 -3.73 22.36
CA VAL B 646 13.53 -3.48 21.35
C VAL B 646 12.91 -4.82 20.95
N PRO B 647 11.60 -4.83 20.60
CA PRO B 647 10.91 -6.05 20.20
C PRO B 647 11.44 -6.66 18.89
N GLY B 648 11.09 -7.93 18.66
CA GLY B 648 11.20 -8.56 17.36
C GLY B 648 10.42 -7.80 16.30
N ARG B 649 10.70 -8.11 15.03
CA ARG B 649 9.86 -7.66 13.96
C ARG B 649 9.88 -8.70 12.83
N THR B 650 8.80 -8.72 12.05
CA THR B 650 8.68 -9.54 10.87
C THR B 650 8.45 -8.62 9.68
N LEU B 651 9.29 -8.78 8.65
CA LEU B 651 9.27 -7.96 7.46
C LEU B 651 8.95 -8.84 6.25
N LEU B 652 8.14 -8.31 5.33
CA LEU B 652 7.76 -9.02 4.11
C LEU B 652 8.33 -8.28 2.91
N ASP B 653 8.74 -9.05 1.90
CA ASP B 653 9.09 -8.50 0.60
C ASP B 653 8.39 -9.33 -0.49
N VAL B 654 8.10 -8.71 -1.63
CA VAL B 654 7.51 -9.40 -2.79
C VAL B 654 8.19 -8.89 -4.05
N GLY B 655 8.20 -9.75 -5.07
CA GLY B 655 8.74 -9.39 -6.36
C GLY B 655 8.03 -10.11 -7.49
N ALA B 656 8.18 -9.57 -8.69
CA ALA B 656 7.85 -10.26 -9.92
C ALA B 656 8.94 -10.03 -10.94
N ARG B 657 9.14 -11.03 -11.78
CA ARG B 657 10.17 -11.01 -12.80
C ARG B 657 9.58 -11.62 -14.07
N TYR B 658 9.80 -10.96 -15.21
CA TYR B 658 9.39 -11.47 -16.52
C TYR B 658 10.60 -11.50 -17.45
N SER B 659 10.95 -12.70 -17.90
N SER B 659 10.94 -12.71 -17.91
CA SER B 659 12.05 -12.90 -18.85
CA SER B 659 12.04 -12.93 -18.85
C SER B 659 11.49 -13.41 -20.20
C SER B 659 11.47 -13.41 -20.20
N THR B 660 11.88 -12.74 -21.27
CA THR B 660 11.35 -13.00 -22.61
C THR B 660 12.43 -12.63 -23.61
N LYS B 661 12.05 -12.56 -24.90
CA LYS B 661 12.94 -12.11 -25.98
C LYS B 661 12.19 -11.09 -26.84
N VAL B 662 12.93 -10.08 -27.30
CA VAL B 662 12.44 -9.13 -28.25
C VAL B 662 13.35 -9.18 -29.48
N GLU B 663 12.79 -9.67 -30.60
CA GLU B 663 13.56 -9.93 -31.83
C GLU B 663 14.76 -10.81 -31.49
N ASP B 664 14.58 -11.73 -30.54
CA ASP B 664 15.59 -12.74 -30.19
C ASP B 664 16.69 -12.16 -29.28
N HIS B 665 16.52 -10.91 -28.83
CA HIS B 665 17.35 -10.35 -27.75
C HIS B 665 16.71 -10.64 -26.40
N PRO B 666 17.38 -11.38 -25.48
CA PRO B 666 16.90 -11.54 -24.11
C PRO B 666 16.61 -10.21 -23.40
N VAL B 667 15.43 -10.15 -22.77
CA VAL B 667 14.93 -9.00 -22.02
C VAL B 667 14.36 -9.49 -20.68
N THR B 668 14.73 -8.82 -19.59
CA THR B 668 14.20 -9.16 -18.27
C THR B 668 13.67 -7.90 -17.58
N PHE B 669 12.42 -7.99 -17.11
CA PHE B 669 11.77 -6.98 -16.27
C PHE B 669 11.70 -7.48 -14.82
N ARG B 670 12.01 -6.60 -13.87
CA ARG B 670 12.06 -6.94 -12.45
C ARG B 670 11.39 -5.83 -11.64
N ALA B 671 10.51 -6.24 -10.73
CA ALA B 671 9.90 -5.33 -9.78
C ALA B 671 10.00 -5.96 -8.40
N ASN B 672 10.38 -5.14 -7.42
CA ASN B 672 10.54 -5.58 -6.05
C ASN B 672 9.98 -4.51 -5.12
N ILE B 673 9.31 -4.97 -4.06
CA ILE B 673 8.97 -4.13 -2.94
C ILE B 673 9.57 -4.78 -1.69
N TYR B 674 10.36 -3.99 -0.96
CA TYR B 674 10.97 -4.42 0.27
C TYR B 674 10.28 -3.72 1.44
N ASN B 675 10.15 -4.45 2.56
CA ASN B 675 9.37 -4.00 3.73
C ASN B 675 7.99 -3.54 3.26
N LEU B 676 7.24 -4.50 2.72
CA LEU B 676 5.99 -4.29 2.07
C LEU B 676 4.98 -3.62 3.02
N THR B 677 5.04 -4.00 4.30
CA THR B 677 4.07 -3.50 5.31
C THR B 677 4.54 -2.15 5.86
N ASN B 678 5.72 -1.66 5.42
CA ASN B 678 6.26 -0.38 5.87
C ASN B 678 6.35 -0.37 7.42
N LYS B 679 6.80 -1.49 7.98
CA LYS B 679 6.96 -1.62 9.41
C LYS B 679 8.03 -0.64 9.92
N ALA B 680 7.66 0.11 10.95
CA ALA B 680 8.58 1.00 11.66
C ALA B 680 9.22 0.23 12.83
N TYR B 681 10.55 0.20 12.90
CA TYR B 681 11.22 -0.51 14.01
C TYR B 681 12.55 0.15 14.31
N TRP B 682 12.92 0.13 15.60
CA TRP B 682 14.26 0.40 16.10
C TRP B 682 15.11 -0.87 15.96
N ALA B 683 16.39 -0.67 15.62
CA ALA B 683 17.44 -1.71 15.82
C ALA B 683 18.78 -1.01 16.06
N GLN B 684 19.81 -1.77 16.42
CA GLN B 684 21.04 -1.17 16.90
C GLN B 684 22.04 -1.10 15.77
N PRO B 685 22.46 0.12 15.36
CA PRO B 685 23.56 0.29 14.42
C PRO B 685 24.93 0.32 15.13
N GLN B 686 25.98 0.66 14.37
CA GLN B 686 27.28 0.92 14.94
C GLN B 686 27.30 2.30 15.60
N LEU B 687 27.88 2.33 16.82
CA LEU B 687 28.37 3.53 17.52
C LEU B 687 27.25 4.23 18.29
N THR B 688 26.04 4.22 17.75
CA THR B 688 24.85 4.76 18.45
C THR B 688 23.93 3.59 18.80
N ASN B 689 22.99 3.85 19.73
CA ASN B 689 22.14 2.84 20.34
C ASN B 689 21.10 2.31 19.35
N LEU B 690 20.47 3.23 18.60
CA LEU B 690 19.24 2.93 17.82
C LEU B 690 19.29 3.59 16.44
N ALA B 691 18.64 2.95 15.47
CA ALA B 691 18.24 3.60 14.25
C ALA B 691 17.02 2.90 13.67
N LEU B 692 16.22 3.66 12.91
CA LEU B 692 15.05 3.17 12.25
C LEU B 692 15.44 2.27 11.08
N GLY B 693 14.74 1.15 10.95
CA GLY B 693 14.86 0.27 9.78
C GLY B 693 14.37 0.95 8.53
N ALA B 694 14.84 0.48 7.37
CA ALA B 694 14.46 1.05 6.10
C ALA B 694 12.95 0.92 5.91
N PRO B 695 12.30 1.94 5.30
CA PRO B 695 10.87 1.89 5.01
C PRO B 695 10.60 1.04 3.78
N ARG B 696 9.31 0.94 3.45
CA ARG B 696 8.86 0.39 2.18
C ARG B 696 9.67 1.02 1.05
N THR B 697 10.21 0.18 0.17
CA THR B 697 11.07 0.62 -0.91
C THR B 697 10.67 -0.13 -2.19
N TYR B 698 10.41 0.63 -3.25
CA TYR B 698 10.08 0.06 -4.58
C TYR B 698 11.33 0.10 -5.46
N MET B 699 11.58 -0.99 -6.19
CA MET B 699 12.68 -1.08 -7.12
C MET B 699 12.17 -1.66 -8.45
N LEU B 700 12.58 -1.02 -9.56
CA LEU B 700 12.31 -1.51 -10.94
C LEU B 700 13.62 -1.57 -11.73
N SER B 701 13.79 -2.62 -12.52
CA SER B 701 14.88 -2.70 -13.46
C SER B 701 14.43 -3.42 -14.73
N VAL B 702 15.01 -2.98 -15.86
N VAL B 702 14.98 -2.97 -15.87
CA VAL B 702 14.86 -3.63 -17.16
CA VAL B 702 14.86 -3.67 -17.14
C VAL B 702 16.26 -3.84 -17.74
C VAL B 702 16.27 -3.86 -17.71
N SER B 703 16.53 -5.06 -18.22
CA SER B 703 17.78 -5.37 -18.83
C SER B 703 17.57 -5.87 -20.26
N TYR B 704 18.54 -5.56 -21.12
CA TYR B 704 18.52 -5.87 -22.54
C TYR B 704 19.90 -6.43 -22.95
N ASP B 705 19.91 -7.62 -23.55
CA ASP B 705 21.15 -8.24 -24.09
C ASP B 705 21.30 -7.92 -25.61
N PHE B 706 22.37 -7.20 -25.96
CA PHE B 706 22.66 -6.82 -27.33
C PHE B 706 23.12 -8.03 -28.14
N ASP C 36 -23.95 -31.52 -0.77
CA ASP C 36 -24.67 -30.52 0.05
C ASP C 36 -24.15 -29.10 -0.27
N THR C 37 -23.04 -28.97 -0.99
CA THR C 37 -22.42 -27.66 -1.19
C THR C 37 -22.79 -27.14 -2.58
N TYR C 38 -22.94 -25.82 -2.68
CA TYR C 38 -23.40 -25.16 -3.87
C TYR C 38 -22.20 -24.92 -4.77
N ALA C 39 -22.47 -24.61 -6.05
CA ALA C 39 -21.45 -24.16 -6.97
C ALA C 39 -20.56 -23.11 -6.29
N GLY C 40 -19.24 -23.31 -6.37
CA GLY C 40 -18.27 -22.41 -5.77
C GLY C 40 -17.62 -23.02 -4.52
N GLY C 41 -18.34 -23.93 -3.86
CA GLY C 41 -17.80 -24.68 -2.70
C GLY C 41 -17.92 -23.91 -1.38
N GLN C 42 -18.48 -22.69 -1.42
CA GLN C 42 -18.31 -21.75 -0.31
C GLN C 42 -19.60 -21.64 0.52
N VAL C 43 -20.73 -21.98 -0.10
CA VAL C 43 -22.03 -21.96 0.54
C VAL C 43 -22.68 -23.35 0.40
N ALA C 44 -23.43 -23.75 1.43
CA ALA C 44 -24.18 -25.00 1.45
C ALA C 44 -25.64 -24.75 1.06
N THR C 45 -26.33 -25.83 0.65
CA THR C 45 -27.65 -25.77 0.04
C THR C 45 -28.74 -25.99 1.07
N SER C 46 -28.35 -26.34 2.31
N SER C 46 -28.34 -26.31 2.31
CA SER C 46 -29.29 -26.58 3.40
CA SER C 46 -29.27 -26.57 3.41
C SER C 46 -28.73 -26.01 4.71
C SER C 46 -28.73 -25.94 4.70
N SER C 47 -29.64 -25.76 5.66
CA SER C 47 -29.26 -25.30 6.99
C SER C 47 -30.31 -25.77 7.99
N ASN C 48 -29.96 -25.66 9.27
CA ASN C 48 -30.83 -26.06 10.37
C ASN C 48 -31.79 -24.90 10.70
N VAL C 49 -33.09 -25.19 10.59
CA VAL C 49 -34.12 -24.20 10.81
C VAL C 49 -34.72 -24.47 12.20
N GLY C 50 -33.90 -24.23 13.24
CA GLY C 50 -34.26 -24.59 14.61
C GLY C 50 -34.75 -26.03 14.70
N PHE C 51 -35.83 -26.26 15.45
CA PHE C 51 -36.28 -27.63 15.72
C PHE C 51 -37.03 -28.22 14.51
N LEU C 52 -37.20 -27.46 13.41
CA LEU C 52 -37.70 -28.02 12.15
C LEU C 52 -36.63 -28.88 11.49
N GLY C 53 -35.37 -28.68 11.89
CA GLY C 53 -34.22 -29.46 11.37
C GLY C 53 -33.75 -28.97 10.01
N SER C 54 -33.05 -29.84 9.28
CA SER C 54 -32.37 -29.52 8.04
C SER C 54 -33.39 -29.24 6.94
N LYS C 55 -33.30 -28.06 6.31
CA LYS C 55 -34.17 -27.69 5.19
C LYS C 55 -33.34 -27.05 4.09
N LYS C 56 -33.70 -27.36 2.84
CA LYS C 56 -33.06 -26.80 1.68
C LYS C 56 -33.44 -25.32 1.52
N PHE C 57 -32.56 -24.61 0.81
CA PHE C 57 -32.69 -23.20 0.47
C PHE C 57 -34.12 -22.87 -0.02
N LEU C 58 -34.60 -23.59 -1.04
CA LEU C 58 -35.86 -23.23 -1.72
C LEU C 58 -37.06 -23.72 -0.90
N ASP C 59 -36.79 -24.46 0.19
CA ASP C 59 -37.83 -25.02 1.09
C ASP C 59 -37.92 -24.23 2.41
N THR C 60 -37.11 -23.19 2.56
CA THR C 60 -37.00 -22.52 3.86
C THR C 60 -37.69 -21.16 3.78
N PRO C 61 -38.79 -20.93 4.52
CA PRO C 61 -39.50 -19.65 4.48
C PRO C 61 -38.87 -18.62 5.43
N PHE C 62 -37.54 -18.62 5.46
CA PHE C 62 -36.73 -17.66 6.20
C PHE C 62 -35.52 -17.31 5.36
N ASN C 63 -34.90 -16.16 5.66
CA ASN C 63 -33.68 -15.76 5.03
C ASN C 63 -32.52 -16.43 5.75
N THR C 64 -31.87 -17.38 5.05
CA THR C 64 -30.86 -18.25 5.63
C THR C 64 -29.62 -18.27 4.74
N ILE C 65 -28.46 -18.48 5.35
CA ILE C 65 -27.28 -18.79 4.59
C ILE C 65 -26.38 -19.69 5.42
N SER C 66 -25.67 -20.58 4.74
CA SER C 66 -24.72 -21.46 5.36
C SER C 66 -23.38 -21.37 4.62
N TYR C 67 -22.33 -21.03 5.37
CA TYR C 67 -20.97 -20.97 4.85
C TYR C 67 -20.23 -22.28 5.20
N THR C 68 -19.39 -22.75 4.27
CA THR C 68 -18.61 -23.98 4.43
C THR C 68 -17.26 -23.68 5.07
N ASP C 69 -16.58 -24.74 5.54
CA ASP C 69 -15.23 -24.63 6.11
C ASP C 69 -14.25 -24.14 5.03
N LYS C 70 -14.56 -24.43 3.76
N LYS C 70 -14.55 -24.44 3.76
CA LYS C 70 -13.78 -23.94 2.63
CA LYS C 70 -13.76 -23.96 2.62
C LYS C 70 -13.80 -22.41 2.62
C LYS C 70 -13.81 -22.42 2.57
N TYR C 71 -15.00 -21.82 2.74
CA TYR C 71 -15.13 -20.35 2.82
C TYR C 71 -14.33 -19.80 4.00
N ILE C 72 -14.46 -20.47 5.15
CA ILE C 72 -13.81 -20.01 6.37
C ILE C 72 -12.30 -19.94 6.14
N GLU C 73 -11.73 -20.99 5.54
N GLU C 73 -11.71 -20.97 5.55
CA GLU C 73 -10.31 -21.11 5.27
CA GLU C 73 -10.26 -21.02 5.34
C GLU C 73 -9.89 -20.04 4.25
C GLU C 73 -9.86 -20.03 4.24
N ASP C 74 -10.74 -19.83 3.24
CA ASP C 74 -10.47 -18.89 2.14
C ASP C 74 -10.39 -17.44 2.65
N LYS C 75 -11.18 -17.10 3.68
CA LYS C 75 -11.19 -15.75 4.27
C LYS C 75 -10.08 -15.63 5.33
N GLN C 76 -9.49 -16.77 5.70
CA GLN C 76 -8.56 -16.86 6.82
C GLN C 76 -9.24 -16.28 8.08
N ALA C 77 -10.53 -16.58 8.24
CA ALA C 77 -11.35 -16.04 9.33
C ALA C 77 -10.80 -16.47 10.69
N LYS C 78 -10.68 -15.51 11.60
CA LYS C 78 -10.13 -15.73 12.96
C LYS C 78 -11.25 -15.74 14.00
N ASP C 79 -12.44 -15.26 13.63
CA ASP C 79 -13.61 -15.34 14.49
C ASP C 79 -14.85 -15.43 13.61
N ILE C 80 -16.02 -15.52 14.23
CA ILE C 80 -17.25 -15.79 13.50
C ILE C 80 -17.65 -14.56 12.67
N THR C 81 -17.38 -13.38 13.23
CA THR C 81 -17.68 -12.10 12.58
C THR C 81 -17.06 -12.11 11.16
N GLU C 82 -15.81 -12.57 11.06
CA GLU C 82 -15.08 -12.53 9.80
C GLU C 82 -15.70 -13.51 8.80
N VAL C 83 -16.54 -14.44 9.28
CA VAL C 83 -17.25 -15.35 8.38
C VAL C 83 -18.57 -14.70 7.92
N ILE C 84 -19.37 -14.23 8.87
CA ILE C 84 -20.78 -13.94 8.60
C ILE C 84 -20.98 -12.47 8.17
N ALA C 85 -20.02 -11.59 8.46
CA ALA C 85 -20.18 -10.12 8.20
C ALA C 85 -19.59 -9.73 6.82
N ALA C 86 -18.70 -10.55 6.28
CA ALA C 86 -17.86 -10.13 5.17
C ALA C 86 -18.74 -9.76 3.95
N THR C 87 -19.74 -10.59 3.63
CA THR C 87 -20.51 -10.39 2.38
C THR C 87 -22.01 -10.21 2.63
N ASP C 88 -22.45 -10.26 3.89
CA ASP C 88 -23.87 -10.26 4.20
C ASP C 88 -24.30 -8.84 4.59
N PRO C 89 -25.13 -8.17 3.76
CA PRO C 89 -25.49 -6.77 4.00
C PRO C 89 -26.52 -6.56 5.11
N SER C 90 -27.06 -7.65 5.64
CA SER C 90 -27.99 -7.60 6.76
C SER C 90 -27.25 -7.75 8.08
N ILE C 91 -25.91 -7.90 8.00
CA ILE C 91 -25.08 -7.98 9.21
C ILE C 91 -24.11 -6.79 9.24
N TYR C 92 -23.98 -6.19 10.41
CA TYR C 92 -23.09 -5.08 10.62
C TYR C 92 -22.22 -5.33 11.85
N THR C 93 -20.91 -5.11 11.69
CA THR C 93 -20.00 -4.99 12.82
C THR C 93 -19.29 -3.63 12.78
N ASN C 94 -18.90 -3.15 13.97
CA ASN C 94 -18.13 -1.95 14.11
C ASN C 94 -16.67 -2.19 13.67
N GLY C 95 -16.26 -3.46 13.60
CA GLY C 95 -15.06 -3.87 12.87
C GLY C 95 -13.77 -3.60 13.64
N ALA C 96 -13.86 -3.39 14.95
CA ALA C 96 -12.67 -3.10 15.75
C ALA C 96 -11.82 -4.37 15.91
N SER C 97 -10.52 -4.18 16.08
CA SER C 97 -9.57 -5.26 16.30
C SER C 97 -9.31 -5.43 17.81
N GLY C 98 -9.45 -6.67 18.28
CA GLY C 98 -8.97 -7.02 19.63
C GLY C 98 -9.84 -6.46 20.71
N GLY C 99 -11.16 -6.45 20.46
CA GLY C 99 -12.14 -6.13 21.50
C GLY C 99 -12.23 -7.24 22.53
N TRP C 100 -12.97 -6.97 23.62
CA TRP C 100 -13.19 -7.98 24.65
C TRP C 100 -14.29 -8.98 24.23
N SER C 101 -15.00 -8.71 23.13
CA SER C 101 -15.89 -9.71 22.50
C SER C 101 -16.09 -9.36 21.02
N GLU C 102 -16.61 -10.31 20.25
CA GLU C 102 -17.16 -10.02 18.94
C GLU C 102 -18.37 -9.09 19.12
N ASN C 103 -18.76 -8.40 18.03
CA ASN C 103 -19.91 -7.50 18.07
C ASN C 103 -20.53 -7.42 16.68
N TYR C 104 -21.75 -7.91 16.55
CA TYR C 104 -22.44 -7.82 15.28
C TYR C 104 -23.93 -7.66 15.49
N TYR C 105 -24.58 -7.01 14.53
CA TYR C 105 -26.03 -6.87 14.45
C TYR C 105 -26.55 -7.68 13.26
N ILE C 106 -27.76 -8.21 13.39
CA ILE C 106 -28.46 -8.88 12.31
C ILE C 106 -29.83 -8.22 12.16
N ARG C 107 -30.14 -7.79 10.92
CA ARG C 107 -31.34 -7.00 10.61
C ARG C 107 -31.44 -5.81 11.57
N GLY C 108 -30.27 -5.26 11.92
CA GLY C 108 -30.20 -4.00 12.67
C GLY C 108 -30.43 -4.18 14.17
N TYR C 109 -30.48 -5.44 14.64
CA TYR C 109 -30.58 -5.70 16.10
C TYR C 109 -29.36 -6.49 16.56
N ALA C 110 -28.91 -6.20 17.79
CA ALA C 110 -27.81 -6.93 18.43
C ALA C 110 -28.10 -8.43 18.36
N SER C 111 -27.07 -9.20 18.03
CA SER C 111 -27.09 -10.63 18.11
C SER C 111 -25.94 -11.07 19.00
N SER C 112 -26.25 -11.42 20.24
CA SER C 112 -25.25 -11.65 21.23
C SER C 112 -24.44 -12.90 20.87
N THR C 113 -23.12 -12.85 21.15
CA THR C 113 -22.25 -13.99 21.01
C THR C 113 -22.71 -15.12 21.95
N ASN C 114 -23.35 -14.75 23.07
CA ASN C 114 -23.91 -15.71 24.05
C ASN C 114 -24.97 -16.62 23.41
N ASP C 115 -25.53 -16.22 22.26
CA ASP C 115 -26.80 -16.79 21.78
C ASP C 115 -26.58 -17.66 20.53
N MET C 116 -25.33 -18.02 20.25
CA MET C 116 -25.02 -19.01 19.19
C MET C 116 -25.39 -20.41 19.66
N SER C 117 -25.77 -21.25 18.71
CA SER C 117 -26.00 -22.66 18.95
C SER C 117 -24.87 -23.47 18.33
N MET C 118 -24.64 -24.66 18.90
CA MET C 118 -23.73 -25.67 18.35
C MET C 118 -24.54 -26.94 18.05
N ASN C 119 -24.57 -27.33 16.78
CA ASN C 119 -25.40 -28.39 16.29
C ASN C 119 -26.80 -28.25 16.91
N GLY C 120 -27.32 -27.03 16.94
CA GLY C 120 -28.72 -26.75 17.28
C GLY C 120 -28.93 -26.51 18.77
N LEU C 121 -27.89 -26.68 19.58
CA LEU C 121 -28.02 -26.58 21.03
C LEU C 121 -27.35 -25.31 21.56
N PHE C 122 -28.06 -24.60 22.44
CA PHE C 122 -27.60 -23.33 22.99
C PHE C 122 -26.81 -23.60 24.28
N GLY C 123 -25.98 -22.61 24.68
CA GLY C 123 -25.23 -22.62 25.93
C GLY C 123 -23.93 -23.43 25.87
N ILE C 124 -23.43 -23.76 24.67
CA ILE C 124 -22.24 -24.61 24.55
C ILE C 124 -21.04 -23.81 24.03
N THR C 125 -21.28 -22.91 23.09
CA THR C 125 -20.24 -22.19 22.36
C THR C 125 -19.50 -21.24 23.31
N PRO C 126 -18.27 -20.81 22.94
CA PRO C 126 -17.56 -19.80 23.72
C PRO C 126 -18.40 -18.53 23.97
N PHE C 127 -18.19 -17.90 25.12
CA PHE C 127 -19.07 -16.84 25.62
C PHE C 127 -19.01 -15.59 24.72
N TYR C 128 -17.80 -15.17 24.33
CA TYR C 128 -17.57 -13.80 23.78
C TYR C 128 -16.89 -13.84 22.40
N ARG C 129 -16.05 -14.85 22.15
CA ARG C 129 -15.37 -14.95 20.84
C ARG C 129 -15.06 -16.42 20.54
N THR C 130 -15.27 -16.80 19.28
CA THR C 130 -15.14 -18.15 18.83
C THR C 130 -14.28 -18.19 17.57
N SER C 131 -13.15 -18.89 17.66
CA SER C 131 -12.35 -19.19 16.50
C SER C 131 -12.98 -20.36 15.76
N PRO C 132 -13.14 -20.27 14.41
CA PRO C 132 -14.00 -21.20 13.67
C PRO C 132 -13.41 -22.54 13.19
N GLU C 133 -12.25 -22.95 13.72
CA GLU C 133 -11.49 -24.07 13.14
C GLU C 133 -12.25 -25.40 13.29
N MET C 134 -13.16 -25.51 14.26
CA MET C 134 -13.76 -26.79 14.57
C MET C 134 -15.11 -26.97 13.84
N PHE C 135 -15.46 -26.07 12.93
CA PHE C 135 -16.80 -26.06 12.35
C PHE C 135 -16.75 -26.37 10.86
N GLY C 136 -17.66 -27.26 10.42
CA GLY C 136 -17.84 -27.60 9.01
C GLY C 136 -18.80 -26.65 8.31
N ARG C 137 -19.65 -26.00 9.10
CA ARG C 137 -20.57 -24.99 8.59
C ARG C 137 -20.76 -23.89 9.62
N VAL C 138 -20.99 -22.67 9.13
CA VAL C 138 -21.49 -21.56 9.95
C VAL C 138 -22.77 -21.04 9.29
N GLU C 139 -23.89 -21.21 10.00
CA GLU C 139 -25.21 -21.00 9.43
C GLU C 139 -25.86 -19.79 10.08
N VAL C 140 -26.59 -19.00 9.29
CA VAL C 140 -27.27 -17.83 9.80
C VAL C 140 -28.74 -17.90 9.41
N LEU C 141 -29.61 -17.76 10.42
CA LEU C 141 -31.01 -17.50 10.21
C LEU C 141 -31.32 -16.07 10.67
N LYS C 142 -31.86 -15.26 9.76
CA LYS C 142 -32.02 -13.83 10.01
C LYS C 142 -33.41 -13.57 10.62
N GLY C 143 -33.42 -12.67 11.60
CA GLY C 143 -34.61 -12.32 12.33
C GLY C 143 -34.79 -13.24 13.53
N PRO C 144 -35.78 -12.95 14.41
CA PRO C 144 -36.03 -13.79 15.58
C PRO C 144 -36.63 -15.14 15.20
N SER C 145 -36.59 -16.09 16.14
CA SER C 145 -36.93 -17.47 15.85
C SER C 145 -37.38 -18.21 17.11
N ALA C 146 -38.15 -17.55 17.98
CA ALA C 146 -38.54 -18.16 19.30
C ALA C 146 -39.28 -19.49 19.08
N LEU C 147 -40.17 -19.56 18.09
CA LEU C 147 -40.89 -20.80 17.83
C LEU C 147 -39.88 -21.92 17.60
N LEU C 148 -38.87 -21.64 16.79
CA LEU C 148 -37.94 -22.65 16.29
C LEU C 148 -36.92 -23.03 17.37
N ASN C 149 -36.49 -22.03 18.17
CA ASN C 149 -35.22 -22.08 18.91
C ASN C 149 -35.42 -21.81 20.41
N GLY C 150 -36.58 -21.30 20.80
CA GLY C 150 -36.80 -20.82 22.16
C GLY C 150 -36.03 -19.54 22.42
N MET C 151 -35.84 -19.23 23.70
CA MET C 151 -35.19 -18.02 24.13
C MET C 151 -33.74 -18.34 24.50
N PRO C 152 -32.76 -17.87 23.72
CA PRO C 152 -31.35 -18.08 24.05
C PRO C 152 -30.98 -17.25 25.26
N PRO C 153 -29.83 -17.54 25.90
CA PRO C 153 -29.52 -17.02 27.24
C PRO C 153 -29.47 -15.50 27.40
N ALA C 154 -29.15 -14.76 26.34
CA ALA C 154 -29.03 -13.30 26.43
C ALA C 154 -30.27 -12.62 25.86
N GLY C 155 -31.20 -13.43 25.29
CA GLY C 155 -32.49 -12.92 24.81
C GLY C 155 -32.37 -11.95 23.62
N SER C 156 -31.33 -12.08 22.80
CA SER C 156 -31.16 -11.23 21.61
C SER C 156 -32.04 -11.75 20.47
N VAL C 157 -32.40 -10.89 19.52
CA VAL C 157 -33.50 -11.20 18.58
C VAL C 157 -33.11 -10.93 17.13
N GLY C 158 -31.84 -10.59 16.88
CA GLY C 158 -31.39 -10.20 15.57
C GLY C 158 -31.41 -11.37 14.59
N GLY C 159 -31.04 -12.54 15.08
CA GLY C 159 -30.81 -13.70 14.26
C GLY C 159 -30.15 -14.81 15.06
N THR C 160 -30.08 -16.01 14.48
CA THR C 160 -29.46 -17.12 15.12
C THR C 160 -28.27 -17.57 14.27
N VAL C 161 -27.09 -17.61 14.90
CA VAL C 161 -25.92 -18.22 14.30
C VAL C 161 -25.79 -19.65 14.83
N ASN C 162 -25.74 -20.62 13.91
CA ASN C 162 -25.63 -22.05 14.28
C ASN C 162 -24.31 -22.61 13.75
N LEU C 163 -23.48 -23.12 14.66
CA LEU C 163 -22.18 -23.64 14.31
C LEU C 163 -22.24 -25.19 14.27
N VAL C 164 -21.97 -25.76 13.10
CA VAL C 164 -22.02 -27.20 12.84
C VAL C 164 -20.58 -27.75 12.91
N THR C 165 -20.36 -28.71 13.81
CA THR C 165 -19.04 -29.24 14.09
C THR C 165 -18.61 -30.23 13.00
N LYS C 166 -17.30 -30.51 12.97
CA LYS C 166 -16.70 -31.41 12.00
C LYS C 166 -16.77 -32.85 12.53
N TYR C 167 -17.08 -33.78 11.62
CA TYR C 167 -17.00 -35.22 11.88
C TYR C 167 -16.12 -35.89 10.82
N ALA C 168 -15.65 -37.11 11.10
CA ALA C 168 -14.71 -37.81 10.21
C ALA C 168 -15.43 -38.22 8.92
N ALA C 169 -14.88 -37.78 7.79
CA ALA C 169 -15.19 -38.29 6.46
C ALA C 169 -14.68 -39.74 6.31
N ASP C 170 -15.11 -40.41 5.23
CA ASP C 170 -14.86 -41.84 5.01
C ASP C 170 -13.36 -42.06 4.81
N GLU C 171 -12.75 -41.25 3.96
CA GLU C 171 -11.33 -41.37 3.62
C GLU C 171 -10.52 -40.71 4.73
N PRO C 172 -9.45 -41.37 5.23
CA PRO C 172 -8.62 -40.79 6.29
C PRO C 172 -8.03 -39.45 5.84
N PHE C 173 -7.80 -38.55 6.80
CA PHE C 173 -7.61 -37.14 6.49
C PHE C 173 -6.67 -36.53 7.53
N ALA C 174 -5.69 -35.77 7.04
CA ALA C 174 -4.80 -35.01 7.89
C ALA C 174 -4.28 -33.77 7.13
N ARG C 175 -4.56 -32.58 7.68
CA ARG C 175 -4.17 -31.33 7.09
C ARG C 175 -3.44 -30.49 8.14
N LEU C 176 -2.26 -30.00 7.77
CA LEU C 176 -1.56 -29.00 8.56
C LEU C 176 -1.63 -27.66 7.83
N THR C 177 -1.95 -26.60 8.57
CA THR C 177 -1.99 -25.24 8.05
C THR C 177 -1.15 -24.33 8.95
N THR C 178 -0.26 -23.54 8.35
CA THR C 178 0.50 -22.51 9.08
C THR C 178 -0.06 -21.15 8.67
N THR C 179 -0.11 -20.21 9.64
CA THR C 179 -0.74 -18.93 9.45
C THR C 179 0.22 -17.82 9.90
N TYR C 180 0.18 -16.71 9.17
CA TYR C 180 0.71 -15.44 9.61
C TYR C 180 -0.38 -14.36 9.51
N MET C 181 -0.36 -13.42 10.46
CA MET C 181 -1.09 -12.19 10.40
C MET C 181 -0.18 -11.06 10.88
N SER C 182 -0.19 -9.94 10.16
CA SER C 182 0.60 -8.78 10.55
C SER C 182 0.18 -8.33 11.95
N ASP C 183 1.15 -7.90 12.77
CA ASP C 183 2.53 -7.66 12.34
C ASP C 183 3.38 -8.93 12.48
N ALA C 184 3.14 -9.74 13.52
CA ALA C 184 4.01 -10.90 13.87
C ALA C 184 3.22 -11.97 14.62
N GLN C 185 2.02 -12.27 14.13
CA GLN C 185 1.24 -13.34 14.70
C GLN C 185 1.39 -14.59 13.84
N PHE C 186 1.86 -15.65 14.50
CA PHE C 186 2.11 -16.92 13.84
C PHE C 186 1.30 -18.01 14.54
N GLY C 187 0.87 -18.99 13.76
CA GLY C 187 0.07 -20.05 14.30
C GLY C 187 0.05 -21.25 13.38
N GLY C 188 -0.58 -22.31 13.88
CA GLY C 188 -0.84 -23.48 13.08
C GLY C 188 -2.10 -24.16 13.51
N HIS C 189 -2.63 -24.98 12.60
CA HIS C 189 -3.84 -25.70 12.78
C HIS C 189 -3.65 -27.11 12.20
N VAL C 190 -3.93 -28.12 13.03
N VAL C 190 -3.92 -28.13 13.03
CA VAL C 190 -3.96 -29.52 12.59
CA VAL C 190 -3.97 -29.53 12.59
C VAL C 190 -5.42 -30.01 12.62
C VAL C 190 -5.42 -30.01 12.63
N ASP C 191 -5.83 -30.67 11.53
CA ASP C 191 -7.13 -31.28 11.39
C ASP C 191 -6.93 -32.73 10.92
N VAL C 192 -7.29 -33.70 11.75
N VAL C 192 -7.34 -33.70 11.73
CA VAL C 192 -7.14 -35.12 11.43
CA VAL C 192 -7.14 -35.12 11.43
C VAL C 192 -8.46 -35.84 11.71
C VAL C 192 -8.45 -35.86 11.73
N GLY C 193 -8.84 -36.72 10.80
CA GLY C 193 -10.00 -37.58 10.97
C GLY C 193 -9.75 -38.98 10.45
N ARG C 194 -10.31 -39.97 11.14
CA ARG C 194 -10.34 -41.35 10.69
C ARG C 194 -11.66 -41.99 11.14
N ARG C 195 -12.20 -42.89 10.31
CA ARG C 195 -13.30 -43.75 10.72
C ARG C 195 -12.77 -45.15 11.08
N PHE C 196 -13.50 -45.85 11.96
CA PHE C 196 -13.12 -47.16 12.49
C PHE C 196 -14.31 -48.12 12.42
N GLY C 197 -14.03 -49.41 12.60
CA GLY C 197 -15.01 -50.49 12.50
C GLY C 197 -15.17 -50.98 11.07
N GLU C 198 -15.79 -52.14 10.92
CA GLU C 198 -15.79 -52.89 9.67
C GLU C 198 -16.62 -52.13 8.62
N ASN C 199 -17.59 -51.32 9.08
CA ASN C 199 -18.46 -50.55 8.17
C ASN C 199 -18.22 -49.05 8.37
N LYS C 200 -17.10 -48.70 9.01
CA LYS C 200 -16.68 -47.32 9.26
C LYS C 200 -17.79 -46.58 10.02
N GLU C 201 -18.28 -47.21 11.09
CA GLU C 201 -19.48 -46.76 11.76
C GLU C 201 -19.09 -45.87 12.96
N PHE C 202 -17.81 -45.89 13.33
CA PHE C 202 -17.24 -44.96 14.32
C PHE C 202 -16.37 -43.91 13.60
N GLY C 203 -16.41 -42.68 14.11
CA GLY C 203 -15.65 -41.54 13.55
C GLY C 203 -14.95 -40.76 14.65
N VAL C 204 -13.71 -40.35 14.36
CA VAL C 204 -12.93 -39.47 15.24
C VAL C 204 -12.34 -38.35 14.40
N ARG C 205 -12.58 -37.11 14.82
CA ARG C 205 -12.11 -35.91 14.12
C ARG C 205 -11.56 -34.93 15.15
N ILE C 206 -10.28 -34.59 15.01
CA ILE C 206 -9.55 -33.82 16.00
C ILE C 206 -9.02 -32.56 15.32
N ASN C 207 -9.19 -31.42 15.99
CA ASN C 207 -8.64 -30.15 15.55
C ASN C 207 -7.81 -29.57 16.70
N GLY C 208 -6.58 -29.18 16.37
CA GLY C 208 -5.73 -28.40 17.27
C GLY C 208 -5.28 -27.11 16.60
N MET C 209 -5.33 -26.00 17.34
CA MET C 209 -4.93 -24.72 16.79
C MET C 209 -4.27 -23.89 17.89
N TYR C 210 -3.20 -23.20 17.51
CA TYR C 210 -2.53 -22.23 18.36
C TYR C 210 -2.04 -21.08 17.48
N ARG C 211 -2.27 -19.83 17.92
CA ARG C 211 -1.60 -18.72 17.33
C ARG C 211 -1.33 -17.66 18.40
N ASP C 212 -0.26 -16.90 18.16
CA ASP C 212 0.20 -15.92 19.13
C ASP C 212 1.09 -14.91 18.43
N GLY C 213 1.09 -13.67 18.94
CA GLY C 213 2.01 -12.63 18.52
C GLY C 213 1.32 -11.29 18.35
N ASP C 214 2.13 -10.28 18.04
N ASP C 214 2.12 -10.25 18.11
CA ASP C 214 1.66 -8.92 17.83
CA ASP C 214 1.65 -8.86 17.89
C ASP C 214 0.72 -8.91 16.61
C ASP C 214 0.79 -8.83 16.62
N ALA C 215 -0.40 -8.21 16.75
CA ALA C 215 -1.36 -8.06 15.68
C ALA C 215 -1.15 -6.71 14.98
N ALA C 216 -2.15 -6.29 14.20
CA ALA C 216 -2.00 -5.18 13.27
C ALA C 216 -2.06 -3.84 14.00
N VAL C 217 -2.64 -3.84 15.21
CA VAL C 217 -2.77 -2.65 16.04
C VAL C 217 -1.51 -2.51 16.90
N ASN C 218 -1.02 -1.28 17.08
CA ASN C 218 0.20 -1.06 17.84
C ASN C 218 0.00 -1.61 19.25
N ASP C 219 0.95 -2.46 19.68
CA ASP C 219 1.09 -2.93 21.09
C ASP C 219 -0.11 -3.78 21.50
N GLN C 220 -0.74 -4.39 20.49
CA GLN C 220 -1.81 -5.32 20.70
C GLN C 220 -1.30 -6.69 20.26
N SER C 221 -1.40 -7.68 21.14
CA SER C 221 -1.12 -9.06 20.75
C SER C 221 -2.35 -9.93 20.98
N LYS C 222 -2.46 -10.99 20.19
CA LYS C 222 -3.62 -11.86 20.20
C LYS C 222 -3.15 -13.31 20.27
N GLU C 223 -3.64 -14.02 21.30
CA GLU C 223 -3.41 -15.43 21.47
C GLU C 223 -4.75 -16.18 21.38
N SER C 224 -4.74 -17.26 20.60
CA SER C 224 -5.87 -18.18 20.52
C SER C 224 -5.36 -19.62 20.61
N ARG C 225 -6.10 -20.46 21.34
CA ARG C 225 -5.86 -21.91 21.41
C ARG C 225 -7.19 -22.64 21.29
N LEU C 226 -7.18 -23.76 20.56
CA LEU C 226 -8.32 -24.64 20.44
C LEU C 226 -7.84 -26.10 20.40
N PHE C 227 -8.49 -26.96 21.20
CA PHE C 227 -8.50 -28.40 21.01
C PHE C 227 -9.97 -28.87 20.95
N SER C 228 -10.35 -29.53 19.87
CA SER C 228 -11.71 -30.01 19.67
C SER C 228 -11.71 -31.49 19.25
N LEU C 229 -12.79 -32.15 19.65
CA LEU C 229 -13.07 -33.58 19.40
C LEU C 229 -14.50 -33.69 18.85
N GLY C 230 -14.63 -34.30 17.67
CA GLY C 230 -15.91 -34.75 17.14
C GLY C 230 -15.95 -36.28 16.97
N LEU C 231 -16.78 -36.94 17.79
CA LEU C 231 -16.96 -38.40 17.78
C LEU C 231 -18.36 -38.71 17.28
N ASP C 232 -18.48 -39.75 16.43
CA ASP C 232 -19.80 -40.20 16.02
C ASP C 232 -19.83 -41.73 15.92
N TRP C 233 -21.03 -42.27 16.18
CA TRP C 233 -21.40 -43.66 15.92
C TRP C 233 -22.67 -43.67 15.06
N GLN C 234 -22.58 -44.27 13.86
CA GLN C 234 -23.72 -44.49 12.96
C GLN C 234 -24.18 -45.95 13.08
N GLY C 235 -25.23 -46.18 13.87
CA GLY C 235 -25.87 -47.50 13.99
C GLY C 235 -26.91 -47.70 12.91
N GLU C 236 -27.69 -48.78 13.04
CA GLU C 236 -28.68 -49.14 12.05
C GLU C 236 -29.94 -48.29 12.23
N ASN C 237 -30.37 -48.12 13.48
CA ASN C 237 -31.59 -47.38 13.82
C ASN C 237 -31.27 -46.13 14.63
N ALA C 238 -29.99 -45.92 14.93
CA ALA C 238 -29.58 -45.02 15.99
C ALA C 238 -28.24 -44.38 15.64
N ARG C 239 -28.03 -43.18 16.19
CA ARG C 239 -26.85 -42.37 15.91
C ARG C 239 -26.50 -41.60 17.19
N VAL C 240 -25.20 -41.47 17.46
CA VAL C 240 -24.72 -40.68 18.55
C VAL C 240 -23.58 -39.80 18.05
N PHE C 241 -23.63 -38.53 18.47
CA PHE C 241 -22.63 -37.54 18.13
C PHE C 241 -22.19 -36.86 19.43
N VAL C 242 -20.87 -36.85 19.65
CA VAL C 242 -20.28 -36.23 20.81
C VAL C 242 -19.29 -35.18 20.33
N ASP C 243 -19.33 -34.02 20.97
CA ASP C 243 -18.41 -32.93 20.65
C ASP C 243 -17.90 -32.32 21.95
N ALA C 244 -16.61 -32.00 21.97
CA ALA C 244 -15.98 -31.39 23.12
C ALA C 244 -14.85 -30.49 22.63
N TYR C 245 -14.62 -29.39 23.37
CA TYR C 245 -13.59 -28.44 22.98
C TYR C 245 -13.06 -27.73 24.21
N ASP C 246 -11.84 -27.25 24.08
CA ASP C 246 -11.17 -26.45 25.08
C ASP C 246 -10.51 -25.27 24.33
N ALA C 247 -10.86 -24.05 24.73
CA ALA C 247 -10.51 -22.86 23.96
C ALA C 247 -9.96 -21.78 24.88
N LEU C 248 -8.98 -21.03 24.35
CA LEU C 248 -8.49 -19.82 24.98
C LEU C 248 -8.51 -18.67 23.97
N ASP C 249 -8.96 -17.50 24.44
CA ASP C 249 -8.85 -16.23 23.74
C ASP C 249 -8.17 -15.25 24.71
N HIS C 250 -7.11 -14.59 24.24
N HIS C 250 -7.14 -14.55 24.24
CA HIS C 250 -6.33 -13.65 25.04
CA HIS C 250 -6.33 -13.64 25.07
C HIS C 250 -5.92 -12.46 24.15
C HIS C 250 -5.83 -12.47 24.22
N VAL C 251 -6.18 -11.25 24.63
CA VAL C 251 -5.72 -10.03 23.98
C VAL C 251 -4.96 -9.20 25.00
N ASP C 252 -3.72 -8.85 24.65
CA ASP C 252 -2.95 -7.80 25.31
C ASP C 252 -3.05 -6.52 24.48
N GLY C 253 -3.38 -5.42 25.16
CA GLY C 253 -3.82 -4.19 24.47
C GLY C 253 -5.22 -4.34 23.91
N VAL C 254 -6.15 -4.78 24.76
CA VAL C 254 -7.54 -4.95 24.39
C VAL C 254 -8.14 -3.57 24.11
N THR C 255 -9.01 -3.49 23.10
N THR C 255 -9.00 -3.51 23.09
CA THR C 255 -9.67 -2.22 22.78
CA THR C 255 -9.74 -2.30 22.69
C THR C 255 -11.05 -2.17 23.45
C THR C 255 -11.07 -2.21 23.48
N ARG C 256 -11.25 -1.11 24.24
CA ARG C 256 -12.44 -0.94 25.07
C ARG C 256 -13.32 0.20 24.52
N GLY C 257 -12.68 1.13 23.82
CA GLY C 257 -13.35 2.24 23.17
C GLY C 257 -13.48 3.42 24.10
N VAL C 258 -14.09 4.49 23.58
CA VAL C 258 -14.04 5.79 24.23
C VAL C 258 -15.41 6.46 24.08
N ASN C 259 -15.72 7.33 25.04
CA ASN C 259 -16.96 8.06 25.11
C ASN C 259 -16.72 9.52 24.66
N VAL C 260 -17.78 10.11 24.10
CA VAL C 260 -17.80 11.48 23.63
C VAL C 260 -19.05 12.17 24.18
N SER C 261 -19.05 13.50 24.13
CA SER C 261 -20.19 14.33 24.54
C SER C 261 -20.53 15.31 23.41
N THR C 262 -21.72 15.91 23.48
CA THR C 262 -22.15 16.93 22.51
C THR C 262 -21.37 18.22 22.74
N ALA C 263 -21.05 18.52 24.01
CA ALA C 263 -20.28 19.71 24.36
C ALA C 263 -18.93 19.70 23.63
N VAL C 264 -18.29 18.53 23.52
CA VAL C 264 -16.94 18.45 23.01
C VAL C 264 -16.97 18.02 21.54
N GLY C 265 -17.81 17.03 21.22
CA GLY C 265 -17.94 16.54 19.86
C GLY C 265 -16.95 15.41 19.58
N ILE C 266 -16.96 14.93 18.34
CA ILE C 266 -16.18 13.79 17.92
C ILE C 266 -15.04 14.28 17.07
N PRO C 267 -13.77 14.14 17.50
CA PRO C 267 -12.64 14.61 16.72
C PRO C 267 -12.30 13.61 15.63
N LYS C 268 -11.41 14.00 14.70
CA LYS C 268 -11.07 13.13 13.61
C LYS C 268 -10.33 11.90 14.14
N PRO C 269 -10.58 10.72 13.55
CA PRO C 269 -9.94 9.50 14.02
C PRO C 269 -8.42 9.58 13.88
N PRO C 270 -7.66 9.14 14.90
CA PRO C 270 -6.23 8.90 14.73
C PRO C 270 -6.00 7.83 13.66
N LYS C 271 -4.73 7.56 13.32
CA LYS C 271 -4.50 6.58 12.31
C LYS C 271 -4.93 5.20 12.83
N ALA C 272 -5.27 4.33 11.89
CA ALA C 272 -6.16 3.19 12.13
C ALA C 272 -5.53 2.18 13.09
N ASP C 273 -4.20 2.23 13.24
CA ASP C 273 -3.49 1.18 14.01
C ASP C 273 -3.21 1.70 15.43
N THR C 274 -3.84 2.81 15.80
CA THR C 274 -3.73 3.39 17.11
C THR C 274 -4.55 2.58 18.11
N LEU C 275 -3.99 2.36 19.31
CA LEU C 275 -4.69 1.77 20.40
C LEU C 275 -5.04 2.86 21.41
N LEU C 276 -6.34 3.02 21.67
CA LEU C 276 -6.83 4.13 22.48
C LEU C 276 -7.23 3.63 23.88
N SER C 277 -6.76 2.44 24.23
CA SER C 277 -6.90 1.87 25.56
C SER C 277 -5.51 1.49 26.10
N PRO C 278 -5.34 1.32 27.43
CA PRO C 278 -4.03 1.05 27.99
C PRO C 278 -3.31 -0.11 27.28
N ASP C 279 -2.01 0.07 27.03
CA ASP C 279 -1.16 -0.90 26.36
C ASP C 279 -1.06 -2.16 27.22
N TRP C 280 -1.06 -1.98 28.54
CA TRP C 280 -0.95 -3.07 29.51
C TRP C 280 -2.29 -3.78 29.75
N GLY C 281 -3.38 -3.23 29.21
CA GLY C 281 -4.72 -3.78 29.45
C GLY C 281 -4.86 -5.13 28.79
N SER C 282 -5.60 -6.04 29.43
CA SER C 282 -5.73 -7.38 28.86
C SER C 282 -7.09 -7.98 29.17
N VAL C 283 -7.52 -8.85 28.26
CA VAL C 283 -8.66 -9.69 28.49
C VAL C 283 -8.29 -11.14 28.18
N GLU C 284 -8.87 -12.06 28.93
CA GLU C 284 -8.71 -13.48 28.69
C GLU C 284 -10.04 -14.20 28.97
N THR C 285 -10.43 -15.07 28.06
CA THR C 285 -11.58 -15.96 28.23
C THR C 285 -11.13 -17.40 27.98
N LYS C 286 -11.38 -18.27 28.96
CA LYS C 286 -11.25 -19.74 28.79
C LYS C 286 -12.64 -20.34 28.69
N ASP C 287 -12.87 -21.08 27.61
CA ASP C 287 -14.15 -21.73 27.38
C ASP C 287 -13.90 -23.23 27.18
N LYS C 288 -14.71 -24.03 27.87
CA LYS C 288 -14.71 -25.49 27.75
C LYS C 288 -16.16 -25.94 27.57
N GLY C 289 -16.40 -26.81 26.58
CA GLY C 289 -17.74 -27.29 26.32
C GLY C 289 -17.73 -28.73 25.84
N ALA C 290 -18.86 -29.40 26.04
CA ALA C 290 -19.09 -30.76 25.54
C ALA C 290 -20.60 -30.99 25.42
N MET C 291 -20.99 -31.70 24.37
CA MET C 291 -22.36 -32.04 24.18
C MET C 291 -22.48 -33.44 23.59
N ILE C 292 -23.64 -34.06 23.78
CA ILE C 292 -23.97 -35.37 23.19
C ILE C 292 -25.39 -35.29 22.61
N ARG C 293 -25.54 -35.72 21.35
CA ARG C 293 -26.83 -35.90 20.70
C ARG C 293 -27.03 -37.39 20.40
N GLY C 294 -28.24 -37.88 20.70
CA GLY C 294 -28.71 -39.18 20.26
C GLY C 294 -29.95 -39.07 19.39
N GLU C 295 -30.00 -39.88 18.33
CA GLU C 295 -31.17 -40.02 17.47
C GLU C 295 -31.57 -41.49 17.41
N TYR C 296 -32.88 -41.73 17.36
CA TYR C 296 -33.42 -43.06 17.23
C TYR C 296 -34.58 -43.06 16.22
N ASP C 297 -34.39 -43.79 15.12
CA ASP C 297 -35.41 -44.02 14.09
C ASP C 297 -36.30 -45.19 14.50
N PHE C 298 -37.53 -44.89 14.94
CA PHE C 298 -38.57 -45.86 15.20
C PHE C 298 -39.08 -46.42 13.87
N SER C 299 -39.17 -45.54 12.88
CA SER C 299 -39.47 -45.89 11.49
C SER C 299 -39.01 -44.74 10.59
N ASP C 300 -39.35 -44.80 9.30
CA ASP C 300 -39.04 -43.72 8.36
C ASP C 300 -40.04 -42.56 8.50
N GLN C 301 -40.92 -42.64 9.51
CA GLN C 301 -41.98 -41.66 9.72
C GLN C 301 -41.91 -41.13 11.17
N LEU C 302 -40.99 -41.65 11.98
CA LEU C 302 -40.93 -41.24 13.37
C LEU C 302 -39.51 -41.41 13.92
N MET C 303 -39.02 -40.33 14.50
CA MET C 303 -37.70 -40.27 15.08
C MET C 303 -37.78 -39.56 16.43
N ALA C 304 -37.02 -40.05 17.40
CA ALA C 304 -36.80 -39.35 18.64
C ALA C 304 -35.34 -38.88 18.66
N TYR C 305 -35.12 -37.76 19.37
CA TYR C 305 -33.78 -37.23 19.56
C TYR C 305 -33.67 -36.67 20.97
N ALA C 306 -32.45 -36.67 21.48
CA ALA C 306 -32.11 -36.01 22.74
C ALA C 306 -30.69 -35.44 22.64
N ALA C 307 -30.52 -34.25 23.20
CA ALA C 307 -29.23 -33.59 23.26
C ALA C 307 -29.02 -33.05 24.67
N TYR C 308 -27.82 -33.27 25.20
CA TYR C 308 -27.39 -32.67 26.44
C TYR C 308 -25.98 -32.11 26.27
N GLY C 309 -25.72 -30.97 26.91
CA GLY C 309 -24.41 -30.39 26.91
C GLY C 309 -24.17 -29.52 28.13
N GLN C 310 -22.88 -29.21 28.35
CA GLN C 310 -22.48 -28.22 29.35
C GLN C 310 -21.22 -27.51 28.90
N SER C 311 -21.00 -26.33 29.49
CA SER C 311 -19.85 -25.51 29.19
C SER C 311 -19.53 -24.65 30.41
N THR C 312 -18.27 -24.22 30.49
CA THR C 312 -17.82 -23.28 31.48
C THR C 312 -17.10 -22.13 30.78
N THR C 313 -17.25 -20.94 31.35
CA THR C 313 -16.59 -19.75 30.89
C THR C 313 -15.87 -19.12 32.09
N GLU C 314 -14.58 -18.83 31.92
CA GLU C 314 -13.83 -17.96 32.83
C GLU C 314 -13.38 -16.73 32.05
N TYR C 315 -13.90 -15.56 32.44
CA TYR C 315 -13.54 -14.26 31.87
C TYR C 315 -12.77 -13.45 32.90
N LYS C 316 -11.71 -12.80 32.42
CA LYS C 316 -10.92 -11.85 33.23
C LYS C 316 -10.54 -10.65 32.37
N TYR C 317 -10.70 -9.45 32.94
CA TYR C 317 -10.40 -8.20 32.26
C TYR C 317 -9.74 -7.26 33.25
N ASN C 318 -8.57 -6.74 32.85
CA ASN C 318 -7.83 -5.73 33.61
C ASN C 318 -7.42 -4.61 32.64
N GLY C 319 -8.01 -3.42 32.80
CA GLY C 319 -7.75 -2.33 31.89
C GLY C 319 -8.64 -1.13 32.14
N ALA C 320 -8.98 -0.42 31.06
CA ALA C 320 -9.85 0.75 31.15
C ALA C 320 -11.30 0.30 31.15
N SER C 321 -12.13 0.96 31.97
CA SER C 321 -13.59 0.86 31.88
C SER C 321 -14.10 1.77 30.75
N ALA C 322 -13.47 2.94 30.60
CA ALA C 322 -13.78 3.86 29.51
C ALA C 322 -12.66 4.90 29.39
N GLY C 323 -12.34 5.28 28.14
CA GLY C 323 -11.78 6.59 27.85
C GLY C 323 -12.87 7.59 27.52
N THR C 324 -12.66 8.85 27.93
CA THR C 324 -13.56 9.96 27.60
C THR C 324 -12.75 11.08 26.93
N ILE C 325 -13.19 11.47 25.73
CA ILE C 325 -12.58 12.55 25.01
C ILE C 325 -13.10 13.88 25.56
N THR C 326 -12.23 14.63 26.25
CA THR C 326 -12.65 15.78 27.05
C THR C 326 -12.27 17.10 26.38
N SER C 327 -11.60 17.03 25.22
N SER C 327 -11.61 17.03 25.22
CA SER C 327 -11.28 18.22 24.45
CA SER C 327 -11.34 18.23 24.43
C SER C 327 -11.12 17.86 22.97
C SER C 327 -11.17 17.86 22.97
N SER C 328 -11.42 18.84 22.10
CA SER C 328 -11.35 18.67 20.66
C SER C 328 -9.90 18.56 20.20
N THR C 329 -8.94 18.85 21.08
CA THR C 329 -7.53 18.66 20.75
C THR C 329 -7.10 17.22 21.02
N GLY C 330 -7.99 16.41 21.61
CA GLY C 330 -7.83 14.94 21.67
C GLY C 330 -7.46 14.43 23.06
N THR C 331 -7.63 15.29 24.08
CA THR C 331 -7.42 14.90 25.46
C THR C 331 -8.34 13.72 25.80
N LEU C 332 -7.75 12.69 26.41
CA LEU C 332 -8.46 11.47 26.79
C LEU C 332 -8.27 11.22 28.29
N SER C 333 -9.40 11.00 28.98
CA SER C 333 -9.42 10.68 30.40
C SER C 333 -9.97 9.25 30.58
N SER C 334 -9.11 8.35 31.06
CA SER C 334 -9.42 6.91 31.12
C SER C 334 -9.50 6.46 32.58
N THR C 335 -10.66 5.90 32.96
CA THR C 335 -10.85 5.26 34.26
C THR C 335 -10.54 3.77 34.13
N LEU C 336 -10.06 3.17 35.22
CA LEU C 336 -9.63 1.78 35.19
C LEU C 336 -10.64 0.92 35.97
N GLY C 337 -10.78 -0.34 35.53
CA GLY C 337 -11.64 -1.30 36.19
C GLY C 337 -11.12 -2.71 36.01
N GLN C 338 -11.65 -3.64 36.81
CA GLN C 338 -11.34 -5.06 36.70
C GLN C 338 -12.64 -5.86 36.87
N LEU C 339 -12.72 -6.96 36.11
CA LEU C 339 -13.84 -7.87 36.18
C LEU C 339 -13.33 -9.30 35.98
N ALA C 340 -13.85 -10.22 36.80
CA ALA C 340 -13.77 -11.65 36.50
C ALA C 340 -15.15 -12.24 36.74
N PHE C 341 -15.56 -13.16 35.87
CA PHE C 341 -16.73 -13.93 36.16
C PHE C 341 -16.53 -15.35 35.66
N ASP C 342 -17.16 -16.27 36.39
CA ASP C 342 -17.17 -17.71 36.12
C ASP C 342 -18.63 -18.13 35.94
N VAL C 343 -18.91 -18.83 34.86
CA VAL C 343 -20.25 -19.27 34.63
C VAL C 343 -20.21 -20.76 34.24
N ASP C 344 -21.07 -21.55 34.89
CA ASP C 344 -21.30 -22.98 34.60
C ASP C 344 -22.68 -23.13 33.99
N LYS C 345 -22.72 -23.74 32.81
CA LYS C 345 -23.91 -23.80 31.99
C LYS C 345 -24.28 -25.27 31.77
N LYS C 346 -25.58 -25.56 31.75
CA LYS C 346 -26.12 -26.85 31.31
C LYS C 346 -27.30 -26.61 30.37
N SER C 347 -27.46 -27.46 29.35
CA SER C 347 -28.59 -27.32 28.45
C SER C 347 -28.97 -28.68 27.83
N ALA C 348 -30.26 -28.80 27.51
CA ALA C 348 -30.82 -30.02 26.96
C ALA C 348 -31.96 -29.68 25.99
N ASP C 349 -32.13 -30.55 25.01
CA ASP C 349 -33.18 -30.45 24.02
C ASP C 349 -33.54 -31.88 23.59
N ALA C 350 -34.81 -32.27 23.76
CA ALA C 350 -35.30 -33.60 23.42
C ALA C 350 -36.67 -33.49 22.77
N GLY C 351 -36.96 -34.39 21.83
CA GLY C 351 -38.26 -34.37 21.19
C GLY C 351 -38.44 -35.50 20.20
N PHE C 352 -39.50 -35.37 19.39
CA PHE C 352 -39.86 -36.27 18.32
C PHE C 352 -40.12 -35.47 17.05
N LYS C 353 -39.71 -36.04 15.90
CA LYS C 353 -40.16 -35.61 14.58
C LYS C 353 -40.88 -36.78 13.89
N GLY C 354 -41.91 -36.48 13.11
CA GLY C 354 -42.67 -37.48 12.38
C GLY C 354 -43.29 -36.92 11.11
N LYS C 355 -43.69 -37.83 10.22
CA LYS C 355 -44.47 -37.52 9.02
C LYS C 355 -45.67 -38.47 8.93
N PHE C 356 -46.74 -37.99 8.32
CA PHE C 356 -47.85 -38.82 7.88
C PHE C 356 -48.61 -38.08 6.77
N GLU C 357 -49.46 -38.82 6.06
CA GLU C 357 -50.31 -38.26 5.01
C GLU C 357 -51.79 -38.57 5.31
N THR C 358 -52.64 -37.54 5.18
CA THR C 358 -54.08 -37.68 5.25
C THR C 358 -54.70 -37.05 3.98
N GLY C 359 -55.33 -37.89 3.18
CA GLY C 359 -55.63 -37.57 1.80
C GLY C 359 -54.35 -37.23 1.06
N SER C 360 -54.37 -36.09 0.37
CA SER C 360 -53.22 -35.63 -0.41
C SER C 360 -52.49 -34.51 0.33
N VAL C 361 -52.63 -34.47 1.67
CA VAL C 361 -51.93 -33.51 2.51
C VAL C 361 -50.86 -34.24 3.35
N LYS C 362 -49.58 -33.87 3.14
CA LYS C 362 -48.48 -34.36 3.94
C LYS C 362 -48.30 -33.45 5.18
N HIS C 363 -48.06 -34.11 6.33
CA HIS C 363 -47.77 -33.47 7.59
C HIS C 363 -46.36 -33.84 8.01
N GLN C 364 -45.57 -32.82 8.38
CA GLN C 364 -44.25 -33.00 8.92
C GLN C 364 -44.18 -32.19 10.20
N TRP C 365 -44.08 -32.88 11.33
CA TRP C 365 -44.33 -32.27 12.61
C TRP C 365 -43.11 -32.50 13.50
N VAL C 366 -42.99 -31.66 14.52
CA VAL C 366 -41.97 -31.81 15.53
C VAL C 366 -42.53 -31.31 16.85
N ALA C 367 -42.11 -31.97 17.93
CA ALA C 367 -42.43 -31.55 19.29
C ALA C 367 -41.18 -31.69 20.14
N ASN C 368 -40.88 -30.68 20.97
CA ASN C 368 -39.68 -30.74 21.77
C ASN C 368 -39.89 -30.06 23.13
N ALA C 369 -38.94 -30.35 24.02
CA ALA C 369 -38.80 -29.71 25.30
C ALA C 369 -37.33 -29.31 25.46
N THR C 370 -37.08 -28.09 25.97
CA THR C 370 -35.71 -27.56 26.15
C THR C 370 -35.54 -27.05 27.59
N TYR C 371 -34.31 -27.14 28.08
CA TYR C 371 -33.92 -26.68 29.42
C TYR C 371 -32.55 -26.03 29.30
N TYR C 372 -32.38 -24.88 29.96
CA TYR C 372 -31.08 -24.24 30.13
C TYR C 372 -30.97 -23.73 31.57
N ASN C 373 -29.78 -23.91 32.16
N ASN C 373 -29.78 -23.90 32.16
CA ASN C 373 -29.45 -23.37 33.47
CA ASN C 373 -29.46 -23.42 33.51
C ASN C 373 -28.00 -22.87 33.47
C ASN C 373 -28.02 -22.90 33.49
N HIS C 374 -27.75 -21.73 34.11
CA HIS C 374 -26.37 -21.35 34.46
C HIS C 374 -26.30 -20.86 35.91
N THR C 375 -25.15 -21.10 36.53
CA THR C 375 -24.75 -20.43 37.75
C THR C 375 -23.49 -19.61 37.45
N GLN C 376 -23.34 -18.49 38.15
CA GLN C 376 -22.34 -17.51 37.82
C GLN C 376 -21.88 -16.82 39.09
N ASP C 377 -20.56 -16.57 39.19
CA ASP C 377 -19.99 -15.62 40.16
C ASP C 377 -19.29 -14.46 39.44
N ASP C 378 -19.54 -13.24 39.92
CA ASP C 378 -18.91 -12.04 39.40
C ASP C 378 -18.02 -11.43 40.48
N TYR C 379 -16.80 -11.07 40.08
CA TYR C 379 -15.85 -10.29 40.87
C TYR C 379 -15.45 -9.06 40.06
N GLY C 380 -15.29 -7.90 40.72
CA GLY C 380 -14.95 -6.69 39.98
C GLY C 380 -14.71 -5.48 40.86
N TYR C 381 -14.06 -4.49 40.25
CA TYR C 381 -13.99 -3.13 40.73
C TYR C 381 -14.59 -2.21 39.70
N ARG C 382 -15.52 -1.35 40.12
CA ARG C 382 -15.91 -0.16 39.36
C ARG C 382 -14.85 0.92 39.55
N ILE C 383 -14.32 0.97 40.76
CA ILE C 383 -13.23 1.86 41.14
C ILE C 383 -12.15 0.99 41.78
N ILE C 384 -10.94 1.01 41.21
CA ILE C 384 -9.83 0.25 41.77
C ILE C 384 -9.20 1.08 42.89
N PRO C 385 -9.13 0.54 44.13
CA PRO C 385 -8.48 1.26 45.23
C PRO C 385 -7.02 1.56 44.88
N GLY C 386 -6.62 2.81 45.07
CA GLY C 386 -5.29 3.29 44.76
C GLY C 386 -5.12 3.68 43.30
N PHE C 387 -6.13 3.45 42.47
CA PHE C 387 -6.06 3.80 41.03
C PHE C 387 -7.37 4.44 40.56
N SER C 388 -7.89 5.33 41.38
CA SER C 388 -9.17 5.93 41.11
C SER C 388 -8.99 7.23 40.31
N ASP C 389 -7.77 7.77 40.26
CA ASP C 389 -7.49 8.93 39.42
C ASP C 389 -7.45 8.48 37.98
N PRO C 390 -8.07 9.23 37.05
CA PRO C 390 -8.08 8.84 35.64
C PRO C 390 -6.68 9.04 35.07
N VAL C 391 -6.33 8.20 34.10
CA VAL C 391 -5.13 8.36 33.34
C VAL C 391 -5.41 9.32 32.17
N ILE C 392 -4.58 10.37 32.08
CA ILE C 392 -4.74 11.44 31.11
C ILE C 392 -3.77 11.20 29.95
N THR C 393 -4.31 11.06 28.74
CA THR C 393 -3.49 10.95 27.53
C THR C 393 -4.09 11.84 26.43
N ASN C 394 -3.59 11.66 25.21
CA ASN C 394 -4.11 12.34 24.06
C ASN C 394 -4.21 11.31 22.93
N ILE C 395 -5.32 11.30 22.20
CA ILE C 395 -5.59 10.20 21.30
C ILE C 395 -4.59 10.25 20.12
N TYR C 396 -3.93 11.40 19.93
CA TYR C 396 -3.01 11.57 18.79
C TYR C 396 -1.55 11.41 19.22
N ASP C 397 -1.30 11.15 20.52
CA ASP C 397 0.08 10.98 21.04
C ASP C 397 0.64 9.66 20.51
N PRO C 398 1.81 9.69 19.83
CA PRO C 398 2.47 8.47 19.36
C PRO C 398 3.11 7.66 20.49
N ASN C 399 3.31 8.29 21.64
CA ASN C 399 4.07 7.69 22.70
C ASN C 399 3.38 7.92 24.04
N PRO C 400 2.11 7.51 24.21
CA PRO C 400 1.36 7.79 25.43
C PRO C 400 1.97 7.10 26.65
N ASN C 401 1.73 7.71 27.81
CA ASN C 401 2.06 7.11 29.09
C ASN C 401 0.77 6.58 29.75
N TRP C 402 0.60 5.25 29.77
CA TRP C 402 -0.62 4.62 30.31
C TRP C 402 -0.48 4.31 31.81
N GLY C 403 0.68 4.60 32.39
CA GLY C 403 0.92 4.39 33.83
C GLY C 403 1.06 2.91 34.16
N PRO C 404 1.13 2.55 35.47
CA PRO C 404 1.33 1.16 35.86
C PRO C 404 0.04 0.34 35.77
N LYS C 405 0.24 -0.97 35.58
CA LYS C 405 -0.79 -1.97 35.56
C LYS C 405 -1.12 -2.37 37.00
N PRO C 406 -2.36 -2.15 37.48
CA PRO C 406 -2.74 -2.57 38.82
C PRO C 406 -2.80 -4.10 38.95
N GLU C 407 -2.40 -4.61 40.11
CA GLU C 407 -2.58 -6.00 40.48
C GLU C 407 -4.04 -6.39 40.31
N PHE C 408 -4.27 -7.58 39.74
CA PHE C 408 -5.58 -8.13 39.52
C PHE C 408 -6.10 -8.79 40.81
N THR C 409 -6.99 -8.10 41.53
CA THR C 409 -7.50 -8.57 42.84
C THR C 409 -8.98 -8.22 43.00
N PRO C 410 -9.82 -8.40 41.95
CA PRO C 410 -11.22 -7.97 42.04
C PRO C 410 -11.95 -8.78 43.10
N PRO C 411 -12.68 -8.13 44.02
CA PRO C 411 -13.41 -8.84 45.08
C PRO C 411 -14.76 -9.36 44.59
N PHE C 412 -15.28 -10.39 45.27
CA PHE C 412 -16.56 -11.00 44.96
C PHE C 412 -17.67 -9.94 45.07
N LEU C 413 -18.57 -9.93 44.08
CA LEU C 413 -19.71 -8.97 44.03
C LEU C 413 -21.03 -9.71 44.28
N PHE C 414 -21.32 -10.75 43.49
CA PHE C 414 -22.61 -11.41 43.59
C PHE C 414 -22.60 -12.73 42.82
N HIS C 415 -23.47 -13.64 43.28
CA HIS C 415 -23.83 -14.90 42.64
C HIS C 415 -25.16 -14.71 41.92
N SER C 416 -25.29 -15.30 40.73
CA SER C 416 -26.52 -15.15 39.97
C SER C 416 -26.81 -16.46 39.21
N THR C 417 -28.08 -16.68 38.89
CA THR C 417 -28.53 -17.85 38.14
C THR C 417 -29.57 -17.44 37.09
N LEU C 418 -29.67 -18.25 36.05
CA LEU C 418 -30.67 -18.13 35.02
C LEU C 418 -31.16 -19.53 34.67
N SER C 419 -32.48 -19.72 34.67
CA SER C 419 -33.11 -20.98 34.21
C SER C 419 -34.20 -20.65 33.18
N THR C 420 -34.20 -21.40 32.09
CA THR C 420 -35.24 -21.35 31.10
C THR C 420 -35.67 -22.77 30.78
N SER C 421 -36.93 -22.90 30.34
CA SER C 421 -37.44 -24.13 29.76
C SER C 421 -38.53 -23.79 28.75
N SER C 422 -38.76 -24.68 27.80
CA SER C 422 -39.75 -24.46 26.79
C SER C 422 -40.30 -25.81 26.35
N PHE C 423 -41.53 -25.81 25.85
CA PHE C 423 -41.99 -26.90 25.01
C PHE C 423 -42.68 -26.31 23.79
N GLY C 424 -42.47 -26.99 22.66
CA GLY C 424 -42.85 -26.51 21.38
C GLY C 424 -43.46 -27.59 20.51
N LEU C 425 -44.40 -27.19 19.65
N LEU C 425 -44.46 -27.20 19.72
CA LEU C 425 -44.99 -28.05 18.65
CA LEU C 425 -45.09 -28.02 18.68
C LEU C 425 -45.15 -27.24 17.37
C LEU C 425 -45.08 -27.21 17.38
N ALA C 426 -44.78 -27.87 16.25
CA ALA C 426 -44.99 -27.28 14.96
C ALA C 426 -45.33 -28.37 13.94
N ASP C 427 -46.11 -28.00 12.93
CA ASP C 427 -46.49 -28.85 11.83
C ASP C 427 -46.31 -28.06 10.52
N THR C 428 -45.68 -28.70 9.54
CA THR C 428 -45.69 -28.20 8.19
C THR C 428 -46.65 -29.06 7.35
N LEU C 429 -47.73 -28.43 6.86
CA LEU C 429 -48.72 -29.03 5.94
C LEU C 429 -48.32 -28.72 4.52
N SER C 430 -48.17 -29.75 3.69
CA SER C 430 -47.74 -29.59 2.31
C SER C 430 -48.73 -30.27 1.36
N PHE C 431 -48.79 -29.80 0.12
CA PHE C 431 -49.39 -30.59 -0.94
C PHE C 431 -48.66 -30.34 -2.25
N ALA C 432 -49.14 -31.00 -3.32
CA ALA C 432 -48.61 -30.89 -4.65
C ALA C 432 -47.11 -31.17 -4.64
N GLN C 433 -46.71 -32.28 -4.02
CA GLN C 433 -45.30 -32.69 -3.95
C GLN C 433 -44.48 -31.60 -3.28
N ASP C 434 -45.04 -30.99 -2.23
CA ASP C 434 -44.32 -30.08 -1.34
C ASP C 434 -44.06 -28.73 -2.04
N LYS C 435 -44.93 -28.39 -3.00
CA LYS C 435 -44.78 -27.15 -3.74
C LYS C 435 -45.60 -26.04 -3.07
N VAL C 436 -46.44 -26.42 -2.09
CA VAL C 436 -47.09 -25.47 -1.20
C VAL C 436 -46.94 -25.98 0.23
N GLN C 437 -46.36 -25.14 1.10
CA GLN C 437 -46.04 -25.53 2.46
C GLN C 437 -46.54 -24.45 3.43
N LEU C 438 -47.34 -24.86 4.41
CA LEU C 438 -47.82 -23.99 5.48
C LEU C 438 -47.33 -24.55 6.82
N THR C 439 -46.53 -23.76 7.54
CA THR C 439 -46.00 -24.13 8.84
C THR C 439 -46.74 -23.35 9.92
N LEU C 440 -47.17 -24.07 10.96
CA LEU C 440 -47.83 -23.51 12.16
C LEU C 440 -47.15 -24.09 13.40
N GLY C 441 -47.05 -23.28 14.46
CA GLY C 441 -46.52 -23.78 15.69
C GLY C 441 -46.74 -22.84 16.85
N LEU C 442 -46.56 -23.39 18.06
CA LEU C 442 -46.59 -22.71 19.35
C LEU C 442 -45.41 -23.19 20.17
N ARG C 443 -44.85 -22.30 20.99
CA ARG C 443 -43.91 -22.68 22.03
C ARG C 443 -44.27 -21.94 23.31
N HIS C 444 -44.27 -22.68 24.42
CA HIS C 444 -44.40 -22.14 25.75
C HIS C 444 -43.02 -22.04 26.40
N GLN C 445 -42.70 -20.85 26.89
CA GLN C 445 -41.37 -20.51 27.37
C GLN C 445 -41.47 -20.01 28.80
N THR C 446 -40.60 -20.52 29.66
CA THR C 446 -40.49 -20.11 31.05
C THR C 446 -39.06 -19.63 31.31
N VAL C 447 -38.94 -18.67 32.24
CA VAL C 447 -37.65 -18.12 32.61
C VAL C 447 -37.70 -17.66 34.07
N LYS C 448 -36.57 -17.84 34.77
CA LYS C 448 -36.37 -17.30 36.11
C LYS C 448 -34.91 -16.90 36.29
N ALA C 449 -34.69 -15.69 36.80
CA ALA C 449 -33.36 -15.23 37.16
C ALA C 449 -33.30 -14.98 38.67
N THR C 450 -32.14 -15.26 39.27
CA THR C 450 -31.86 -14.90 40.65
C THR C 450 -30.51 -14.20 40.75
N SER C 451 -30.38 -13.41 41.82
CA SER C 451 -29.16 -12.72 42.15
C SER C 451 -29.05 -12.64 43.67
N SER C 452 -27.84 -12.88 44.19
CA SER C 452 -27.57 -12.90 45.63
C SER C 452 -27.64 -11.50 46.25
N VAL C 453 -27.78 -10.44 45.45
CA VAL C 453 -27.89 -9.06 45.97
C VAL C 453 -29.25 -8.45 45.61
N ASN C 454 -30.19 -9.29 45.18
CA ASN C 454 -31.55 -8.85 44.92
C ASN C 454 -32.40 -9.19 46.14
N THR C 455 -32.91 -8.16 46.81
CA THR C 455 -33.87 -8.32 47.93
C THR C 455 -35.30 -8.48 47.37
N LEU C 456 -35.52 -7.99 46.14
CA LEU C 456 -36.86 -7.98 45.52
C LEU C 456 -37.27 -9.41 45.19
N PRO C 457 -38.58 -9.68 45.02
CA PRO C 457 -39.06 -11.02 44.70
C PRO C 457 -38.42 -11.60 43.43
N GLU C 458 -38.25 -12.93 43.42
CA GLU C 458 -37.76 -13.68 42.29
C GLU C 458 -38.77 -14.79 41.98
N ASN C 459 -39.34 -14.76 40.78
CA ASN C 459 -40.39 -15.70 40.35
C ASN C 459 -40.20 -16.02 38.87
N ALA C 460 -40.50 -17.27 38.51
CA ALA C 460 -40.61 -17.69 37.15
C ALA C 460 -41.75 -16.91 36.47
N LYS C 461 -41.58 -16.69 35.16
CA LYS C 461 -42.60 -16.13 34.33
C LYS C 461 -42.62 -16.89 33.01
N SER C 462 -43.74 -16.75 32.30
CA SER C 462 -44.02 -17.56 31.13
C SER C 462 -44.66 -16.71 30.04
N ALA C 463 -44.50 -17.16 28.80
CA ALA C 463 -45.20 -16.63 27.68
C ALA C 463 -45.37 -17.73 26.64
N THR C 464 -46.33 -17.51 25.75
CA THR C 464 -46.58 -18.40 24.67
C THR C 464 -46.36 -17.62 23.37
N THR C 465 -45.59 -18.21 22.46
CA THR C 465 -45.18 -17.52 21.24
C THR C 465 -45.57 -18.37 20.03
N PRO C 466 -46.39 -17.84 19.11
CA PRO C 466 -46.73 -18.55 17.89
C PRO C 466 -45.80 -18.23 16.72
N GLY C 467 -45.92 -19.02 15.66
CA GLY C 467 -45.31 -18.77 14.41
C GLY C 467 -46.12 -19.37 13.28
N VAL C 468 -46.08 -18.72 12.12
CA VAL C 468 -46.71 -19.21 10.91
C VAL C 468 -45.85 -18.80 9.72
N ALA C 469 -45.69 -19.71 8.77
CA ALA C 469 -44.95 -19.45 7.55
C ALA C 469 -45.68 -20.12 6.38
N LEU C 470 -45.57 -19.51 5.20
CA LEU C 470 -46.11 -20.03 3.97
C LEU C 470 -45.03 -19.96 2.89
N LEU C 471 -44.85 -21.06 2.15
CA LEU C 471 -43.94 -21.13 1.04
C LEU C 471 -44.65 -21.71 -0.19
N ILE C 472 -44.44 -21.08 -1.35
CA ILE C 472 -44.99 -21.51 -2.61
C ILE C 472 -43.85 -21.60 -3.63
N LYS C 473 -43.70 -22.77 -4.25
CA LYS C 473 -42.76 -22.95 -5.33
C LYS C 473 -43.44 -22.66 -6.67
N ALA C 474 -43.26 -21.44 -7.17
CA ALA C 474 -43.81 -21.05 -8.48
C ALA C 474 -43.20 -21.93 -9.59
N THR C 475 -41.91 -22.23 -9.47
CA THR C 475 -41.23 -23.25 -10.27
C THR C 475 -40.30 -24.03 -9.35
N ASP C 476 -39.51 -24.93 -9.89
CA ASP C 476 -38.56 -25.65 -9.05
C ASP C 476 -37.28 -24.80 -8.90
N LYS C 477 -37.29 -23.58 -9.44
CA LYS C 477 -36.18 -22.62 -9.30
C LYS C 477 -36.59 -21.41 -8.44
N ILE C 478 -37.89 -21.20 -8.25
CA ILE C 478 -38.41 -19.98 -7.66
C ILE C 478 -39.32 -20.33 -6.48
N SER C 479 -38.97 -19.85 -5.28
CA SER C 479 -39.87 -19.93 -4.12
C SER C 479 -40.25 -18.53 -3.64
N VAL C 480 -41.54 -18.35 -3.33
N VAL C 480 -41.54 -18.36 -3.34
CA VAL C 480 -42.03 -17.17 -2.66
CA VAL C 480 -42.06 -17.19 -2.67
C VAL C 480 -42.50 -17.60 -1.27
C VAL C 480 -42.49 -17.62 -1.26
N TYR C 481 -42.23 -16.77 -0.26
CA TYR C 481 -42.50 -17.13 1.14
C TYR C 481 -42.91 -15.90 1.96
N ALA C 482 -43.57 -16.18 3.08
CA ALA C 482 -43.86 -15.19 4.11
C ALA C 482 -43.83 -15.88 5.48
N ASN C 483 -43.56 -15.11 6.53
CA ASN C 483 -43.56 -15.63 7.90
C ASN C 483 -44.04 -14.54 8.85
N TYR C 484 -44.66 -14.99 9.94
CA TYR C 484 -44.77 -14.27 11.19
C TYR C 484 -44.12 -15.12 12.27
N ILE C 485 -43.27 -14.49 13.09
CA ILE C 485 -42.55 -15.19 14.14
C ILE C 485 -42.05 -14.16 15.15
N GLU C 486 -41.76 -14.63 16.36
CA GLU C 486 -41.45 -13.76 17.46
C GLU C 486 -40.06 -14.10 18.00
N GLY C 487 -39.48 -13.14 18.73
CA GLY C 487 -38.35 -13.38 19.62
C GLY C 487 -38.71 -13.01 21.05
N LEU C 488 -38.04 -13.65 22.00
CA LEU C 488 -38.32 -13.45 23.42
C LEU C 488 -37.08 -12.91 24.13
N THR C 489 -37.34 -12.05 25.11
CA THR C 489 -36.36 -11.53 25.98
C THR C 489 -36.93 -11.57 27.40
N LYS C 490 -36.12 -11.99 28.37
CA LYS C 490 -36.50 -11.99 29.77
C LYS C 490 -37.09 -10.63 30.14
N GLY C 491 -38.21 -10.65 30.86
CA GLY C 491 -38.82 -9.44 31.37
C GLY C 491 -37.95 -8.78 32.43
N ASP C 492 -38.01 -7.46 32.48
CA ASP C 492 -37.36 -6.66 33.53
C ASP C 492 -38.24 -6.65 34.78
N GLN C 493 -37.65 -6.15 35.88
CA GLN C 493 -38.34 -5.99 37.18
C GLN C 493 -38.45 -4.50 37.53
N ALA C 494 -39.64 -4.10 37.99
CA ALA C 494 -39.88 -2.73 38.35
C ALA C 494 -39.05 -2.37 39.58
N PRO C 495 -38.43 -1.17 39.62
CA PRO C 495 -37.59 -0.78 40.75
C PRO C 495 -38.42 -0.39 41.97
N ALA C 496 -37.76 -0.26 43.13
CA ALA C 496 -38.39 0.06 44.43
C ALA C 496 -39.05 1.45 44.38
N THR C 497 -38.76 2.25 43.35
CA THR C 497 -39.22 3.63 43.28
C THR C 497 -40.52 3.73 42.45
N ALA C 498 -41.06 2.58 42.04
CA ALA C 498 -42.22 2.53 41.13
C ALA C 498 -43.53 2.38 41.92
N SER C 499 -44.65 2.62 41.22
CA SER C 499 -46.00 2.32 41.70
C SER C 499 -46.20 0.81 41.82
N ASN C 500 -45.51 0.06 40.97
CA ASN C 500 -45.71 -1.39 40.88
C ASN C 500 -44.40 -2.08 41.26
N PRO C 501 -43.79 -1.72 42.41
CA PRO C 501 -42.40 -2.11 42.69
C PRO C 501 -42.30 -3.64 42.76
N GLY C 502 -41.23 -4.19 42.16
CA GLY C 502 -40.90 -5.59 42.26
C GLY C 502 -41.66 -6.45 41.25
N GLU C 503 -42.62 -5.86 40.54
CA GLU C 503 -43.30 -6.59 39.45
C GLU C 503 -42.26 -7.07 38.44
N ILE C 504 -42.34 -8.36 38.08
CA ILE C 504 -41.54 -8.94 37.02
C ILE C 504 -42.41 -9.18 35.79
N PHE C 505 -42.04 -8.55 34.68
CA PHE C 505 -42.75 -8.72 33.43
C PHE C 505 -42.49 -10.13 32.89
N PRO C 506 -43.44 -10.68 32.11
CA PRO C 506 -43.21 -11.93 31.41
C PRO C 506 -42.23 -11.71 30.26
N PRO C 507 -41.70 -12.79 29.66
CA PRO C 507 -40.89 -12.68 28.46
C PRO C 507 -41.53 -11.72 27.45
N GLN C 508 -40.72 -10.82 26.89
CA GLN C 508 -41.18 -9.74 26.07
C GLN C 508 -41.03 -10.13 24.61
N LYS C 509 -42.07 -9.83 23.82
CA LYS C 509 -42.19 -10.36 22.47
C LYS C 509 -41.70 -9.34 21.45
N THR C 510 -40.57 -9.66 20.82
CA THR C 510 -40.22 -9.09 19.54
C THR C 510 -41.04 -9.80 18.46
N LYS C 511 -41.50 -9.04 17.46
CA LYS C 511 -42.42 -9.55 16.43
C LYS C 511 -41.90 -9.18 15.04
N GLN C 512 -41.84 -10.19 14.16
CA GLN C 512 -41.39 -10.03 12.81
C GLN C 512 -42.50 -10.46 11.85
N GLN C 513 -42.68 -9.69 10.78
CA GLN C 513 -43.34 -10.17 9.60
C GLN C 513 -42.38 -10.01 8.41
N GLU C 514 -42.38 -11.01 7.53
CA GLU C 514 -41.44 -11.07 6.45
C GLU C 514 -42.13 -11.58 5.18
N LEU C 515 -41.77 -10.98 4.04
CA LEU C 515 -42.13 -11.47 2.70
C LEU C 515 -40.85 -11.58 1.88
N GLY C 516 -40.73 -12.64 1.08
CA GLY C 516 -39.49 -12.93 0.41
C GLY C 516 -39.67 -13.73 -0.87
N LEU C 517 -38.60 -13.71 -1.67
CA LEU C 517 -38.49 -14.40 -2.92
C LEU C 517 -37.08 -15.00 -3.00
N LYS C 518 -36.99 -16.28 -3.35
CA LYS C 518 -35.72 -16.95 -3.59
C LYS C 518 -35.69 -17.49 -5.02
N VAL C 519 -34.55 -17.34 -5.68
CA VAL C 519 -34.35 -17.81 -7.05
C VAL C 519 -33.00 -18.54 -7.13
N ASP C 520 -33.06 -19.85 -7.40
CA ASP C 520 -31.90 -20.66 -7.73
C ASP C 520 -31.85 -20.86 -9.25
N LEU C 521 -30.93 -20.16 -9.93
CA LEU C 521 -30.79 -20.24 -11.39
C LEU C 521 -30.01 -21.50 -11.80
N GLY C 522 -29.49 -22.25 -10.81
CA GLY C 522 -28.65 -23.44 -11.05
C GLY C 522 -27.31 -23.36 -10.31
N THR C 523 -26.45 -22.42 -10.70
CA THR C 523 -25.14 -22.20 -10.05
C THR C 523 -25.08 -20.83 -9.37
N PHE C 524 -26.13 -20.02 -9.51
CA PHE C 524 -26.21 -18.68 -8.90
C PHE C 524 -27.60 -18.48 -8.30
N ALA C 525 -27.66 -17.94 -7.09
CA ALA C 525 -28.92 -17.83 -6.35
C ALA C 525 -29.11 -16.40 -5.80
N HIS C 526 -30.38 -15.98 -5.75
CA HIS C 526 -30.82 -14.67 -5.27
C HIS C 526 -31.82 -14.86 -4.14
N THR C 527 -31.75 -13.98 -3.12
CA THR C 527 -32.81 -13.79 -2.16
C THR C 527 -33.22 -12.31 -2.16
N LEU C 528 -34.53 -12.06 -2.19
CA LEU C 528 -35.10 -10.73 -2.04
C LEU C 528 -36.16 -10.80 -0.94
N SER C 529 -35.98 -10.00 0.12
CA SER C 529 -36.88 -10.06 1.27
C SER C 529 -37.08 -8.68 1.87
N ALA C 530 -38.29 -8.48 2.40
CA ALA C 530 -38.68 -7.30 3.12
C ALA C 530 -39.22 -7.73 4.48
N PHE C 531 -38.92 -6.96 5.51
CA PHE C 531 -39.29 -7.35 6.85
C PHE C 531 -39.64 -6.11 7.67
N GLU C 532 -40.40 -6.35 8.73
CA GLU C 532 -40.63 -5.40 9.79
C GLU C 532 -40.52 -6.14 11.11
N ILE C 533 -39.67 -5.64 12.02
CA ILE C 533 -39.47 -6.22 13.33
C ILE C 533 -39.64 -5.14 14.40
N THR C 534 -40.59 -5.35 15.33
CA THR C 534 -40.74 -4.48 16.48
C THR C 534 -40.22 -5.18 17.72
N LYS C 535 -39.45 -4.44 18.52
CA LYS C 535 -38.85 -4.95 19.72
C LYS C 535 -39.19 -4.00 20.86
N PRO C 536 -39.85 -4.49 21.93
CA PRO C 536 -40.24 -3.62 23.04
C PRO C 536 -39.08 -3.38 23.99
N SER C 537 -39.20 -2.30 24.78
CA SER C 537 -38.35 -2.07 25.95
C SER C 537 -39.21 -1.56 27.09
N SER C 538 -38.64 -1.60 28.30
CA SER C 538 -39.33 -1.28 29.52
C SER C 538 -38.55 -0.20 30.26
N TYR C 539 -39.28 0.69 30.95
CA TYR C 539 -38.68 1.78 31.70
C TYR C 539 -39.71 2.31 32.71
N LEU C 540 -39.20 2.99 33.74
CA LEU C 540 -40.02 3.67 34.73
C LEU C 540 -40.48 5.01 34.14
N ASP C 541 -41.81 5.20 34.06
CA ASP C 541 -42.38 6.31 33.34
C ASP C 541 -43.03 7.28 34.32
N PRO C 542 -42.42 8.45 34.56
CA PRO C 542 -42.96 9.42 35.51
C PRO C 542 -44.29 10.04 35.04
N SER C 543 -44.60 9.90 33.74
CA SER C 543 -45.80 10.52 33.14
C SER C 543 -47.06 9.65 33.38
N LYS C 544 -46.88 8.41 33.88
CA LYS C 544 -48.01 7.50 34.09
C LYS C 544 -48.13 7.17 35.57
N LEU C 545 -48.97 7.92 36.28
CA LEU C 545 -49.03 7.87 37.75
C LEU C 545 -50.06 6.83 38.20
N VAL C 546 -49.70 6.07 39.24
CA VAL C 546 -50.61 5.23 40.00
C VAL C 546 -50.25 5.39 41.48
N ASN C 547 -51.25 5.71 42.31
CA ASN C 547 -51.04 6.22 43.66
C ASN C 547 -49.94 7.29 43.64
N ASN C 548 -50.01 8.18 42.65
CA ASN C 548 -49.14 9.34 42.55
C ASN C 548 -47.66 8.91 42.48
N LEU C 549 -47.40 7.71 41.95
CA LEU C 549 -46.03 7.20 41.78
C LEU C 549 -45.81 6.78 40.34
N PRO C 550 -44.59 7.00 39.80
CA PRO C 550 -44.27 6.56 38.44
C PRO C 550 -44.45 5.04 38.28
N THR C 551 -44.92 4.61 37.11
CA THR C 551 -45.24 3.22 36.85
C THR C 551 -44.20 2.63 35.88
N PHE C 552 -43.79 1.40 36.16
CA PHE C 552 -42.89 0.66 35.29
C PHE C 552 -43.73 -0.02 34.21
N VAL C 553 -43.38 0.25 32.95
CA VAL C 553 -44.21 -0.08 31.78
C VAL C 553 -43.31 -0.67 30.68
N SER C 554 -43.94 -1.43 29.78
CA SER C 554 -43.29 -1.98 28.61
C SER C 554 -43.75 -1.24 27.35
N ASP C 555 -43.71 0.09 27.41
CA ASP C 555 -44.28 0.97 26.36
C ASP C 555 -43.22 1.38 25.33
N GLY C 556 -41.95 1.04 25.58
CA GLY C 556 -40.88 1.34 24.66
C GLY C 556 -40.96 0.48 23.41
N GLU C 557 -40.44 1.00 22.29
CA GLU C 557 -40.42 0.23 21.05
C GLU C 557 -39.35 0.78 20.11
N GLN C 558 -38.63 -0.16 19.48
CA GLN C 558 -37.84 0.06 18.30
C GLN C 558 -38.42 -0.77 17.15
N ARG C 559 -38.50 -0.17 15.96
CA ARG C 559 -39.09 -0.84 14.81
C ARG C 559 -38.10 -0.75 13.65
N ASN C 560 -37.64 -1.92 13.21
CA ASN C 560 -36.69 -2.03 12.13
C ASN C 560 -37.44 -2.55 10.89
N ARG C 561 -37.51 -1.73 9.86
CA ARG C 561 -38.01 -2.14 8.56
C ARG C 561 -36.83 -2.25 7.60
N GLY C 562 -36.83 -3.30 6.77
CA GLY C 562 -35.71 -3.54 5.88
C GLY C 562 -36.14 -4.15 4.57
N ILE C 563 -35.36 -3.86 3.51
CA ILE C 563 -35.32 -4.62 2.26
C ILE C 563 -33.89 -5.16 2.09
N GLU C 564 -33.79 -6.44 1.73
N GLU C 564 -33.79 -6.45 1.76
CA GLU C 564 -32.51 -7.11 1.47
CA GLU C 564 -32.51 -7.08 1.42
C GLU C 564 -32.55 -7.75 0.08
C GLU C 564 -32.59 -7.68 0.03
N TRP C 565 -31.51 -7.48 -0.74
CA TRP C 565 -31.22 -8.25 -1.93
C TRP C 565 -29.82 -8.84 -1.79
N SER C 566 -29.72 -10.17 -1.82
CA SER C 566 -28.43 -10.84 -1.68
C SER C 566 -28.36 -12.05 -2.62
N PHE C 567 -27.14 -12.55 -2.84
CA PHE C 567 -26.88 -13.53 -3.86
C PHE C 567 -25.58 -14.26 -3.53
N PHE C 568 -25.45 -15.47 -4.08
CA PHE C 568 -24.23 -16.23 -3.93
C PHE C 568 -24.09 -17.22 -5.09
N GLY C 569 -22.85 -17.68 -5.29
CA GLY C 569 -22.54 -18.76 -6.20
C GLY C 569 -21.71 -18.29 -7.36
N SER C 570 -21.91 -18.92 -8.51
CA SER C 570 -21.11 -18.70 -9.68
C SER C 570 -22.01 -18.27 -10.83
N PRO C 571 -22.01 -16.97 -11.19
CA PRO C 571 -22.89 -16.47 -12.25
C PRO C 571 -22.36 -16.80 -13.66
N ILE C 572 -21.05 -16.98 -13.76
CA ILE C 572 -20.33 -17.38 -14.98
C ILE C 572 -19.25 -18.37 -14.54
N GLU C 573 -18.80 -19.23 -15.46
CA GLU C 573 -17.76 -20.20 -15.12
C GLU C 573 -16.48 -19.44 -14.70
N HIS C 574 -15.83 -19.96 -13.65
CA HIS C 574 -14.54 -19.47 -13.13
C HIS C 574 -14.69 -18.14 -12.37
N VAL C 575 -15.94 -17.72 -12.12
CA VAL C 575 -16.26 -16.54 -11.30
C VAL C 575 -17.17 -16.96 -10.13
N ARG C 576 -16.85 -16.47 -8.94
CA ARG C 576 -17.77 -16.53 -7.80
C ARG C 576 -18.08 -15.10 -7.34
N LEU C 577 -19.33 -14.89 -6.95
N LEU C 577 -19.36 -14.83 -7.11
CA LEU C 577 -19.87 -13.60 -6.56
CA LEU C 577 -19.85 -13.57 -6.54
C LEU C 577 -20.82 -13.81 -5.37
C LEU C 577 -20.72 -13.90 -5.32
N MET C 578 -20.60 -13.07 -4.29
CA MET C 578 -21.41 -13.18 -3.11
C MET C 578 -21.54 -11.79 -2.48
N GLY C 579 -22.75 -11.40 -2.12
CA GLY C 579 -22.99 -10.07 -1.55
C GLY C 579 -24.42 -9.63 -1.70
N GLY C 580 -24.64 -8.31 -1.55
CA GLY C 580 -25.95 -7.72 -1.77
C GLY C 580 -26.06 -6.30 -1.22
N PHE C 581 -27.30 -5.82 -1.15
CA PHE C 581 -27.64 -4.48 -0.76
C PHE C 581 -28.79 -4.57 0.24
N THR C 582 -28.78 -3.69 1.25
CA THR C 582 -29.88 -3.56 2.21
C THR C 582 -30.16 -2.07 2.45
N TYR C 583 -31.45 -1.73 2.55
CA TYR C 583 -31.91 -0.52 3.20
C TYR C 583 -32.58 -0.93 4.51
N LEU C 584 -32.22 -0.22 5.58
CA LEU C 584 -32.73 -0.43 6.90
C LEU C 584 -33.26 0.91 7.42
N ASP C 585 -34.49 0.89 7.95
CA ASP C 585 -35.04 1.99 8.72
C ASP C 585 -35.21 1.52 10.16
N PRO C 586 -34.20 1.76 11.03
CA PRO C 586 -34.28 1.39 12.43
C PRO C 586 -34.72 2.58 13.29
N GLU C 587 -36.00 2.60 13.66
CA GLU C 587 -36.62 3.76 14.26
C GLU C 587 -36.94 3.49 15.74
N LEU C 588 -36.56 4.42 16.61
CA LEU C 588 -37.07 4.48 17.98
C LEU C 588 -38.47 5.10 18.00
N THR C 589 -39.50 4.25 17.96
CA THR C 589 -40.87 4.72 17.74
C THR C 589 -41.48 5.20 19.06
N LYS C 590 -41.05 4.62 20.20
CA LYS C 590 -41.58 5.02 21.51
C LYS C 590 -40.46 4.93 22.55
N THR C 591 -40.21 6.08 23.18
CA THR C 591 -39.12 6.28 24.12
C THR C 591 -39.68 6.96 25.37
N LYS C 592 -38.99 6.78 26.49
CA LYS C 592 -39.32 7.44 27.75
C LYS C 592 -39.52 8.94 27.49
N SER C 593 -40.71 9.45 27.82
CA SER C 593 -41.02 10.89 27.79
C SER C 593 -41.22 11.39 26.36
N GLY C 594 -40.99 10.52 25.38
CA GLY C 594 -41.21 10.84 23.98
C GLY C 594 -40.09 11.68 23.39
N GLY C 595 -39.06 12.00 24.18
CA GLY C 595 -37.95 12.88 23.73
C GLY C 595 -37.34 12.43 22.41
N ASN C 596 -37.14 11.12 22.23
CA ASN C 596 -36.36 10.61 21.10
C ASN C 596 -37.28 9.90 20.10
N ASP C 597 -38.59 10.06 20.25
CA ASP C 597 -39.58 9.45 19.35
C ASP C 597 -39.26 9.85 17.91
N GLY C 598 -39.15 8.84 17.04
CA GLY C 598 -38.97 9.05 15.62
C GLY C 598 -37.50 9.15 15.24
N HIS C 599 -36.61 9.14 16.23
CA HIS C 599 -35.16 9.15 15.93
C HIS C 599 -34.72 7.78 15.37
N THR C 600 -33.55 7.79 14.75
CA THR C 600 -32.89 6.60 14.26
C THR C 600 -32.06 5.95 15.37
N ALA C 601 -32.14 4.62 15.46
CA ALA C 601 -31.39 3.84 16.43
C ALA C 601 -29.88 4.04 16.23
N VAL C 602 -29.13 3.96 17.34
CA VAL C 602 -27.69 4.20 17.33
C VAL C 602 -27.00 3.02 16.63
N ALA C 603 -25.78 3.30 16.13
CA ALA C 603 -24.72 2.29 15.85
C ALA C 603 -24.86 1.72 14.44
N VAL C 604 -26.09 1.56 13.95
CA VAL C 604 -26.30 0.78 12.72
C VAL C 604 -26.42 1.74 11.55
N PRO C 605 -25.84 1.37 10.38
CA PRO C 605 -26.07 2.14 9.15
C PRO C 605 -27.41 1.78 8.54
N LYS C 606 -28.01 2.74 7.83
CA LYS C 606 -29.26 2.55 7.14
C LYS C 606 -29.02 1.80 5.82
N ASN C 607 -27.83 1.96 5.23
CA ASN C 607 -27.54 1.44 3.90
C ASN C 607 -26.24 0.64 3.94
N GLN C 608 -26.24 -0.54 3.34
CA GLN C 608 -25.07 -1.38 3.15
C GLN C 608 -25.05 -1.94 1.73
N ALA C 609 -23.87 -1.95 1.13
CA ALA C 609 -23.59 -2.68 -0.07
C ALA C 609 -22.30 -3.50 0.12
N LYS C 610 -22.38 -4.81 -0.15
CA LYS C 610 -21.22 -5.66 -0.02
C LYS C 610 -21.11 -6.53 -1.27
N LEU C 611 -19.87 -6.71 -1.72
CA LEU C 611 -19.58 -7.59 -2.85
C LEU C 611 -18.23 -8.27 -2.61
N GLY C 612 -18.26 -9.59 -2.59
CA GLY C 612 -17.07 -10.42 -2.72
C GLY C 612 -17.07 -11.13 -4.06
N ALA C 613 -15.94 -11.03 -4.77
CA ALA C 613 -15.80 -11.66 -6.07
C ALA C 613 -14.48 -12.43 -6.10
N GLU C 614 -14.52 -13.58 -6.77
CA GLU C 614 -13.36 -14.40 -7.04
C GLU C 614 -13.33 -14.72 -8.54
N TRP C 615 -12.12 -14.75 -9.10
CA TRP C 615 -11.86 -15.09 -10.49
C TRP C 615 -10.74 -16.14 -10.54
N ASP C 616 -11.02 -17.26 -11.22
CA ASP C 616 -10.11 -18.40 -11.36
C ASP C 616 -9.47 -18.38 -12.75
N THR C 617 -8.18 -18.74 -12.79
CA THR C 617 -7.41 -18.97 -14.00
C THR C 617 -6.60 -20.25 -13.80
N GLN C 618 -6.64 -21.15 -14.79
CA GLN C 618 -5.74 -22.33 -14.83
C GLN C 618 -4.33 -21.87 -15.21
N VAL C 619 -3.33 -22.28 -14.43
CA VAL C 619 -1.93 -21.92 -14.70
C VAL C 619 -1.05 -23.06 -14.21
N ALA C 620 -0.26 -23.63 -15.15
CA ALA C 620 0.56 -24.79 -14.85
C ALA C 620 -0.33 -25.90 -14.33
N GLN C 621 0.12 -26.59 -13.28
CA GLN C 621 -0.65 -27.64 -12.63
C GLN C 621 -1.34 -27.07 -11.38
N GLY C 622 -2.27 -26.13 -11.58
CA GLY C 622 -3.06 -25.60 -10.46
C GLY C 622 -4.04 -24.51 -10.87
N THR C 623 -4.81 -24.05 -9.88
CA THR C 623 -5.75 -22.96 -10.04
C THR C 623 -5.26 -21.73 -9.27
N LEU C 624 -5.14 -20.61 -9.99
CA LEU C 624 -4.94 -19.30 -9.39
C LEU C 624 -6.29 -18.58 -9.26
N THR C 625 -6.59 -18.14 -8.03
CA THR C 625 -7.78 -17.36 -7.75
C THR C 625 -7.34 -15.97 -7.29
N LEU C 626 -7.95 -14.91 -7.87
CA LEU C 626 -7.86 -13.55 -7.36
C LEU C 626 -9.20 -13.16 -6.77
N SER C 627 -9.17 -12.40 -5.67
CA SER C 627 -10.35 -12.05 -4.93
C SER C 627 -10.32 -10.56 -4.59
N GLY C 628 -11.51 -9.97 -4.55
CA GLY C 628 -11.71 -8.65 -4.01
C GLY C 628 -13.00 -8.54 -3.24
N ASN C 629 -13.01 -7.64 -2.25
CA ASN C 629 -14.19 -7.36 -1.48
C ASN C 629 -14.35 -5.85 -1.35
N ILE C 630 -15.58 -5.38 -1.49
N ILE C 630 -15.59 -5.38 -1.51
CA ILE C 630 -15.94 -4.04 -1.13
CA ILE C 630 -16.01 -4.02 -1.20
C ILE C 630 -17.07 -4.08 -0.10
C ILE C 630 -17.09 -4.07 -0.11
N ASN C 631 -17.00 -3.14 0.84
CA ASN C 631 -17.94 -3.04 1.94
C ASN C 631 -18.22 -1.56 2.17
N ALA C 632 -19.41 -1.13 1.77
CA ALA C 632 -19.81 0.27 1.82
C ALA C 632 -21.01 0.41 2.73
N VAL C 633 -20.94 1.35 3.67
CA VAL C 633 -22.01 1.64 4.56
C VAL C 633 -22.17 3.15 4.69
N SER C 634 -23.38 3.55 5.07
CA SER C 634 -23.72 4.93 5.28
C SER C 634 -23.49 5.28 6.76
N LYS C 635 -23.84 6.51 7.13
CA LYS C 635 -23.51 7.06 8.42
C LYS C 635 -24.26 6.33 9.54
N GLN C 636 -23.77 6.46 10.77
CA GLN C 636 -24.43 5.87 11.95
C GLN C 636 -24.49 6.91 13.06
N TYR C 637 -25.59 6.92 13.81
CA TYR C 637 -25.72 7.80 14.94
C TYR C 637 -25.03 7.21 16.15
N ILE C 638 -24.50 8.10 17.00
CA ILE C 638 -23.73 7.71 18.13
C ILE C 638 -24.61 7.83 19.38
N ASN C 639 -25.61 8.73 19.35
CA ASN C 639 -26.53 8.86 20.47
C ASN C 639 -27.96 8.82 19.95
N ALA C 640 -28.91 8.55 20.87
CA ALA C 640 -30.31 8.34 20.55
C ALA C 640 -30.98 9.70 20.27
N GLU C 641 -30.36 10.78 20.76
CA GLU C 641 -30.78 12.17 20.45
C GLU C 641 -30.47 12.48 18.98
N ASN C 642 -29.58 11.67 18.36
CA ASN C 642 -29.20 11.82 16.95
C ASN C 642 -28.48 13.18 16.72
N THR C 643 -27.81 13.70 17.74
CA THR C 643 -27.01 14.94 17.65
C THR C 643 -25.52 14.63 17.44
N LEU C 644 -25.14 13.35 17.57
CA LEU C 644 -23.78 12.90 17.18
C LEU C 644 -23.89 11.73 16.22
N SER C 645 -22.99 11.73 15.24
CA SER C 645 -22.97 10.70 14.21
C SER C 645 -21.53 10.55 13.71
N VAL C 646 -21.27 9.42 13.06
CA VAL C 646 -20.00 9.22 12.34
C VAL C 646 -20.34 8.87 10.90
N PRO C 647 -19.52 9.27 9.92
CA PRO C 647 -19.87 9.11 8.51
C PRO C 647 -19.84 7.64 8.05
N GLY C 648 -20.42 7.40 6.87
CA GLY C 648 -20.24 6.15 6.16
C GLY C 648 -18.78 5.91 5.86
N ARG C 649 -18.43 4.68 5.49
CA ARG C 649 -17.12 4.38 5.02
C ARG C 649 -17.19 3.17 4.09
N THR C 650 -16.23 3.13 3.17
CA THR C 650 -16.03 2.03 2.26
C THR C 650 -14.65 1.43 2.50
N LEU C 651 -14.62 0.10 2.62
CA LEU C 651 -13.41 -0.65 2.89
C LEU C 651 -13.21 -1.63 1.75
N LEU C 652 -11.94 -1.80 1.34
CA LEU C 652 -11.57 -2.74 0.28
C LEU C 652 -10.69 -3.84 0.87
N ASP C 653 -10.85 -5.05 0.34
CA ASP C 653 -9.97 -6.15 0.65
C ASP C 653 -9.61 -6.82 -0.68
N VAL C 654 -8.41 -7.44 -0.72
CA VAL C 654 -7.94 -8.19 -1.90
C VAL C 654 -7.25 -9.46 -1.41
N GLY C 655 -7.25 -10.46 -2.26
CA GLY C 655 -6.76 -11.76 -1.94
C GLY C 655 -6.24 -12.46 -3.17
N ALA C 656 -5.40 -13.45 -2.93
CA ALA C 656 -4.98 -14.40 -3.94
C ALA C 656 -4.84 -15.78 -3.30
N ARG C 657 -5.13 -16.80 -4.09
CA ARG C 657 -5.10 -18.17 -3.67
C ARG C 657 -4.53 -19.03 -4.81
N TYR C 658 -3.59 -19.92 -4.47
CA TYR C 658 -3.10 -20.92 -5.42
C TYR C 658 -3.28 -22.32 -4.83
N SER C 659 -4.07 -23.14 -5.53
CA SER C 659 -4.30 -24.53 -5.15
C SER C 659 -3.67 -25.45 -6.21
N THR C 660 -2.87 -26.40 -5.73
CA THR C 660 -2.18 -27.32 -6.60
C THR C 660 -2.04 -28.66 -5.89
N LYS C 661 -1.28 -29.58 -6.49
CA LYS C 661 -0.84 -30.82 -5.84
C LYS C 661 0.68 -30.92 -5.94
N VAL C 662 1.29 -31.43 -4.87
CA VAL C 662 2.70 -31.74 -4.84
C VAL C 662 2.84 -33.23 -4.54
N GLU C 663 3.32 -34.01 -5.53
CA GLU C 663 3.34 -35.48 -5.47
C GLU C 663 1.94 -35.99 -5.10
N ASP C 664 0.91 -35.32 -5.61
CA ASP C 664 -0.49 -35.75 -5.46
C ASP C 664 -1.06 -35.39 -4.07
N HIS C 665 -0.29 -34.65 -3.27
CA HIS C 665 -0.81 -34.08 -2.01
C HIS C 665 -1.35 -32.67 -2.28
N PRO C 666 -2.66 -32.42 -2.02
CA PRO C 666 -3.22 -31.07 -2.12
C PRO C 666 -2.45 -30.05 -1.25
N VAL C 667 -2.14 -28.91 -1.87
CA VAL C 667 -1.47 -27.79 -1.22
C VAL C 667 -2.19 -26.51 -1.63
N THR C 668 -2.48 -25.64 -0.65
CA THR C 668 -3.12 -24.36 -0.93
C THR C 668 -2.35 -23.22 -0.26
N PHE C 669 -2.02 -22.20 -1.05
CA PHE C 669 -1.42 -20.95 -0.59
C PHE C 669 -2.45 -19.82 -0.65
N ARG C 670 -2.51 -19.00 0.41
CA ARG C 670 -3.49 -17.93 0.55
C ARG C 670 -2.80 -16.67 1.07
N ALA C 671 -3.10 -15.55 0.41
CA ALA C 671 -2.69 -14.22 0.86
C ALA C 671 -3.90 -13.28 0.82
N ASN C 672 -4.07 -12.50 1.88
CA ASN C 672 -5.19 -11.58 2.00
C ASN C 672 -4.71 -10.28 2.60
N ILE C 673 -5.21 -9.17 2.04
CA ILE C 673 -5.13 -7.90 2.71
C ILE C 673 -6.55 -7.40 2.99
N TYR C 674 -6.81 -7.04 4.25
CA TYR C 674 -8.05 -6.46 4.68
C TYR C 674 -7.84 -4.97 4.97
N ASN C 675 -8.85 -4.16 4.64
CA ASN C 675 -8.81 -2.70 4.77
C ASN C 675 -7.56 -2.16 4.03
N LEU C 676 -7.52 -2.39 2.73
CA LEU C 676 -6.39 -2.17 1.91
C LEU C 676 -5.96 -0.70 1.95
N THR C 677 -6.92 0.22 2.06
CA THR C 677 -6.60 1.66 2.05
C THR C 677 -6.23 2.14 3.46
N ASN C 678 -6.29 1.24 4.44
CA ASN C 678 -5.94 1.59 5.82
C ASN C 678 -6.80 2.76 6.28
N LYS C 679 -8.09 2.68 5.94
CA LYS C 679 -9.03 3.69 6.35
C LYS C 679 -9.13 3.74 7.89
N ALA C 680 -8.96 4.95 8.42
CA ALA C 680 -9.23 5.24 9.80
C ALA C 680 -10.69 5.68 9.97
N TYR C 681 -11.44 5.03 10.87
CA TYR C 681 -12.85 5.34 11.07
C TYR C 681 -13.27 4.98 12.50
N TRP C 682 -14.19 5.78 13.03
CA TRP C 682 -14.92 5.52 14.23
C TRP C 682 -16.14 4.67 13.90
N ALA C 683 -16.48 3.74 14.79
CA ALA C 683 -17.79 3.07 14.81
C ALA C 683 -18.12 2.71 16.26
N GLN C 684 -19.37 2.31 16.52
CA GLN C 684 -19.85 2.19 17.87
C GLN C 684 -19.72 0.73 18.32
N PRO C 685 -18.92 0.46 19.37
CA PRO C 685 -18.85 -0.86 19.99
C PRO C 685 -19.90 -0.99 21.10
N GLN C 686 -19.84 -2.09 21.84
CA GLN C 686 -20.64 -2.27 23.05
C GLN C 686 -20.08 -1.42 24.21
N LEU C 687 -20.99 -0.74 24.91
CA LEU C 687 -20.84 -0.16 26.24
C LEU C 687 -20.18 1.23 26.15
N THR C 688 -19.30 1.45 25.18
CA THR C 688 -18.70 2.79 24.96
C THR C 688 -19.20 3.31 23.61
N ASN C 689 -19.01 4.62 23.37
CA ASN C 689 -19.60 5.33 22.24
C ASN C 689 -18.88 4.98 20.93
N LEU C 690 -17.54 4.87 20.97
CA LEU C 690 -16.70 4.84 19.74
C LEU C 690 -15.54 3.87 19.92
N ALA C 691 -15.13 3.26 18.81
CA ALA C 691 -13.82 2.64 18.73
C ALA C 691 -13.35 2.68 17.28
N LEU C 692 -12.03 2.64 17.10
CA LEU C 692 -11.41 2.62 15.80
C LEU C 692 -11.63 1.26 15.14
N GLY C 693 -11.96 1.28 13.85
CA GLY C 693 -11.94 0.10 13.02
C GLY C 693 -10.53 -0.47 12.88
N ALA C 694 -10.47 -1.76 12.53
CA ALA C 694 -9.20 -2.45 12.36
C ALA C 694 -8.44 -1.82 11.20
N PRO C 695 -7.10 -1.72 11.31
CA PRO C 695 -6.26 -1.18 10.24
C PRO C 695 -6.02 -2.20 9.13
N ARG C 696 -5.30 -1.79 8.10
CA ARG C 696 -4.77 -2.67 7.11
C ARG C 696 -4.14 -3.88 7.83
N THR C 697 -4.50 -5.07 7.39
CA THR C 697 -4.09 -6.30 8.01
C THR C 697 -3.72 -7.30 6.91
N TYR C 698 -2.48 -7.81 6.98
CA TYR C 698 -2.00 -8.81 6.01
C TYR C 698 -2.08 -10.21 6.66
N MET C 699 -2.49 -11.18 5.87
CA MET C 699 -2.67 -12.55 6.33
C MET C 699 -2.10 -13.50 5.27
N LEU C 700 -1.31 -14.48 5.73
CA LEU C 700 -0.78 -15.57 4.88
C LEU C 700 -1.09 -16.91 5.55
N SER C 701 -1.42 -17.91 4.73
CA SER C 701 -1.53 -19.26 5.19
C SER C 701 -1.10 -20.22 4.08
N VAL C 702 -0.52 -21.35 4.51
CA VAL C 702 -0.22 -22.49 3.66
C VAL C 702 -0.82 -23.74 4.30
N SER C 703 -1.51 -24.56 3.52
CA SER C 703 -1.99 -25.84 4.01
C SER C 703 -1.44 -26.98 3.17
N TYR C 704 -1.18 -28.11 3.84
CA TYR C 704 -0.68 -29.37 3.22
C TYR C 704 -1.53 -30.55 3.72
N ASP C 705 -2.05 -31.35 2.77
CA ASP C 705 -2.83 -32.59 3.08
C ASP C 705 -1.92 -33.82 3.01
N PHE C 706 -1.76 -34.51 4.14
CA PHE C 706 -0.91 -35.72 4.23
C PHE C 706 -1.63 -36.89 3.57
FE FE D . -10.73 35.06 -6.53
CAJ FV8 E . -12.67 34.23 -10.25
NAN FV8 E . -13.04 35.48 -10.02
CAI FV8 E . -12.44 35.87 -8.85
NAO FV8 E . -11.68 34.84 -8.34
CAT FV8 E . -11.84 33.86 -9.24
CAK FV8 E . -11.20 32.49 -9.16
CAL FV8 E . -11.83 31.66 -8.02
NAY FV8 E . -11.60 32.35 -6.76
OAE FV8 E . -10.46 33.11 -6.62
C FV8 E . -12.42 32.25 -5.73
O FV8 E . -13.46 31.55 -5.80
CA FV8 E . -12.03 33.06 -4.63
N FV8 E . -11.99 34.50 -5.06
CB FV8 E . -13.04 33.07 -3.50
CG2 FV8 E . -12.38 32.76 -2.13
OG1 FV8 E . -13.52 34.42 -3.40
CAR FV8 E . -12.84 35.20 -4.28
CAV FV8 E . -13.14 36.51 -4.44
CAH FV8 E . -14.14 37.09 -3.64
CAF FV8 E . -14.47 38.44 -3.77
CAG FV8 E . -13.83 39.25 -4.73
CAS FV8 E . -12.85 38.67 -5.54
OAC FV8 E . -12.17 39.37 -6.49
CAU FV8 E . -12.54 37.32 -5.39
OAD FV8 E . -11.56 36.79 -6.15
CAJ OPV F . -8.56 39.94 -13.57
NAM OPV F . -8.68 41.23 -13.29
CAI OPV F . -9.97 41.57 -13.41
NAO OPV F . -10.66 40.49 -13.76
CAT OPV F . -9.79 39.49 -13.85
CAK OPV F . -10.13 38.04 -14.24
CAL OPV F . -10.36 37.18 -12.99
NAY OPV F . -9.07 36.77 -12.33
C OPV F . -8.33 37.54 -11.53
O OPV F . -8.62 38.70 -11.22
OG1 OPV F . -8.36 35.39 -12.45
CB OPV F . -7.06 35.61 -11.88
CG2 OPV F . -6.01 35.80 -12.97
CA OPV F . -7.22 36.88 -11.03
N OPV F . -7.47 36.53 -9.61
CAQ OPV F . -6.70 37.06 -8.65
OAB OPV F . -5.71 37.73 -8.91
CAV OPV F . -6.92 36.67 -7.32
CAH OPV F . -5.85 36.88 -6.44
CAF OPV F . -5.93 36.51 -5.09
CAG OPV F . -7.10 35.92 -4.60
CAS OPV F . -8.17 35.71 -5.48
OAD OPV F . -9.34 35.17 -5.12
CAU OPV F . -8.08 36.08 -6.81
OAE OPV F . -9.20 35.83 -7.58
CAJ OPZ G . -8.90 38.97 -14.28
NAM OPZ G . -8.62 40.18 -13.78
CAI OPZ G . -9.77 40.82 -13.58
NAO OPZ G . -10.78 40.01 -13.94
CAT OPZ G . -10.23 38.87 -14.37
CAK OPZ G . -11.02 37.64 -14.90
CAL OPZ G . -11.30 36.64 -13.77
NAY OPZ G . -10.08 36.48 -12.90
C OPZ G . -9.82 37.03 -11.71
O OPZ G . -10.57 37.80 -11.10
OG1 OPZ G . -8.83 35.65 -13.31
CB OPZ G . -8.20 35.42 -12.07
CG2 OPZ G . -8.81 34.17 -11.41
CA OPZ G . -8.51 36.69 -11.29
N OPZ G . -8.38 36.50 -9.83
CAQ OPZ G . -7.29 36.96 -9.21
OAB OPZ G . -6.35 37.43 -9.82
CAV OPZ G . -7.19 36.70 -7.84
CAH OPZ G . -6.02 37.00 -7.14
CAF OPZ G . -5.91 36.71 -5.78
CAG OPZ G . -6.97 36.10 -5.11
CAS OPZ G . -8.13 35.79 -5.81
OAD OPZ G . -9.22 35.22 -5.26
CAU OPZ G . -8.22 36.09 -7.15
OAE OPZ G . -9.38 35.78 -7.80
C1 C8E H . -29.40 18.41 -22.86
C2 C8E H . -29.49 19.55 -21.87
C3 C8E H . -30.00 20.83 -22.54
C4 C8E H . -29.45 22.12 -21.91
C5 C8E H . -29.05 23.14 -22.98
C6 C8E H . -29.15 24.58 -22.48
C7 C8E H . -28.58 25.61 -23.48
C8 C8E H . -27.83 26.76 -22.76
O9 C8E H . -28.23 28.03 -23.28
C10 C8E H . -28.21 29.10 -22.32
C11 C8E H . -29.36 30.11 -22.49
C1 C8E I . -21.52 33.76 -52.00
C2 C8E I . -22.23 32.76 -52.89
C3 C8E I . -21.31 32.19 -53.98
C4 C8E I . -22.09 31.47 -55.10
C5 C8E I . -21.14 30.79 -56.11
C6 C8E I . -21.73 29.50 -56.70
C7 C8E I . -20.69 28.68 -57.49
C8 C8E I . -21.32 27.93 -58.67
O9 C8E I . -20.90 26.56 -58.70
C1 C8E J . 15.37 15.45 -20.35
C2 C8E J . 14.32 14.82 -19.45
C3 C8E J . 14.88 14.35 -18.10
C4 C8E J . 13.81 14.22 -16.97
C5 C8E J . 14.37 14.74 -15.64
C6 C8E J . 13.60 14.22 -14.43
C7 C8E J . 14.40 14.49 -13.14
C8 C8E J . 14.01 13.55 -12.00
C1 C8E K . 9.56 30.13 -43.96
C2 C8E K . 8.94 29.51 -42.72
C3 C8E K . 8.90 30.49 -41.54
C4 C8E K . 9.47 29.87 -40.26
C5 C8E K . 9.98 30.94 -39.27
C6 C8E K . 11.34 30.55 -38.69
C7 C8E K . 11.39 29.11 -38.15
C8 C8E K . 12.59 28.90 -37.21
O9 C8E K . 13.73 28.37 -37.90
C2 C8E L . 5.23 -0.05 -11.73
C3 C8E L . 5.01 0.36 -13.21
C4 C8E L . 5.93 1.48 -13.75
C5 C8E L . 5.71 1.67 -15.26
C6 C8E L . 6.86 2.34 -16.03
C7 C8E L . 6.79 2.05 -17.54
C8 C8E L . 6.56 0.55 -17.80
C1 C8E M . 2.68 45.23 -37.31
C2 C8E M . 1.41 44.44 -37.62
C3 C8E M . 1.73 43.10 -38.33
C4 C8E M . 0.73 42.81 -39.45
C5 C8E M . 1.31 41.83 -40.46
C6 C8E M . 1.37 42.42 -41.88
C7 C8E M . 1.77 41.33 -42.88
C8 C8E M . 1.99 41.89 -44.29
O9 C8E M . 1.33 41.04 -45.24
C1 EDO N . -15.77 31.74 -31.67
O1 EDO N . -14.95 30.58 -31.41
C2 EDO N . -15.51 32.89 -30.68
O2 EDO N . -14.11 33.20 -30.55
C1 EDO O . 7.49 34.93 -1.37
O1 EDO O . 8.47 34.82 -2.40
C2 EDO O . 6.15 34.68 -2.02
O2 EDO O . 6.10 33.33 -2.51
C1 EDO P . 15.49 26.58 -0.80
O1 EDO P . 15.38 27.97 -1.13
C2 EDO P . 14.19 25.90 -1.21
O2 EDO P . 13.11 26.83 -1.14
C1 EDO Q . -5.90 16.34 8.17
O1 EDO Q . -7.18 15.98 8.65
C2 EDO Q . -5.98 16.35 6.66
O2 EDO Q . -7.29 16.71 6.25
C1 EDO R . 8.17 38.87 -16.90
O1 EDO R . 7.84 40.09 -16.23
C2 EDO R . 6.88 38.20 -17.31
O2 EDO R . 6.39 38.91 -18.46
C1 EDO S . -16.72 35.75 -44.04
O1 EDO S . -15.64 36.60 -44.41
C2 EDO S . -17.83 36.59 -43.43
O2 EDO S . -18.99 35.79 -43.24
C1 EDO T . -20.93 26.24 -3.11
O1 EDO T . -20.80 24.84 -2.81
C2 EDO T . -20.88 27.06 -1.82
O2 EDO T . -22.19 27.20 -1.27
C1 EDO U . 12.30 23.36 -42.94
O1 EDO U . 13.46 24.20 -42.99
C2 EDO U . 11.14 24.12 -43.56
O2 EDO U . 9.98 23.27 -43.57
C1 EDO V . -0.10 3.28 -24.05
O1 EDO V . -0.69 3.94 -25.18
C2 EDO V . 0.14 4.30 -22.97
O2 EDO V . -1.11 4.66 -22.38
C1 EDO W . -3.15 14.21 -34.74
O1 EDO W . -2.62 14.81 -35.93
C2 EDO W . -2.08 13.36 -34.09
O2 EDO W . -2.66 12.54 -33.06
C1 EDO X . -13.76 22.80 -50.66
O1 EDO X . -12.84 23.19 -49.64
C2 EDO X . -14.79 21.88 -50.04
O2 EDO X . -15.96 21.87 -50.86
C1 EDO Y . -1.24 3.98 -28.71
O1 EDO Y . -0.13 4.57 -28.03
C2 EDO Y . -1.87 4.99 -29.66
O2 EDO Y . -3.14 4.50 -30.15
C1 EDO Z . -8.53 39.47 -5.03
O1 EDO Z . -7.60 40.58 -5.09
C2 EDO Z . -9.32 39.60 -3.74
O2 EDO Z . -9.93 38.33 -3.50
FE FE AA . 33.68 8.44 14.61
CAJ FV8 BA . 35.93 6.12 11.89
NAN FV8 BA . 36.88 6.80 12.51
CAI FV8 BA . 36.29 7.62 13.41
NAO FV8 BA . 34.95 7.47 13.34
CAT FV8 BA . 34.75 6.52 12.40
CAK FV8 BA . 33.39 5.97 11.96
CAL FV8 BA . 32.60 7.00 11.16
NAY FV8 BA . 32.30 8.09 12.09
OAE FV8 BA . 32.16 7.71 13.56
C FV8 BA . 32.19 9.37 11.72
O FV8 BA . 32.18 9.74 10.53
CA FV8 BA . 32.00 10.23 12.81
N FV8 BA . 33.19 10.18 13.72
CB FV8 BA . 31.91 11.71 12.44
CG2 FV8 BA . 30.80 12.42 13.23
OG1 FV8 BA . 33.18 12.28 12.83
CAR FV8 BA . 33.81 11.39 13.68
CAV FV8 BA . 34.93 11.69 14.36
CAH FV8 BA . 35.49 12.99 14.26
CAF FV8 BA . 36.68 13.33 14.94
CAG FV8 BA . 37.37 12.40 15.73
CAS FV8 BA . 36.83 11.11 15.82
OAC FV8 BA . 37.43 10.15 16.55
CAU FV8 BA . 35.65 10.77 15.14
OAD FV8 BA . 35.16 9.54 15.27
CAJ OPZ CA . 39.88 1.78 16.29
NAM OPZ CA . 40.16 1.72 17.59
CAI OPZ CA . 40.70 2.89 17.96
NAO OPZ CA . 40.75 3.67 16.88
CAT OPZ CA . 40.25 2.98 15.86
CAK OPZ CA . 40.10 3.52 14.41
CAL OPZ CA . 38.74 3.11 13.76
NAY OPZ CA . 37.55 3.00 14.76
C OPZ CA . 37.12 3.90 15.66
O OPZ CA . 37.65 5.01 15.81
OG1 OPZ CA . 36.59 1.77 14.91
CB OPZ CA . 35.41 2.36 15.45
CG2 OPZ CA . 34.63 2.97 14.27
CA OPZ CA . 36.00 3.44 16.39
N OPZ CA . 35.04 4.56 16.62
CAQ OPZ CA . 34.46 4.76 17.82
OAB OPZ CA . 34.58 4.00 18.76
CAV OPZ CA . 33.59 5.85 17.93
CAH OPZ CA . 32.82 5.94 19.10
CAF OPZ CA . 31.90 7.01 19.28
CAG OPZ CA . 31.73 7.98 18.29
CAS OPZ CA . 32.51 7.88 17.11
OAD OPZ CA . 32.42 8.75 16.09
CAU OPZ CA . 33.41 6.85 16.93
OAE OPZ CA . 34.11 6.86 15.76
C6 C8E DA . 51.58 -30.30 10.01
C7 C8E DA . 50.42 -29.34 10.29
C8 C8E DA . 50.45 -28.76 11.71
O9 C8E DA . 49.80 -29.62 12.66
C10 C8E DA . 49.42 -28.99 13.89
C11 C8E DA . 47.99 -28.47 13.81
O12 C8E DA . 47.15 -29.20 14.70
C13 C8E DA . 46.90 -28.56 15.94
C14 C8E DA . 45.44 -28.78 16.31
O15 C8E DA . 45.29 -28.70 17.74
C16 C8E DA . 44.25 -27.83 18.17
C17 C8E DA . 43.33 -28.53 19.18
O18 C8E DA . 42.83 -27.56 20.11
C19 C8E DA . 43.51 -27.58 21.37
C20 C8E DA . 42.99 -26.44 22.26
O21 C8E DA . 43.99 -25.43 22.37
C1 C8E EA . 17.25 -25.71 14.49
C2 C8E EA . 15.87 -25.11 14.62
C3 C8E EA . 15.94 -23.64 15.04
C4 C8E EA . 14.56 -23.17 15.56
C5 C8E EA . 14.53 -21.65 15.79
C6 C8E EA . 13.13 -21.07 15.64
C7 C8E EA . 13.18 -19.55 15.76
C8 C8E EA . 11.85 -18.88 15.39
O9 C8E EA . 11.81 -17.51 15.88
C10 C8E EA . 11.67 -16.51 14.84
C11 C8E EA . 11.14 -15.19 15.40
O12 C8E EA . 9.80 -15.29 15.91
C13 C8E EA . 9.70 -15.17 17.35
C14 C8E EA . 9.14 -13.80 17.78
O15 C8E EA . 9.52 -13.45 19.14
C16 C8E EA . 9.41 -12.03 19.46
C17 C8E EA . 10.30 -11.60 20.66
O18 C8E EA . 9.95 -10.28 21.08
C1 C8E FA . 52.25 -31.36 4.63
C2 C8E FA . 53.11 -30.40 3.81
C3 C8E FA . 53.90 -31.17 2.76
C4 C8E FA . 54.98 -30.31 2.09
C5 C8E FA . 55.94 -31.17 1.27
C6 C8E FA . 56.12 -30.68 -0.16
C7 C8E FA . 57.07 -31.60 -0.96
C8 C8E FA . 57.09 -31.26 -2.46
O9 C8E FA . 58.33 -30.63 -2.82
C10 C8E FA . 58.25 -29.82 -4.00
C11 C8E FA . 59.49 -29.98 -4.89
O12 C8E FA . 59.41 -31.16 -5.71
C13 C8E FA . 60.66 -31.49 -6.31
C1 C8E GA . 21.89 -23.89 23.20
C2 C8E GA . 22.50 -24.09 21.82
C3 C8E GA . 23.17 -25.47 21.72
C4 C8E GA . 24.62 -25.42 21.19
C5 C8E GA . 25.52 -26.32 22.04
C6 C8E GA . 27.01 -26.06 21.78
C7 C8E GA . 27.46 -26.65 20.45
C8 C8E GA . 28.81 -27.38 20.55
O9 C8E GA . 29.15 -27.94 19.28
C10 C8E GA . 30.53 -28.31 19.19
C11 C8E GA . 30.81 -29.66 19.87
O12 C8E GA . 32.15 -30.10 19.57
C13 C8E GA . 32.30 -31.50 19.26
C14 C8E GA . 33.25 -31.66 18.08
O15 C8E GA . 34.23 -30.61 18.01
C16 C8E GA . 35.56 -31.02 18.35
C17 C8E GA . 36.60 -30.33 17.46
O18 C8E GA . 36.91 -31.10 16.28
C19 C8E GA . 37.89 -32.12 16.51
C20 C8E GA . 38.03 -33.04 15.30
O21 C8E GA . 37.82 -32.25 14.13
C1 C8E HA . 13.06 6.08 -18.41
C2 C8E HA . 12.17 7.29 -18.16
C3 C8E HA . 12.54 8.03 -16.86
C4 C8E HA . 13.92 8.69 -16.94
C5 C8E HA . 14.17 9.55 -15.69
C6 C8E HA . 15.10 10.73 -16.00
C7 C8E HA . 16.50 10.54 -15.44
C8 C8E HA . 16.87 11.60 -14.40
O9 C8E HA . 18.30 11.72 -14.35
C1 C8E IA . 33.94 7.87 -10.01
C2 C8E IA . 33.62 6.40 -10.25
C3 C8E IA . 33.77 5.98 -11.72
C4 C8E IA . 32.63 6.50 -12.59
C5 C8E IA . 32.38 5.58 -13.81
C6 C8E IA . 31.21 6.10 -14.66
C7 C8E IA . 30.49 4.97 -15.38
C8 C8E IA . 29.18 5.43 -16.05
O9 C8E IA . 28.35 4.30 -16.34
C10 C8E IA . 27.24 4.56 -17.23
C11 C8E IA . 26.46 3.26 -17.41
O12 C8E IA . 25.19 3.50 -18.01
C1 C8E JA . 1.80 -13.00 -3.47
C2 C8E JA . 3.12 -13.58 -2.95
C3 C8E JA . 3.93 -14.27 -4.06
C4 C8E JA . 4.96 -15.29 -3.54
C5 C8E JA . 4.83 -16.67 -4.22
C6 C8E JA . 5.94 -17.66 -3.88
C7 C8E JA . 5.43 -18.85 -3.03
C8 C8E JA . 5.41 -20.23 -3.74
C1 C8E KA . 59.44 -29.31 -10.11
C2 C8E KA . 60.71 -28.71 -9.50
C3 C8E KA . 60.56 -27.21 -9.17
C4 C8E KA . 60.73 -26.94 -7.66
C5 C8E KA . 60.22 -25.54 -7.25
C6 C8E KA . 60.40 -25.25 -5.74
C7 C8E KA . 59.30 -25.91 -4.88
C8 C8E KA . 59.24 -25.38 -3.43
O9 C8E KA . 58.24 -26.05 -2.64
C10 C8E KA . 57.91 -25.32 -1.44
C11 C8E KA . 56.99 -26.11 -0.51
O12 C8E KA . 56.97 -25.55 0.81
C13 C8E KA . 56.77 -26.55 1.83
C14 C8E KA . 56.55 -25.88 3.18
O15 C8E KA . 56.83 -26.79 4.25
C16 C8E KA . 56.66 -26.19 5.55
C17 C8E KA . 57.86 -26.44 6.46
O18 C8E KA . 57.93 -25.51 7.56
C19 C8E KA . 59.20 -24.82 7.64
C20 C8E KA . 59.28 -23.94 8.88
O21 C8E KA . 59.51 -22.57 8.52
C1 C8E LA . 55.17 -21.78 6.81
C2 C8E LA . 55.88 -21.91 5.48
C3 C8E LA . 55.66 -20.69 4.58
C4 C8E LA . 55.66 -21.06 3.09
C5 C8E LA . 56.19 -19.90 2.23
C6 C8E LA . 55.68 -19.89 0.80
C7 C8E LA . 56.01 -18.53 0.15
C8 C8E LA . 56.82 -18.69 -1.14
O9 C8E LA . 56.44 -17.74 -2.16
C10 C8E LA . 56.10 -18.38 -3.41
C11 C8E LA . 56.20 -17.38 -4.56
O12 C8E LA . 55.43 -17.85 -5.67
C1 C8E MA . 0.88 -8.36 -2.05
C2 C8E MA . 0.62 -9.80 -1.63
C3 C8E MA . 0.45 -9.95 -0.11
C4 C8E MA . 1.74 -10.32 0.64
C5 C8E MA . 2.49 -11.54 0.07
C6 C8E MA . 3.87 -11.75 0.74
C7 C8E MA . 4.50 -13.11 0.41
C8 C8E MA . 5.68 -13.37 1.35
O9 C8E MA . 5.80 -14.79 1.63
C10 C8E MA . 7.15 -15.29 1.57
C11 C8E MA . 7.20 -16.75 1.99
O12 C8E MA . 7.13 -17.60 0.84
C1 C8E NA . 40.19 0.84 -14.52
C2 C8E NA . 39.63 1.70 -13.41
C3 C8E NA . 40.31 1.42 -12.07
C4 C8E NA . 41.81 1.80 -12.02
C5 C8E NA . 42.22 2.35 -10.64
C6 C8E NA . 43.36 1.59 -9.91
C7 C8E NA . 43.78 2.34 -8.62
C8 C8E NA . 44.84 1.64 -7.76
O9 C8E NA . 45.08 2.37 -6.54
C1 C8E OA . 8.71 -18.37 8.74
C2 C8E OA . 8.37 -17.79 10.11
C3 C8E OA . 8.17 -18.89 11.16
C4 C8E OA . 7.88 -18.32 12.55
C5 C8E OA . 8.12 -19.36 13.65
C6 C8E OA . 7.16 -19.25 14.84
C7 C8E OA . 7.47 -18.05 15.76
C8 C8E OA . 6.52 -17.93 16.96
C1 EDO PA . 46.48 -11.07 2.19
O1 EDO PA . 45.11 -11.40 1.90
C2 EDO PA . 46.54 -9.75 2.95
O2 EDO PA . 46.24 -9.97 4.34
C1 EDO QA . 32.42 -8.85 25.94
O1 EDO QA . 33.46 -9.83 26.00
C2 EDO QA . 31.69 -8.96 27.24
O2 EDO QA . 32.54 -8.54 28.31
C1 EDO RA . 55.51 -2.91 25.03
O1 EDO RA . 55.25 -3.67 23.85
C2 EDO RA . 54.57 -3.46 26.05
O2 EDO RA . 53.96 -4.62 25.45
C1 EDO SA . 9.76 6.58 26.75
O1 EDO SA . 8.60 6.76 25.96
C2 EDO SA . 9.68 5.18 27.37
O2 EDO SA . 8.35 4.71 27.27
C1 EDO TA . 16.15 -2.25 0.39
O1 EDO TA . 15.34 -1.79 1.47
C2 EDO TA . 16.32 -3.76 0.43
O2 EDO TA . 16.21 -4.20 1.79
C1 EDO UA . 34.64 -23.34 22.17
O1 EDO UA . 34.56 -22.79 23.49
C2 EDO UA . 36.07 -23.23 21.69
O2 EDO UA . 36.89 -24.21 22.33
C1 EDO VA . 30.90 15.74 3.52
O1 EDO VA . 31.01 16.92 2.73
C2 EDO VA . 30.96 14.54 2.61
O2 EDO VA . 29.81 14.51 1.75
C1 EDO WA . 28.80 -23.40 -1.55
O1 EDO WA . 29.41 -24.60 -1.08
C2 EDO WA . 27.29 -23.56 -1.43
O2 EDO WA . 26.65 -22.36 -1.89
C1 EDO XA . 12.61 13.95 8.52
O1 EDO XA . 12.12 12.76 7.91
C2 EDO XA . 11.43 14.77 8.97
O2 EDO XA . 10.30 13.92 9.11
C1 EDO YA . 55.74 -6.53 11.73
O1 EDO YA . 56.24 -5.22 11.43
C2 EDO YA . 54.29 -6.64 11.27
O2 EDO YA . 54.24 -7.20 9.96
C1 EDO ZA . 13.71 1.86 -15.14
O1 EDO ZA . 14.04 3.16 -15.66
C2 EDO ZA . 12.55 1.26 -15.92
O2 EDO ZA . 11.50 2.23 -16.02
C1 EDO AB . 4.84 -7.52 -7.25
O1 EDO AB . 5.26 -6.25 -7.73
C2 EDO AB . 3.33 -7.50 -7.07
O2 EDO AB . 2.83 -8.84 -6.96
C1 EDO BB . 33.98 11.55 19.56
O1 EDO BB . 34.09 11.52 18.10
C2 EDO BB . 34.38 10.18 20.16
O2 EDO BB . 35.15 9.47 19.17
FE FE CB . -18.78 -4.21 32.48
CAJ FV8 DB . -19.94 -8.23 31.76
NAN FV8 DB . -20.31 -8.03 33.03
CAI FV8 DB . -19.92 -6.78 33.35
NAO FV8 DB . -19.28 -6.19 32.31
CAT FV8 DB . -19.30 -7.11 31.36
CAK FV8 DB . -18.71 -6.93 29.94
CAL FV8 DB . -17.21 -6.70 29.98
NAY FV8 DB . -16.90 -5.53 30.80
OAE FV8 DB . -17.78 -4.42 30.79
C FV8 DB . -15.81 -5.45 31.51
O FV8 DB . -14.94 -6.30 31.44
CA FV8 DB . -15.72 -4.24 32.27
N FV8 DB . -16.92 -4.19 33.22
CB FV8 DB . -14.55 -4.24 33.21
CG2 FV8 DB . -13.66 -3.01 33.01
OG1 FV8 DB . -15.10 -4.15 34.55
CAR FV8 DB . -16.44 -4.14 34.48
CAV FV8 DB . -17.20 -4.16 35.59
CAH FV8 DB . -16.57 -4.20 36.83
CAF FV8 DB . -17.33 -4.25 37.99
CAG FV8 DB . -18.74 -4.25 37.94
CAS FV8 DB . -19.36 -4.23 36.72
OAC FV8 DB . -20.70 -4.23 36.57
CAU FV8 DB . -18.59 -4.18 35.56
OAD FV8 DB . -19.23 -4.12 34.38
CAJ OPZ EB . -27.22 -7.15 32.69
NAM OPZ EB . -27.54 -6.59 33.86
CAI OPZ EB . -27.10 -7.40 34.84
NAO OPZ EB . -26.51 -8.46 34.28
CAT OPZ EB . -26.60 -8.30 32.96
CAK OPZ EB . -26.02 -9.26 31.91
CAL OPZ EB . -24.54 -8.85 31.65
NAY OPZ EB . -24.45 -7.43 31.13
C OPZ EB . -24.11 -6.32 31.79
O OPZ EB . -23.76 -6.30 32.98
OG1 OPZ EB . -24.84 -7.00 29.74
CB OPZ EB . -24.09 -5.81 29.56
CG2 OPZ EB . -22.66 -6.24 29.20
CA OPZ EB . -24.18 -5.17 30.95
N OPZ EB . -23.06 -4.21 31.20
CAQ OPZ EB . -23.30 -2.88 31.29
OAB OPZ EB . -24.39 -2.40 31.03
CAV OPZ EB . -22.21 -2.03 31.47
CAH OPZ EB . -22.41 -0.65 31.29
CAF OPZ EB . -21.32 0.26 31.42
CAG OPZ EB . -20.04 -0.22 31.72
CAS OPZ EB . -19.86 -1.62 31.89
OAD OPZ EB . -18.66 -2.22 32.21
CAU OPZ EB . -20.92 -2.48 31.77
OAE OPZ EB . -20.65 -3.79 31.95
C6 C8E FB . -39.39 5.03 3.44
C7 C8E FB . -38.39 4.30 2.52
C8 C8E FB . -37.18 3.75 3.30
O9 C8E FB . -37.52 2.50 3.90
C10 C8E FB . -36.42 1.59 4.07
C11 C8E FB . -36.91 0.13 3.97
O12 C8E FB . -38.32 0.01 4.24
C13 C8E FB . -38.84 -1.28 3.91
C14 C8E FB . -40.32 -1.35 4.24
O15 C8E FB . -40.79 -2.69 4.02
C16 C8E FB . -41.38 -3.32 5.19
C17 C8E FB . -42.62 -4.11 4.79
O18 C8E FB . -42.85 -5.26 5.61
C19 C8E FB . -43.36 -6.32 4.80
C20 C8E FB . -43.84 -7.45 5.69
O21 C8E FB . -44.38 -8.52 4.90
C6 C8E GB . -50.19 -7.38 9.36
C7 C8E GB . -50.55 -8.85 9.20
C8 C8E GB . -50.03 -9.44 7.87
O9 C8E GB . -49.02 -10.47 8.05
C10 C8E GB . -48.15 -10.57 6.91
C11 C8E GB . -47.16 -11.74 7.01
O12 C8E GB . -47.90 -12.96 7.11
C13 C8E GB . -47.10 -14.11 7.26
C14 C8E GB . -47.59 -15.20 6.32
O15 C8E GB . -48.52 -16.06 6.97
C16 C8E GB . -49.24 -16.89 6.07
C17 C8E GB . -50.49 -17.44 6.72
O18 C8E GB . -51.65 -16.96 6.03
C19 C8E GB . -52.78 -17.81 6.17
C20 C8E GB . -52.82 -18.83 5.02
O21 C8E GB . -54.16 -19.32 4.85
C6 C8E HB . -0.55 -27.37 14.97
C7 C8E HB . -0.08 -26.63 16.21
C8 C8E HB . -0.31 -27.48 17.45
O9 C8E HB . -1.65 -27.31 17.94
C10 C8E HB . -1.69 -27.47 19.37
C11 C8E HB . -3.10 -27.24 19.92
O12 C8E HB . -3.05 -26.79 21.29
C13 C8E HB . -4.20 -27.18 22.05
C14 C8E HB . -4.28 -26.44 23.39
O15 C8E HB . -5.46 -25.62 23.43
C16 C8E HB . -6.26 -25.78 24.62
C17 C8E HB . -6.26 -24.50 25.47
O18 C8E HB . -6.04 -24.82 26.87
C19 C8E HB . -5.22 -23.88 27.59
C1 C8E IB . -45.77 -30.62 23.54
C2 C8E IB . -44.86 -31.11 24.65
C3 C8E IB . -43.53 -31.66 24.11
C4 C8E IB . -43.32 -33.15 24.42
C5 C8E IB . -41.97 -33.65 23.86
C6 C8E IB . -41.06 -34.18 24.96
C7 C8E IB . -39.86 -34.94 24.37
C8 C8E IB . -39.10 -35.77 25.41
O9 C8E IB . -38.86 -37.10 24.87
C10 C8E IB . -37.54 -37.35 24.33
C11 C8E IB . -37.21 -38.84 24.26
O12 C8E IB . -35.80 -39.10 24.37
C13 C8E IB . -35.15 -39.36 23.10
C14 C8E IB . -34.20 -40.56 23.16
O15 C8E IB . -33.31 -40.68 22.01
C16 C8E IB . -32.10 -41.37 22.40
C17 C8E IB . -31.35 -41.98 21.20
O18 C8E IB . -30.64 -43.19 21.60
C19 C8E IB . -29.32 -43.26 21.05
C20 C8E IB . -28.63 -44.60 21.33
O21 C8E IB . -29.53 -45.57 21.85
C1 C8E JB . -31.95 -2.79 -2.57
C2 C8E JB . -31.25 -1.83 -1.61
C3 C8E JB . -30.32 -0.76 -2.25
C4 C8E JB . -29.40 -0.10 -1.18
C5 C8E JB . -28.28 0.82 -1.72
C6 C8E JB . -27.00 0.64 -0.87
C7 C8E JB . -25.96 1.76 -1.01
C8 C8E JB . -25.04 1.80 0.23
O9 C8E JB . -23.91 2.64 0.04
C10 C8E JB . -23.50 3.42 1.16
C11 C8E JB . -23.14 4.84 0.71
O12 C8E JB . -21.88 4.91 0.00
C13 C8E JB . -21.52 6.26 -0.36
C14 C8E JB . -21.63 6.53 -1.87
O15 C8E JB . -22.18 7.82 -2.13
C1 C8E KB . -2.80 -4.22 -4.00
C2 C8E KB . -3.28 -4.45 -5.43
C3 C8E KB . -4.60 -3.75 -5.70
C4 C8E KB . -5.23 -4.17 -7.05
C5 C8E KB . -6.09 -3.05 -7.66
C6 C8E KB . -7.27 -2.64 -6.78
C7 C8E KB . -8.33 -3.74 -6.78
C8 C8E KB . -9.28 -3.63 -5.58
O9 C8E KB . -10.35 -4.57 -5.77
C10 C8E KB . -11.41 -4.48 -4.81
C11 C8E KB . -12.42 -5.61 -5.10
O12 C8E KB . -13.47 -5.22 -6.00
C13 C8E KB . -13.77 -6.24 -6.98
C14 C8E KB . -15.27 -6.54 -6.99
O15 C8E KB . -15.82 -6.40 -5.67
O9 C8E LB . -9.97 -11.94 42.70
C10 C8E LB . -9.98 -13.35 42.48
C11 C8E LB . -10.11 -13.67 40.99
O12 C8E LB . -11.28 -14.47 40.76
C13 C8E LB . -11.10 -15.41 39.69
C14 C8E LB . -12.35 -16.28 39.60
O15 C8E LB . -11.98 -17.67 39.54
C2 C8E MB . 0.42 -4.36 -1.56
C3 C8E MB . -0.52 -3.30 -0.96
C4 C8E MB . 0.03 -2.69 0.34
C5 C8E MB . -0.71 -1.39 0.68
C6 C8E MB . -0.38 -0.21 -0.22
C7 C8E MB . 1.13 -0.10 -0.43
C8 C8E MB . 1.58 -0.69 -1.77
O9 C8E MB . 0.77 -0.17 -2.84
C10 C8E MB . 1.24 -0.61 -4.12
C11 C8E MB . 0.34 -1.70 -4.70
C1 C8E NB . 3.18 -17.88 1.96
C2 C8E NB . 1.91 -17.91 1.13
C3 C8E NB . 2.14 -17.35 -0.28
C4 C8E NB . 0.85 -16.73 -0.81
C5 C8E NB . 0.86 -16.53 -2.32
C6 C8E NB . -0.57 -16.61 -2.87
C7 C8E NB . -0.62 -16.28 -4.36
C8 C8E NB . -0.03 -17.40 -5.20
C1 C8E OB . -35.31 -18.36 -15.00
C2 C8E OB . -35.46 -16.87 -14.76
C3 C8E OB . -36.19 -16.56 -13.43
C4 C8E OB . -36.21 -15.04 -13.05
C5 C8E OB . -37.27 -14.72 -11.98
C6 C8E OB . -37.20 -13.26 -11.50
C7 C8E OB . -38.25 -12.96 -10.44
C1 EDO PB . -28.27 -21.50 2.03
O1 EDO PB . -26.85 -21.30 2.23
C2 EDO PB . -28.73 -22.73 2.81
O2 EDO PB . -30.15 -22.68 3.03
C1 EDO QB . -6.20 -9.96 33.15
O1 EDO QB . -5.50 -10.68 34.16
C2 EDO QB . -6.76 -10.91 32.11
O2 EDO QB . -5.77 -11.28 31.14
C1 EDO RB . -16.40 -28.66 31.38
O1 EDO RB . -17.72 -28.49 31.86
C2 EDO RB . -16.50 -29.48 30.11
O2 EDO RB . -17.76 -30.13 30.16
C1 EDO SB . -21.14 14.90 14.02
O1 EDO SB . -21.32 14.41 15.37
C2 EDO SB . -22.38 15.66 13.59
O2 EDO SB . -23.09 16.06 14.77
C1 EDO TB . -43.11 -10.73 41.32
O1 EDO TB . -43.31 -12.09 40.94
C2 EDO TB . -44.26 -9.95 40.76
O2 EDO TB . -44.39 -10.29 39.38
C1 EDO UB . 0.06 4.31 20.76
O1 EDO UB . 0.36 5.66 20.55
C2 EDO UB . -0.09 3.71 19.39
O2 EDO UB . -1.31 2.98 19.39
C1 EDO VB . -37.98 -21.64 34.98
O1 EDO VB . -37.53 -22.09 36.27
C2 EDO VB . -37.33 -22.47 33.92
O2 EDO VB . -37.87 -23.79 34.00
C1 EDO WB . -16.58 -14.37 -2.39
O1 EDO WB . -15.53 -14.99 -1.67
C2 EDO WB . -16.89 -15.19 -3.63
O2 EDO WB . -17.73 -16.29 -3.26
C1 EDO XB . -45.01 -6.06 13.99
O1 EDO XB . -44.16 -6.25 12.85
C2 EDO XB . -46.10 -7.14 13.97
O2 EDO XB . -46.01 -7.85 12.74
C1 EDO YB . -20.45 -20.14 -3.16
O1 EDO YB . -20.03 -21.49 -3.41
C2 EDO YB . -19.58 -19.13 -3.92
O2 EDO YB . -20.19 -17.81 -3.82
C1 EDO ZB . -30.10 -30.05 19.73
O1 EDO ZB . -29.12 -30.92 19.12
C2 EDO ZB . -31.41 -30.18 18.98
O2 EDO ZB . -31.18 -29.95 17.59
C1 EDO AC . -23.35 11.68 24.26
O1 EDO AC . -24.58 12.08 23.67
C2 EDO AC . -22.67 10.66 23.36
O2 EDO AC . -23.12 9.33 23.67
C1 EDO BC . -36.38 2.61 22.30
O1 EDO BC . -37.19 3.03 23.42
C2 EDO BC . -35.96 1.18 22.52
O2 EDO BC . -37.16 0.39 22.58
C1 EDO CC . -31.16 -25.80 24.73
O1 EDO CC . -30.86 -25.25 23.44
C2 EDO CC . -31.70 -24.77 25.74
O2 EDO CC . -31.92 -23.48 25.16
C1 EDO DC . -2.28 10.01 15.34
O1 EDO DC . -2.98 10.30 14.13
C2 EDO DC . -1.89 8.53 15.46
O2 EDO DC . -0.98 8.40 16.56
C1 EDO EC . -9.03 -8.36 9.41
O1 EDO EC . -9.41 -7.23 10.21
C2 EDO EC . -10.29 -9.11 8.95
O2 EDO EC . -11.42 -8.33 9.33
C1 EDO FC . -20.26 0.35 36.28
O1 EDO FC . -19.66 -0.86 35.81
C2 EDO FC . -21.49 0.63 35.45
O2 EDO FC . -22.28 -0.56 35.28
#